data_7BLN
#
_entry.id   7BLN
#
_cell.length_a   1.00
_cell.length_b   1.00
_cell.length_c   1.00
_cell.angle_alpha   90.00
_cell.angle_beta   90.00
_cell.angle_gamma   90.00
#
_symmetry.space_group_name_H-M   'P 1'
#
loop_
_entity.id
_entity.type
_entity.pdbx_description
1 polymer 'Vacuolar protein sorting-associated protein 29'
2 polymer 'Vacuolar protein sorting-associated protein 35'
#
loop_
_entity_poly.entity_id
_entity_poly.type
_entity_poly.pdbx_seq_one_letter_code
_entity_poly.pdbx_strand_id
1 'polypeptide(L)'
;MLVLVLGDLHIPHRCNSLPAKFKKLLVPGKIQHILCTGNLCTKESYDYLKTLAGDVHIVRGDFDENLNYPEQKVVTVGQF
KIGLIHGHQVIPWGDMASLALLQRQFDVDILISGHTHKFEAFEHENKFYINPGSATGAYNALETNIIPSFVLMDIQASTV
VTYVYQLIGDDVKVERIEYKKP
;
B,D
2 'polypeptide(L)'
;MPTTQQSPQDEQEKLLDEAIQAVKVQSFQMKRCLDKNKLMDALKHASNMLGELRTSMLSPKSYYELYMAISDELHYLEVY
LTDEFAKGRKVADLYELVQYAGNIIPRLYLLITVGVVYVKSFPQSRKDILKDLVEMCRGVQHPLRGLFLRNYLLQCTRNI
LPDEGEPTDEETTGDISDSMDFVLLNFAEMNKLWVRMQHQGHSRDREKRERERQELRILVGTNLVRLSQLEGVNVERYKQ
IVLTGILEQVVNCRDALAQEYLMECIIQVFPDEFHLQTLNPFLRACAELHQNVNVKNIIIALIDRLALFAHREDGPGIPA
DIKLFDIFSQQVATVIQSRQDMPSEDVVSLQVSLINLAMKCYPDRVDYVDKVLETTVEIFNKLNLEHIATSSAVSKELTR
LLKIPVDTYNNILTVLKLKHFHPLFEYFDYESRKSMSCYVLSNVLDYNTEIVSQDQVDSIMNLVSTLIQDQPDQPVEDPD
PEDFADEQSLVGRFIHLLRSEDPDQQYLILNTARKHFGAGGNQRIRFTLPPLVFAAYQLAFRYKENSKVDDKWEKKCQKI
FSFAHQTISALIKAELAELPLRLFLQGALAAGEIGFENHETVAYEFMSQAFSLYEDEISDSKAQLAAITLIIGTFERMKC
FSEENHEPLRTQCALAASKLLKKPDQGRAVSTCAHLFWSGRNTDKNGEELHGGKRVMECLKKALKIANQCMDPSLQVQLF
IEILNRYIYFYEKENDAVTIQVLNQLIQKIREDLPNLESSEETEQINKHFHNTLEHLRLRRESPESEGPIYEGLIL
;
A,C
#
# COMPACT_ATOMS: atom_id res chain seq x y z
N MET A 1 2.56 12.01 -50.36
CA MET A 1 3.37 11.69 -49.19
C MET A 1 3.89 10.25 -49.02
N LEU A 2 5.09 10.12 -48.45
CA LEU A 2 5.69 8.81 -48.19
C LEU A 2 5.78 8.57 -46.68
N VAL A 3 5.47 7.34 -46.26
CA VAL A 3 5.49 6.99 -44.85
C VAL A 3 6.49 5.89 -44.56
N LEU A 4 7.04 5.90 -43.34
CA LEU A 4 8.00 4.90 -42.92
C LEU A 4 7.30 3.90 -41.99
N VAL A 5 7.54 2.61 -42.21
CA VAL A 5 6.92 1.56 -41.41
C VAL A 5 7.97 0.59 -40.88
N LEU A 6 8.13 0.55 -39.56
CA LEU A 6 9.10 -0.34 -38.94
C LEU A 6 8.60 -0.73 -37.55
N GLY A 7 9.35 -1.58 -36.89
CA GLY A 7 8.98 -2.02 -35.55
C GLY A 7 9.88 -3.15 -35.05
N ASP A 8 9.43 -3.82 -33.99
CA ASP A 8 10.17 -4.94 -33.41
C ASP A 8 11.70 -4.72 -33.41
N LEU A 9 12.12 -3.56 -32.93
CA LEU A 9 13.53 -3.23 -32.86
C LEU A 9 14.13 -3.99 -31.67
N HIS A 10 13.33 -4.13 -30.62
CA HIS A 10 13.72 -4.81 -29.40
C HIS A 10 15.02 -4.36 -28.74
N ILE A 11 15.19 -3.03 -28.67
CA ILE A 11 16.37 -2.45 -28.04
C ILE A 11 15.97 -2.03 -26.63
N PRO A 12 16.77 -2.39 -25.61
CA PRO A 12 18.01 -3.15 -25.72
C PRO A 12 17.86 -4.60 -25.35
N HIS A 13 16.63 -5.12 -25.38
CA HIS A 13 16.38 -6.51 -25.02
C HIS A 13 17.15 -7.54 -25.86
N ARG A 14 17.21 -7.35 -27.17
CA ARG A 14 17.88 -8.32 -28.03
C ARG A 14 18.87 -7.69 -29.02
N CYS A 15 18.74 -6.39 -29.22
CA CYS A 15 19.63 -5.66 -30.13
C CYS A 15 20.00 -4.33 -29.50
N ASN A 16 21.11 -3.75 -29.93
CA ASN A 16 21.54 -2.46 -29.38
C ASN A 16 21.24 -1.29 -30.32
N SER A 17 20.99 -1.57 -31.59
CA SER A 17 20.68 -0.51 -32.56
C SER A 17 20.32 -1.08 -33.91
N LEU A 18 19.97 -0.20 -34.85
CA LEU A 18 19.61 -0.63 -36.19
C LEU A 18 20.89 -0.92 -36.95
N PRO A 19 20.84 -1.83 -37.92
CA PRO A 19 22.06 -2.14 -38.68
C PRO A 19 22.76 -0.89 -39.19
N ALA A 20 24.08 -0.98 -39.29
CA ALA A 20 24.90 0.14 -39.75
C ALA A 20 24.41 0.80 -41.06
N LYS A 21 24.21 0.00 -42.10
CA LYS A 21 23.78 0.54 -43.38
C LYS A 21 22.40 1.21 -43.35
N PHE A 22 21.45 0.61 -42.64
CA PHE A 22 20.10 1.14 -42.52
C PHE A 22 20.10 2.55 -41.95
N LYS A 23 20.95 2.79 -40.96
CA LYS A 23 21.06 4.09 -40.32
C LYS A 23 21.44 5.13 -41.35
N LYS A 24 22.24 4.70 -42.32
CA LYS A 24 22.70 5.59 -43.38
C LYS A 24 21.61 5.91 -44.39
N LEU A 25 20.53 5.14 -44.39
CA LEU A 25 19.43 5.38 -45.33
C LEU A 25 18.28 6.17 -44.72
N LEU A 26 18.14 6.13 -43.41
CA LEU A 26 17.07 6.87 -42.75
C LEU A 26 17.54 8.19 -42.20
N VAL A 27 17.36 9.25 -42.98
CA VAL A 27 17.77 10.59 -42.57
C VAL A 27 16.58 11.54 -42.62
N PRO A 28 16.56 12.53 -41.72
CA PRO A 28 15.48 13.52 -41.65
C PRO A 28 15.17 14.18 -42.99
N GLY A 29 14.05 14.91 -43.03
CA GLY A 29 13.65 15.60 -44.25
C GLY A 29 12.85 14.78 -45.26
N LYS A 30 13.29 13.56 -45.53
CA LYS A 30 12.58 12.72 -46.49
C LYS A 30 11.22 12.21 -46.02
N ILE A 31 11.15 11.77 -44.77
CA ILE A 31 9.92 11.20 -44.21
C ILE A 31 8.92 12.20 -43.57
N GLN A 32 7.66 12.12 -44.00
CA GLN A 32 6.61 12.98 -43.47
C GLN A 32 5.73 12.22 -42.50
N HIS A 33 5.87 10.90 -42.49
CA HIS A 33 5.07 10.03 -41.63
C HIS A 33 5.79 8.78 -41.17
N ILE A 34 5.46 8.32 -39.96
CA ILE A 34 6.06 7.12 -39.41
C ILE A 34 5.04 6.29 -38.62
N LEU A 35 4.81 5.06 -39.07
CA LEU A 35 3.89 4.14 -38.42
C LEU A 35 4.74 3.02 -37.82
N CYS A 36 4.79 2.95 -36.50
CA CYS A 36 5.61 1.93 -35.87
C CYS A 36 4.78 0.83 -35.22
N THR A 37 4.97 -0.38 -35.70
CA THR A 37 4.25 -1.52 -35.17
C THR A 37 4.84 -1.99 -33.86
N GLY A 38 6.02 -2.58 -34.00
CA GLY A 38 6.75 -3.17 -32.89
C GLY A 38 7.03 -2.47 -31.59
N ASN A 39 7.63 -3.25 -30.71
CA ASN A 39 8.05 -2.77 -29.41
C ASN A 39 9.50 -2.38 -29.63
N LEU A 40 9.75 -1.08 -29.63
CA LEU A 40 11.09 -0.56 -29.80
C LEU A 40 11.69 -0.67 -28.40
N CYS A 41 10.76 -0.82 -27.46
CA CYS A 41 11.02 -1.01 -26.04
C CYS A 41 11.46 0.21 -25.25
N THR A 42 12.62 0.75 -25.58
CA THR A 42 13.14 1.90 -24.85
C THR A 42 12.74 3.23 -25.46
N LYS A 43 12.42 4.19 -24.60
CA LYS A 43 12.05 5.53 -25.02
C LYS A 43 13.19 6.13 -25.83
N GLU A 44 14.38 5.58 -25.63
CA GLU A 44 15.56 6.02 -26.35
C GLU A 44 15.31 5.83 -27.83
N SER A 45 14.59 4.76 -28.18
CA SER A 45 14.30 4.47 -29.57
C SER A 45 13.15 5.30 -30.10
N TYR A 46 12.32 5.81 -29.20
CA TYR A 46 11.22 6.65 -29.61
C TYR A 46 11.76 8.00 -30.06
N ASP A 47 12.78 8.48 -29.35
CA ASP A 47 13.38 9.76 -29.68
C ASP A 47 14.06 9.70 -31.05
N TYR A 48 14.84 8.66 -31.28
CA TYR A 48 15.50 8.52 -32.57
C TYR A 48 14.44 8.60 -33.65
N LEU A 49 13.33 7.91 -33.45
CA LEU A 49 12.25 7.94 -34.43
C LEU A 49 11.77 9.36 -34.62
N LYS A 50 11.55 10.04 -33.52
CA LYS A 50 11.07 11.41 -33.54
C LYS A 50 12.01 12.32 -34.32
N THR A 51 13.18 11.78 -34.66
CA THR A 51 14.17 12.52 -35.43
C THR A 51 13.82 12.51 -36.91
N LEU A 52 13.73 11.31 -37.48
CA LEU A 52 13.43 11.11 -38.90
C LEU A 52 12.21 11.89 -39.38
N ALA A 53 11.25 12.12 -38.48
CA ALA A 53 10.04 12.85 -38.81
C ALA A 53 9.39 13.38 -37.54
N GLY A 54 8.34 14.19 -37.71
CA GLY A 54 7.67 14.77 -36.56
C GLY A 54 6.36 14.12 -36.20
N ASP A 55 5.66 13.58 -37.20
CA ASP A 55 4.39 12.92 -36.95
C ASP A 55 4.58 11.40 -36.85
N VAL A 56 4.82 10.93 -35.63
CA VAL A 56 5.05 9.52 -35.39
C VAL A 56 3.88 8.86 -34.69
N HIS A 57 3.54 7.67 -35.17
CA HIS A 57 2.45 6.87 -34.62
C HIS A 57 2.99 5.55 -34.14
N ILE A 58 2.69 5.22 -32.89
CA ILE A 58 3.16 3.97 -32.34
C ILE A 58 2.05 3.24 -31.60
N VAL A 59 2.08 1.92 -31.72
CA VAL A 59 1.12 1.08 -31.05
C VAL A 59 1.92 0.28 -30.03
N ARG A 60 1.28 -0.12 -28.93
CA ARG A 60 1.98 -0.86 -27.90
C ARG A 60 2.28 -2.30 -28.26
N GLY A 61 3.55 -2.67 -28.16
CA GLY A 61 4.00 -4.02 -28.45
C GLY A 61 4.02 -4.82 -27.17
N ASP A 62 4.10 -6.14 -27.28
CA ASP A 62 4.09 -7.02 -26.11
C ASP A 62 5.30 -6.91 -25.17
N PHE A 63 6.22 -5.99 -25.46
CA PHE A 63 7.39 -5.83 -24.58
C PHE A 63 7.77 -4.36 -24.36
N ASP A 64 6.94 -3.44 -24.82
CA ASP A 64 7.25 -2.03 -24.62
C ASP A 64 7.09 -1.66 -23.15
N GLU A 65 8.00 -0.83 -22.66
CA GLU A 65 7.98 -0.39 -21.26
C GLU A 65 6.80 0.54 -20.96
N ASN A 66 6.64 1.57 -21.80
CA ASN A 66 5.57 2.53 -21.63
C ASN A 66 4.23 1.90 -21.96
N LEU A 67 3.34 1.87 -20.99
CA LEU A 67 2.02 1.29 -21.19
C LEU A 67 1.08 2.31 -21.83
N ASN A 68 1.55 3.55 -21.99
CA ASN A 68 0.73 4.61 -22.57
C ASN A 68 0.48 4.53 -24.07
N TYR A 69 1.03 3.54 -24.77
CA TYR A 69 0.79 3.42 -26.20
C TYR A 69 -0.52 2.69 -26.47
N PRO A 70 -1.17 2.99 -27.62
CA PRO A 70 -2.43 2.36 -28.04
C PRO A 70 -2.26 0.88 -28.40
N GLU A 71 -3.25 0.05 -28.05
CA GLU A 71 -3.18 -1.36 -28.38
C GLU A 71 -3.21 -1.42 -29.92
N GLN A 72 -4.05 -0.56 -30.49
CA GLN A 72 -4.18 -0.42 -31.93
C GLN A 72 -4.64 0.98 -32.25
N LYS A 73 -4.31 1.46 -33.44
CA LYS A 73 -4.68 2.81 -33.85
C LYS A 73 -4.96 2.85 -35.35
N VAL A 74 -5.86 3.75 -35.74
CA VAL A 74 -6.20 3.92 -37.15
C VAL A 74 -5.80 5.33 -37.57
N VAL A 75 -4.88 5.43 -38.53
CA VAL A 75 -4.42 6.73 -39.01
C VAL A 75 -4.69 6.87 -40.49
N THR A 76 -5.27 8.01 -40.88
CA THR A 76 -5.59 8.26 -42.28
C THR A 76 -4.43 8.98 -42.97
N VAL A 77 -3.99 8.47 -44.13
CA VAL A 77 -2.90 9.10 -44.86
C VAL A 77 -3.30 9.43 -46.30
N GLY A 78 -3.97 10.57 -46.46
CA GLY A 78 -4.42 10.97 -47.78
C GLY A 78 -5.72 10.28 -48.10
N GLN A 79 -5.71 9.46 -49.15
CA GLN A 79 -6.90 8.72 -49.54
C GLN A 79 -6.99 7.40 -48.79
N PHE A 80 -5.88 7.00 -48.17
CA PHE A 80 -5.79 5.74 -47.43
C PHE A 80 -6.08 5.74 -45.93
N LYS A 81 -6.89 4.77 -45.53
CA LYS A 81 -7.25 4.56 -44.13
C LYS A 81 -6.39 3.35 -43.71
N ILE A 82 -5.46 3.59 -42.79
CA ILE A 82 -4.54 2.54 -42.34
C ILE A 82 -4.62 2.15 -40.87
N GLY A 83 -4.68 0.84 -40.63
CA GLY A 83 -4.75 0.33 -39.28
C GLY A 83 -3.36 -0.06 -38.78
N LEU A 84 -3.18 -0.04 -37.46
CA LEU A 84 -1.90 -0.37 -36.86
C LEU A 84 -2.12 -1.20 -35.58
N ILE A 85 -1.35 -2.27 -35.44
CA ILE A 85 -1.47 -3.13 -34.27
C ILE A 85 -0.17 -3.92 -34.22
N HIS A 86 0.30 -4.32 -33.04
CA HIS A 86 1.57 -5.04 -33.03
C HIS A 86 1.49 -6.45 -33.61
N GLY A 87 0.46 -7.20 -33.26
CA GLY A 87 0.35 -8.53 -33.82
C GLY A 87 0.14 -9.64 -32.82
N HIS A 88 0.75 -9.50 -31.63
CA HIS A 88 0.63 -10.53 -30.60
C HIS A 88 -0.82 -10.75 -30.18
N GLN A 89 -1.70 -9.82 -30.54
CA GLN A 89 -3.13 -9.92 -30.19
C GLN A 89 -3.89 -10.71 -31.25
N VAL A 90 -3.20 -11.04 -32.35
CA VAL A 90 -3.80 -11.77 -33.47
C VAL A 90 -3.46 -13.25 -33.34
N ILE A 91 -4.46 -14.09 -33.04
CA ILE A 91 -4.18 -15.51 -32.90
C ILE A 91 -4.87 -16.31 -34.01
N PRO A 92 -4.14 -17.21 -34.67
CA PRO A 92 -2.73 -17.55 -34.47
C PRO A 92 -1.86 -16.36 -34.89
N TRP A 93 -0.68 -16.22 -34.29
CA TRP A 93 0.18 -15.08 -34.54
C TRP A 93 0.33 -14.45 -35.92
N GLY A 94 0.61 -15.21 -36.97
CA GLY A 94 0.75 -14.52 -38.25
C GLY A 94 -0.26 -14.94 -39.30
N ASP A 95 -1.35 -15.53 -38.82
CA ASP A 95 -2.43 -16.04 -39.64
C ASP A 95 -3.16 -15.01 -40.49
N MET A 96 -3.15 -15.22 -41.80
CA MET A 96 -3.81 -14.28 -42.71
C MET A 96 -5.31 -14.14 -42.46
N ALA A 97 -5.97 -15.27 -42.19
CA ALA A 97 -7.40 -15.28 -41.92
C ALA A 97 -7.74 -14.45 -40.69
N SER A 98 -6.87 -14.49 -39.69
CA SER A 98 -7.09 -13.75 -38.47
C SER A 98 -6.80 -12.28 -38.70
N LEU A 99 -5.79 -11.98 -39.51
CA LEU A 99 -5.48 -10.60 -39.81
C LEU A 99 -6.68 -10.01 -40.56
N ALA A 100 -7.15 -10.76 -41.55
CA ALA A 100 -8.28 -10.35 -42.35
C ALA A 100 -9.49 -10.07 -41.48
N LEU A 101 -9.80 -11.01 -40.58
CA LEU A 101 -10.92 -10.83 -39.68
C LEU A 101 -10.75 -9.49 -38.97
N LEU A 102 -9.52 -9.15 -38.64
CA LEU A 102 -9.23 -7.89 -37.97
C LEU A 102 -9.49 -6.69 -38.90
N GLN A 103 -9.10 -6.82 -40.16
CA GLN A 103 -9.32 -5.76 -41.16
C GLN A 103 -10.78 -5.32 -41.22
N ARG A 104 -11.70 -6.28 -41.22
CA ARG A 104 -13.13 -5.95 -41.26
C ARG A 104 -13.49 -4.97 -40.15
N GLN A 105 -13.25 -5.40 -38.92
CA GLN A 105 -13.53 -4.63 -37.72
C GLN A 105 -12.96 -3.21 -37.74
N PHE A 106 -11.72 -3.08 -38.20
CA PHE A 106 -11.08 -1.77 -38.28
C PHE A 106 -11.66 -0.97 -39.44
N ASP A 107 -11.94 -1.66 -40.54
CA ASP A 107 -12.49 -1.03 -41.74
C ASP A 107 -11.40 -0.18 -42.39
N VAL A 108 -10.22 -0.76 -42.55
CA VAL A 108 -9.10 -0.05 -43.16
C VAL A 108 -8.75 -0.63 -44.54
N ASP A 109 -8.11 0.19 -45.37
CA ASP A 109 -7.73 -0.23 -46.71
C ASP A 109 -6.40 -0.99 -46.63
N ILE A 110 -5.57 -0.59 -45.67
CA ILE A 110 -4.27 -1.22 -45.45
C ILE A 110 -4.12 -1.54 -43.98
N LEU A 111 -3.50 -2.68 -43.65
CA LEU A 111 -3.31 -3.07 -42.25
C LEU A 111 -1.84 -3.43 -41.96
N ILE A 112 -1.22 -2.62 -41.10
CA ILE A 112 0.18 -2.83 -40.71
C ILE A 112 0.28 -3.53 -39.35
N SER A 113 1.08 -4.59 -39.29
CA SER A 113 1.31 -5.32 -38.04
C SER A 113 2.67 -6.01 -38.13
N GLY A 114 3.23 -6.41 -36.99
CA GLY A 114 4.52 -7.08 -36.97
C GLY A 114 4.50 -8.36 -36.17
N HIS A 115 5.27 -8.38 -35.07
CA HIS A 115 5.38 -9.52 -34.16
C HIS A 115 6.03 -10.81 -34.67
N THR A 116 5.94 -11.08 -35.96
CA THR A 116 6.52 -12.30 -36.50
C THR A 116 7.97 -12.12 -36.94
N HIS A 117 8.36 -10.86 -37.18
CA HIS A 117 9.72 -10.51 -37.61
C HIS A 117 10.04 -11.05 -39.00
N LYS A 118 9.00 -11.24 -39.80
CA LYS A 118 9.13 -11.71 -41.17
C LYS A 118 8.39 -10.73 -42.08
N PHE A 119 9.13 -10.08 -42.97
CA PHE A 119 8.53 -9.14 -43.89
C PHE A 119 7.45 -9.78 -44.76
N GLU A 120 6.32 -9.09 -44.89
CA GLU A 120 5.20 -9.56 -45.69
C GLU A 120 4.42 -8.41 -46.33
N ALA A 121 4.21 -8.51 -47.64
CA ALA A 121 3.46 -7.49 -48.36
C ALA A 121 2.60 -8.20 -49.38
N PHE A 122 1.30 -8.28 -49.11
CA PHE A 122 0.41 -8.96 -50.04
C PHE A 122 -0.98 -8.37 -50.03
N GLU A 123 -1.75 -8.73 -51.04
CA GLU A 123 -3.13 -8.26 -51.19
C GLU A 123 -4.10 -9.42 -50.96
N HIS A 124 -5.24 -9.11 -50.35
CA HIS A 124 -6.27 -10.10 -50.06
C HIS A 124 -7.64 -9.44 -50.10
N GLU A 125 -8.52 -9.97 -50.95
CA GLU A 125 -9.87 -9.44 -51.10
C GLU A 125 -9.89 -7.92 -51.09
N ASN A 126 -9.24 -7.33 -52.08
CA ASN A 126 -9.19 -5.87 -52.25
C ASN A 126 -8.61 -5.03 -51.12
N LYS A 127 -7.92 -5.68 -50.17
CA LYS A 127 -7.30 -4.98 -49.06
C LYS A 127 -5.80 -5.26 -49.07
N PHE A 128 -5.01 -4.39 -48.43
CA PHE A 128 -3.55 -4.56 -48.40
C PHE A 128 -2.97 -4.81 -46.99
N TYR A 129 -2.09 -5.81 -46.91
CA TYR A 129 -1.44 -6.21 -45.66
C TYR A 129 0.08 -6.06 -45.71
N ILE A 130 0.62 -5.35 -44.72
CA ILE A 130 2.06 -5.08 -44.64
C ILE A 130 2.64 -5.40 -43.26
N ASN A 131 3.79 -6.06 -43.25
CA ASN A 131 4.49 -6.40 -42.03
C ASN A 131 5.94 -6.03 -42.32
N PRO A 132 6.42 -4.91 -41.74
CA PRO A 132 7.80 -4.47 -41.98
C PRO A 132 8.86 -5.48 -41.60
N GLY A 133 8.63 -6.20 -40.50
CA GLY A 133 9.59 -7.17 -40.02
C GLY A 133 10.30 -6.57 -38.81
N SER A 134 11.59 -6.86 -38.66
CA SER A 134 12.34 -6.31 -37.54
C SER A 134 13.48 -5.44 -38.07
N ALA A 135 13.40 -4.13 -37.83
CA ALA A 135 14.43 -3.22 -38.33
C ALA A 135 15.82 -3.60 -37.84
N THR A 136 15.88 -4.39 -36.79
CA THR A 136 17.15 -4.78 -36.23
C THR A 136 17.39 -6.30 -36.34
N GLY A 137 16.54 -6.99 -37.10
CA GLY A 137 16.70 -8.42 -37.22
C GLY A 137 16.66 -9.07 -35.85
N ALA A 138 15.91 -8.47 -34.93
CA ALA A 138 15.76 -8.97 -33.57
C ALA A 138 15.40 -10.44 -33.50
N TYR A 139 16.04 -11.14 -32.57
CA TYR A 139 15.82 -12.56 -32.36
C TYR A 139 14.35 -12.91 -32.14
N ASN A 140 13.97 -14.12 -32.55
CA ASN A 140 12.60 -14.59 -32.42
C ASN A 140 12.62 -16.12 -32.40
N ALA A 141 12.26 -16.70 -31.26
CA ALA A 141 12.26 -18.15 -31.10
C ALA A 141 11.62 -18.98 -32.23
N LEU A 142 10.64 -18.44 -32.92
CA LEU A 142 10.00 -19.22 -33.97
C LEU A 142 10.76 -19.30 -35.29
N GLU A 143 11.61 -18.31 -35.55
CA GLU A 143 12.38 -18.30 -36.79
C GLU A 143 13.88 -18.06 -36.56
N THR A 144 14.66 -19.12 -36.71
CA THR A 144 16.11 -19.07 -36.51
C THR A 144 16.89 -18.18 -37.47
N ASN A 145 16.25 -17.73 -38.55
CA ASN A 145 16.97 -16.88 -39.49
C ASN A 145 16.18 -15.63 -39.81
N ILE A 146 16.44 -14.58 -39.03
CA ILE A 146 15.73 -13.31 -39.22
C ILE A 146 16.54 -12.35 -40.08
N ILE A 147 15.84 -11.60 -40.93
CA ILE A 147 16.51 -10.64 -41.82
C ILE A 147 16.09 -9.21 -41.52
N PRO A 148 17.04 -8.36 -41.09
CA PRO A 148 16.71 -6.96 -40.79
C PRO A 148 15.91 -6.35 -41.92
N SER A 149 15.10 -5.34 -41.60
CA SER A 149 14.31 -4.69 -42.64
C SER A 149 13.31 -3.69 -42.13
N PHE A 150 12.91 -2.78 -43.02
CA PHE A 150 11.92 -1.78 -42.72
C PHE A 150 11.23 -1.61 -44.04
N VAL A 151 10.28 -0.69 -44.10
CA VAL A 151 9.53 -0.51 -45.33
C VAL A 151 8.92 0.89 -45.37
N LEU A 152 9.20 1.63 -46.43
CA LEU A 152 8.60 2.94 -46.55
C LEU A 152 7.73 2.90 -47.80
N MET A 153 6.50 3.38 -47.64
CA MET A 153 5.55 3.40 -48.74
C MET A 153 5.41 4.82 -49.27
N ASP A 154 5.05 4.94 -50.55
CA ASP A 154 4.83 6.24 -51.15
C ASP A 154 3.40 6.29 -51.70
N ILE A 155 2.62 7.21 -51.16
CA ILE A 155 1.24 7.38 -51.58
C ILE A 155 1.12 8.63 -52.44
N GLN A 156 0.63 8.46 -53.67
CA GLN A 156 0.44 9.64 -54.51
C GLN A 156 -1.03 9.96 -54.24
N ALA A 157 -1.90 9.06 -54.66
CA ALA A 157 -3.34 9.23 -54.47
C ALA A 157 -4.09 7.97 -54.87
N SER A 158 -4.65 7.28 -53.88
CA SER A 158 -5.40 6.07 -54.15
C SER A 158 -4.50 5.14 -54.96
N THR A 159 -3.24 5.08 -54.55
CA THR A 159 -2.23 4.25 -55.20
C THR A 159 -1.02 4.27 -54.27
N VAL A 160 -0.57 3.09 -53.86
CA VAL A 160 0.57 3.03 -52.98
C VAL A 160 1.65 2.14 -53.56
N VAL A 161 2.89 2.51 -53.29
CA VAL A 161 4.05 1.75 -53.74
C VAL A 161 4.87 1.55 -52.48
N THR A 162 4.96 0.31 -52.02
CA THR A 162 5.72 0.02 -50.81
C THR A 162 7.10 -0.55 -51.12
N TYR A 163 8.12 0.10 -50.60
CA TYR A 163 9.48 -0.33 -50.80
C TYR A 163 9.96 -1.12 -49.59
N VAL A 164 10.30 -2.38 -49.80
CA VAL A 164 10.77 -3.22 -48.72
C VAL A 164 12.29 -3.22 -48.70
N TYR A 165 12.85 -2.86 -47.55
CA TYR A 165 14.30 -2.81 -47.39
C TYR A 165 14.83 -3.97 -46.55
N GLN A 166 15.45 -4.94 -47.22
CA GLN A 166 16.02 -6.10 -46.54
C GLN A 166 17.54 -6.01 -46.46
N LEU A 167 18.12 -6.61 -45.42
CA LEU A 167 19.56 -6.58 -45.25
C LEU A 167 20.10 -8.00 -45.42
N ILE A 168 20.27 -8.40 -46.67
CA ILE A 168 20.78 -9.72 -46.98
C ILE A 168 22.27 -9.59 -47.29
N GLY A 169 23.09 -10.37 -46.58
CA GLY A 169 24.52 -10.31 -46.78
C GLY A 169 25.04 -8.98 -46.29
N ASP A 170 25.78 -8.27 -47.14
CA ASP A 170 26.31 -6.97 -46.77
C ASP A 170 25.39 -5.93 -47.38
N ASP A 171 25.28 -6.01 -48.70
CA ASP A 171 24.44 -5.05 -49.43
C ASP A 171 22.99 -5.11 -48.96
N VAL A 172 22.26 -4.05 -49.28
CA VAL A 172 20.87 -3.94 -48.93
C VAL A 172 20.02 -4.12 -50.18
N LYS A 173 19.43 -5.30 -50.31
CA LYS A 173 18.58 -5.58 -51.46
C LYS A 173 17.26 -4.84 -51.26
N VAL A 174 16.53 -4.64 -52.34
CA VAL A 174 15.26 -3.93 -52.28
C VAL A 174 14.25 -4.61 -53.19
N GLU A 175 12.97 -4.31 -52.95
CA GLU A 175 11.90 -4.88 -53.74
C GLU A 175 10.73 -3.91 -53.78
N ARG A 176 10.09 -3.82 -54.94
CA ARG A 176 8.99 -2.90 -55.12
C ARG A 176 7.67 -3.67 -55.22
N ILE A 177 6.62 -3.09 -54.65
CA ILE A 177 5.29 -3.69 -54.66
C ILE A 177 4.26 -2.57 -54.72
N GLU A 178 3.36 -2.64 -55.68
CA GLU A 178 2.34 -1.61 -55.81
C GLU A 178 0.93 -2.10 -55.52
N TYR A 179 0.14 -1.22 -54.90
CA TYR A 179 -1.24 -1.51 -54.57
C TYR A 179 -2.05 -0.24 -54.81
N LYS A 180 -3.27 -0.42 -55.31
CA LYS A 180 -4.15 0.71 -55.56
C LYS A 180 -5.56 0.33 -55.11
N LYS A 181 -6.22 1.26 -54.41
CA LYS A 181 -7.57 1.03 -53.92
C LYS A 181 -8.40 0.28 -54.94
N PRO A 182 -9.34 -0.55 -54.47
CA PRO A 182 -10.18 -1.30 -55.42
C PRO A 182 -11.07 -0.35 -56.21
N MET B 1 2.94 -27.55 34.82
CA MET B 1 1.79 -26.95 34.14
C MET B 1 0.69 -27.88 33.61
N LEU B 2 -0.56 -27.39 33.66
CA LEU B 2 -1.71 -28.14 33.16
C LEU B 2 -2.29 -27.45 31.92
N VAL B 3 -2.66 -28.25 30.93
CA VAL B 3 -3.20 -27.72 29.68
C VAL B 3 -4.62 -28.19 29.43
N LEU B 4 -5.40 -27.37 28.74
CA LEU B 4 -6.78 -27.71 28.41
C LEU B 4 -6.84 -28.11 26.94
N VAL B 5 -7.54 -29.21 26.66
CA VAL B 5 -7.69 -29.72 25.30
C VAL B 5 -9.14 -29.96 24.94
N LEU B 6 -9.64 -29.19 23.97
CA LEU B 6 -11.03 -29.33 23.53
C LEU B 6 -11.12 -28.96 22.06
N GLY B 7 -12.33 -29.08 21.52
CA GLY B 7 -12.55 -28.74 20.13
C GLY B 7 -13.93 -29.15 19.64
N ASP B 8 -14.12 -29.19 18.34
CA ASP B 8 -15.39 -29.56 17.74
C ASP B 8 -16.61 -29.05 18.51
N LEU B 9 -16.59 -27.76 18.84
CA LEU B 9 -17.70 -27.14 19.56
C LEU B 9 -18.85 -26.93 18.58
N HIS B 10 -18.49 -26.62 17.34
CA HIS B 10 -19.45 -26.38 16.27
C HIS B 10 -20.55 -25.35 16.55
N ILE B 11 -20.14 -24.23 17.14
CA ILE B 11 -21.07 -23.14 17.44
C ILE B 11 -20.90 -22.10 16.33
N PRO B 12 -22.02 -21.62 15.76
CA PRO B 12 -23.38 -22.00 16.08
C PRO B 12 -23.99 -22.98 15.08
N HIS B 13 -23.13 -23.68 14.34
CA HIS B 13 -23.61 -24.63 13.33
C HIS B 13 -24.52 -25.76 13.88
N ARG B 14 -24.14 -26.34 15.02
CA ARG B 14 -24.91 -27.45 15.58
C ARG B 14 -25.23 -27.29 17.05
N CYS B 15 -24.51 -26.40 17.73
CA CYS B 15 -24.72 -26.15 19.15
C CYS B 15 -24.63 -24.65 19.40
N ASN B 16 -25.22 -24.19 20.50
CA ASN B 16 -25.17 -22.77 20.83
C ASN B 16 -24.16 -22.43 21.92
N SER B 17 -23.73 -23.44 22.68
CA SER B 17 -22.76 -23.22 23.75
C SER B 17 -22.34 -24.54 24.40
N LEU B 18 -21.41 -24.45 25.35
CA LEU B 18 -20.93 -25.64 26.05
C LEU B 18 -21.96 -26.00 27.09
N PRO B 19 -22.08 -27.29 27.44
CA PRO B 19 -23.06 -27.70 28.44
C PRO B 19 -22.99 -26.84 29.69
N ALA B 20 -24.13 -26.67 30.34
CA ALA B 20 -24.23 -25.87 31.55
C ALA B 20 -23.19 -26.21 32.63
N LYS B 21 -23.10 -27.47 33.00
CA LYS B 21 -22.15 -27.88 34.03
C LYS B 21 -20.68 -27.63 33.68
N PHE B 22 -20.32 -27.92 32.43
CA PHE B 22 -18.94 -27.74 31.97
C PHE B 22 -18.48 -26.29 32.12
N LYS B 23 -19.38 -25.35 31.84
CA LYS B 23 -19.06 -23.93 31.96
C LYS B 23 -18.67 -23.61 33.39
N LYS B 24 -19.30 -24.33 34.32
CA LYS B 24 -19.04 -24.13 35.74
C LYS B 24 -17.68 -24.69 36.17
N LEU B 25 -17.09 -25.55 35.35
CA LEU B 25 -15.80 -26.13 35.69
C LEU B 25 -14.62 -25.42 35.04
N LEU B 26 -14.86 -24.73 33.93
CA LEU B 26 -13.79 -24.02 33.25
C LEU B 26 -13.76 -22.55 33.61
N VAL B 27 -12.94 -22.21 34.59
CA VAL B 27 -12.82 -20.82 35.04
C VAL B 27 -11.38 -20.36 34.95
N PRO B 28 -11.16 -19.06 34.67
CA PRO B 28 -9.82 -18.49 34.55
C PRO B 28 -8.91 -18.81 35.74
N GLY B 29 -7.62 -18.50 35.59
CA GLY B 29 -6.67 -18.75 36.65
C GLY B 29 -6.07 -20.13 36.72
N LYS B 30 -6.89 -21.16 36.60
CA LYS B 30 -6.41 -22.53 36.67
C LYS B 30 -5.57 -22.97 35.47
N ILE B 31 -6.03 -22.62 34.26
CA ILE B 31 -5.36 -23.03 33.02
C ILE B 31 -4.24 -22.11 32.50
N GLN B 32 -3.07 -22.69 32.23
CA GLN B 32 -1.93 -21.94 31.72
C GLN B 32 -1.75 -22.20 30.23
N HIS B 33 -2.44 -23.20 29.72
CA HIS B 33 -2.36 -23.57 28.31
C HIS B 33 -3.64 -24.14 27.73
N ILE B 34 -3.87 -23.88 26.45
CA ILE B 34 -5.05 -24.39 25.76
C ILE B 34 -4.74 -24.82 24.33
N LEU B 35 -4.96 -26.10 24.05
CA LEU B 35 -4.74 -26.65 22.72
C LEU B 35 -6.11 -27.01 22.15
N CYS B 36 -6.53 -26.31 21.11
CA CYS B 36 -7.83 -26.56 20.54
C CYS B 36 -7.78 -27.25 19.19
N THR B 37 -8.34 -28.44 19.13
CA THR B 37 -8.35 -29.19 17.90
C THR B 37 -9.40 -28.68 16.93
N GLY B 38 -10.64 -28.97 17.32
CA GLY B 38 -11.81 -28.64 16.54
C GLY B 38 -12.08 -27.28 15.96
N ASN B 39 -13.18 -27.25 15.20
CA ASN B 39 -13.67 -26.05 14.59
C ASN B 39 -14.69 -25.54 15.59
N LEU B 40 -14.34 -24.45 16.27
CA LEU B 40 -15.24 -23.83 17.24
C LEU B 40 -16.16 -22.99 16.37
N CYS B 41 -15.67 -22.78 15.15
CA CYS B 41 -16.35 -22.06 14.09
C CYS B 41 -16.41 -20.55 14.19
N THR B 42 -17.08 -20.04 15.21
CA THR B 42 -17.23 -18.61 15.37
C THR B 42 -16.15 -18.00 16.25
N LYS B 43 -15.67 -16.82 15.85
CA LYS B 43 -14.66 -16.09 16.59
C LYS B 43 -15.18 -15.81 17.99
N GLU B 44 -16.49 -15.88 18.15
CA GLU B 44 -17.14 -15.68 19.42
C GLU B 44 -16.62 -16.72 20.39
N SER B 45 -16.36 -17.92 19.87
CA SER B 45 -15.88 -19.02 20.70
C SER B 45 -14.39 -18.92 20.95
N TYR B 46 -13.69 -18.18 20.09
CA TYR B 46 -12.26 -18.02 20.27
C TYR B 46 -12.04 -17.08 21.45
N ASP B 47 -12.88 -16.06 21.56
CA ASP B 47 -12.76 -15.10 22.65
C ASP B 47 -13.02 -15.77 23.99
N TYR B 48 -14.09 -16.55 24.09
CA TYR B 48 -14.37 -17.25 25.32
C TYR B 48 -13.14 -18.04 25.72
N LEU B 49 -12.54 -18.73 24.76
CA LEU B 49 -11.34 -19.51 25.05
C LEU B 49 -10.26 -18.61 25.60
N LYS B 50 -10.06 -17.48 24.92
CA LYS B 50 -9.05 -16.52 25.32
C LYS B 50 -9.27 -16.04 26.75
N THR B 51 -10.42 -16.40 27.32
CA THR B 51 -10.76 -16.03 28.68
C THR B 51 -10.06 -16.96 29.67
N LEU B 52 -10.36 -18.25 29.56
CA LEU B 52 -9.82 -19.28 30.43
C LEU B 52 -8.30 -19.22 30.60
N ALA B 53 -7.61 -18.74 29.56
CA ALA B 53 -6.16 -18.63 29.59
C ALA B 53 -5.69 -17.62 28.53
N GLY B 54 -4.40 -17.32 28.55
CA GLY B 54 -3.87 -16.35 27.60
C GLY B 54 -3.12 -16.96 26.44
N ASP B 55 -2.49 -18.11 26.67
CA ASP B 55 -1.74 -18.77 25.60
C ASP B 55 -2.59 -19.87 24.95
N VAL B 56 -3.32 -19.50 23.91
CA VAL B 56 -4.19 -20.42 23.21
C VAL B 56 -3.66 -20.81 21.85
N HIS B 57 -3.76 -22.10 21.55
CA HIS B 57 -3.30 -22.65 20.30
C HIS B 57 -4.47 -23.31 19.59
N ILE B 58 -4.67 -22.92 18.34
CA ILE B 58 -5.77 -23.49 17.57
C ILE B 58 -5.32 -23.89 16.18
N VAL B 59 -5.88 -25.00 15.71
CA VAL B 59 -5.59 -25.49 14.39
C VAL B 59 -6.90 -25.36 13.62
N ARG B 60 -6.80 -25.21 12.30
CA ARG B 60 -8.01 -25.04 11.50
C ARG B 60 -8.78 -26.32 11.28
N GLY B 61 -10.07 -26.27 11.63
CA GLY B 61 -10.96 -27.39 11.47
C GLY B 61 -11.66 -27.29 10.13
N ASP B 62 -12.28 -28.38 9.68
CA ASP B 62 -12.96 -28.41 8.38
C ASP B 62 -14.19 -27.52 8.25
N PHE B 63 -14.52 -26.75 9.28
CA PHE B 63 -15.68 -25.86 9.20
C PHE B 63 -15.44 -24.48 9.83
N ASP B 64 -14.20 -24.20 10.23
CA ASP B 64 -13.91 -22.90 10.82
C ASP B 64 -13.99 -21.82 9.76
N GLU B 65 -14.55 -20.67 10.15
CA GLU B 65 -14.71 -19.53 9.25
C GLU B 65 -13.36 -18.89 8.88
N ASN B 66 -12.57 -18.58 9.90
CA ASN B 66 -11.26 -17.97 9.71
C ASN B 66 -10.30 -18.97 9.09
N LEU B 67 -9.80 -18.63 7.90
CA LEU B 67 -8.85 -19.50 7.21
C LEU B 67 -7.43 -19.27 7.73
N ASN B 68 -7.26 -18.28 8.61
CA ASN B 68 -5.94 -17.95 9.15
C ASN B 68 -5.36 -18.94 10.17
N TYR B 69 -6.10 -19.98 10.53
CA TYR B 69 -5.55 -20.95 11.49
C TYR B 69 -4.67 -21.97 10.78
N PRO B 70 -3.70 -22.54 11.51
CA PRO B 70 -2.76 -23.55 11.00
C PRO B 70 -3.45 -24.90 10.72
N GLU B 71 -3.06 -25.57 9.64
CA GLU B 71 -3.63 -26.86 9.31
C GLU B 71 -3.25 -27.79 10.47
N GLN B 72 -2.00 -27.64 10.90
CA GLN B 72 -1.45 -28.38 12.03
C GLN B 72 -0.36 -27.54 12.67
N LYS B 73 -0.13 -27.77 13.96
CA LYS B 73 0.89 -27.02 14.69
C LYS B 73 1.54 -27.91 15.76
N VAL B 74 2.81 -27.63 16.04
CA VAL B 74 3.55 -28.36 17.06
C VAL B 74 3.92 -27.41 18.18
N VAL B 75 3.42 -27.67 19.39
CA VAL B 75 3.71 -26.80 20.52
C VAL B 75 4.39 -27.60 21.62
N THR B 76 5.48 -27.06 22.15
CA THR B 76 6.24 -27.74 23.22
C THR B 76 5.73 -27.30 24.59
N VAL B 77 5.44 -28.26 25.46
CA VAL B 77 4.96 -27.94 26.80
C VAL B 77 5.82 -28.59 27.88
N GLY B 78 6.93 -27.93 28.19
CA GLY B 78 7.84 -28.46 29.20
C GLY B 78 8.75 -29.48 28.55
N GLN B 79 8.66 -30.72 29.02
CA GLN B 79 9.47 -31.81 28.47
C GLN B 79 8.78 -32.44 27.27
N PHE B 80 7.48 -32.15 27.12
CA PHE B 80 6.67 -32.70 26.04
C PHE B 80 6.53 -31.92 24.75
N LYS B 81 6.69 -32.63 23.64
CA LYS B 81 6.56 -32.08 22.29
C LYS B 81 5.18 -32.61 21.83
N ILE B 82 4.23 -31.69 21.63
CA ILE B 82 2.87 -32.05 21.25
C ILE B 82 2.39 -31.54 19.90
N GLY B 83 1.80 -32.45 19.12
CA GLY B 83 1.29 -32.09 17.82
C GLY B 83 -0.20 -31.80 17.89
N LEU B 84 -0.69 -31.00 16.95
CA LEU B 84 -2.10 -30.63 16.91
C LEU B 84 -2.60 -30.60 15.47
N ILE B 85 -3.77 -31.20 15.23
CA ILE B 85 -4.35 -31.23 13.90
C ILE B 85 -5.82 -31.54 14.12
N HIS B 86 -6.71 -31.08 13.23
CA HIS B 86 -8.12 -31.35 13.48
C HIS B 86 -8.50 -32.82 13.29
N GLY B 87 -8.03 -33.45 12.22
CA GLY B 87 -8.37 -34.84 12.03
C GLY B 87 -8.94 -35.19 10.68
N HIS B 88 -9.70 -34.27 10.09
CA HIS B 88 -10.32 -34.52 8.78
C HIS B 88 -9.27 -34.78 7.70
N GLN B 89 -8.01 -34.44 7.99
CA GLN B 89 -6.92 -34.66 7.03
C GLN B 89 -6.33 -36.04 7.17
N VAL B 90 -6.77 -36.78 8.19
CA VAL B 90 -6.29 -38.13 8.47
C VAL B 90 -7.25 -39.16 7.89
N ILE B 91 -6.84 -39.86 6.84
CA ILE B 91 -7.73 -40.85 6.24
C ILE B 91 -7.19 -42.26 6.44
N PRO B 92 -8.04 -43.19 6.90
CA PRO B 92 -9.46 -43.03 7.24
C PRO B 92 -9.58 -42.13 8.47
N TRP B 93 -10.69 -41.41 8.59
CA TRP B 93 -10.87 -40.46 9.68
C TRP B 93 -10.37 -40.72 11.10
N GLY B 94 -10.66 -41.84 11.71
CA GLY B 94 -10.16 -42.00 13.08
C GLY B 94 -9.19 -43.17 13.25
N ASP B 95 -8.63 -43.60 12.13
CA ASP B 95 -7.71 -44.73 12.05
C ASP B 95 -6.42 -44.55 12.83
N MET B 96 -6.16 -45.47 13.76
CA MET B 96 -4.95 -45.39 14.57
C MET B 96 -3.67 -45.47 13.76
N ALA B 97 -3.65 -46.36 12.77
CA ALA B 97 -2.49 -46.53 11.90
C ALA B 97 -2.16 -45.25 11.15
N SER B 98 -3.20 -44.52 10.75
CA SER B 98 -3.01 -43.28 10.02
C SER B 98 -2.55 -42.19 10.97
N LEU B 99 -3.09 -42.19 12.19
CA LEU B 99 -2.68 -41.19 13.17
C LEU B 99 -1.19 -41.43 13.45
N ALA B 100 -0.85 -42.70 13.70
CA ALA B 100 0.51 -43.09 13.98
C ALA B 100 1.45 -42.63 12.86
N LEU B 101 1.07 -42.92 11.62
CA LEU B 101 1.89 -42.53 10.49
C LEU B 101 2.14 -41.02 10.59
N LEU B 102 1.14 -40.28 11.05
CA LEU B 102 1.25 -38.84 11.21
C LEU B 102 2.24 -38.49 12.32
N GLN B 103 2.18 -39.23 13.43
CA GLN B 103 3.08 -39.00 14.57
C GLN B 103 4.56 -39.02 14.14
N ARG B 104 4.93 -39.98 13.30
CA ARG B 104 6.32 -40.06 12.84
C ARG B 104 6.76 -38.74 12.23
N GLN B 105 6.04 -38.32 11.20
CA GLN B 105 6.32 -37.10 10.47
C GLN B 105 6.44 -35.86 11.36
N PHE B 106 5.55 -35.73 12.34
CA PHE B 106 5.58 -34.60 13.25
C PHE B 106 6.73 -34.76 14.24
N ASP B 107 6.97 -36.00 14.67
CA ASP B 107 8.02 -36.31 15.63
C ASP B 107 7.62 -35.76 17.00
N VAL B 108 6.40 -36.05 17.41
CA VAL B 108 5.89 -35.59 18.69
C VAL B 108 5.71 -36.75 19.68
N ASP B 109 5.73 -36.43 20.97
CA ASP B 109 5.56 -37.44 22.00
C ASP B 109 4.07 -37.71 22.22
N ILE B 110 3.27 -36.66 22.02
CA ILE B 110 1.82 -36.73 22.17
C ILE B 110 1.17 -36.11 20.94
N LEU B 111 0.06 -36.69 20.48
CA LEU B 111 -0.64 -36.16 19.31
C LEU B 111 -2.14 -35.94 19.58
N ILE B 112 -2.56 -34.67 19.55
CA ILE B 112 -3.95 -34.31 19.79
C ILE B 112 -4.70 -34.06 18.47
N SER B 113 -5.87 -34.67 18.34
CA SER B 113 -6.71 -34.49 17.15
C SER B 113 -8.15 -34.78 17.54
N GLY B 114 -9.11 -34.33 16.73
CA GLY B 114 -10.51 -34.55 17.02
C GLY B 114 -11.27 -35.11 15.82
N HIS B 115 -12.22 -34.33 15.32
CA HIS B 115 -13.04 -34.68 14.16
C HIS B 115 -14.03 -35.84 14.29
N THR B 116 -13.73 -36.82 15.13
CA THR B 116 -14.62 -37.96 15.29
C THR B 116 -15.68 -37.74 16.37
N HIS B 117 -15.42 -36.81 17.28
CA HIS B 117 -16.32 -36.46 18.38
C HIS B 117 -16.47 -37.61 19.37
N LYS B 118 -15.44 -38.46 19.44
CA LYS B 118 -15.41 -39.58 20.37
C LYS B 118 -14.11 -39.49 21.16
N PHE B 119 -14.22 -39.32 22.47
CA PHE B 119 -13.06 -39.23 23.33
C PHE B 119 -12.17 -40.48 23.23
N GLU B 120 -10.87 -40.26 23.12
CA GLU B 120 -9.90 -41.35 23.03
C GLU B 120 -8.58 -40.98 23.67
N ALA B 121 -8.08 -41.84 24.55
CA ALA B 121 -6.81 -41.62 25.22
C ALA B 121 -6.10 -42.95 25.31
N PHE B 122 -5.09 -43.16 24.47
CA PHE B 122 -4.37 -44.42 24.51
C PHE B 122 -2.92 -44.26 24.12
N GLU B 123 -2.14 -45.29 24.40
CA GLU B 123 -0.71 -45.31 24.10
C GLU B 123 -0.44 -46.31 22.98
N HIS B 124 0.52 -45.98 22.12
CA HIS B 124 0.90 -46.83 20.99
C HIS B 124 2.38 -46.63 20.70
N GLU B 125 3.13 -47.74 20.73
CA GLU B 125 4.57 -47.70 20.46
C GLU B 125 5.24 -46.51 21.10
N ASN B 126 5.19 -46.45 22.43
CA ASN B 126 5.84 -45.40 23.21
C ASN B 126 5.39 -43.95 22.95
N LYS B 127 4.27 -43.77 22.25
CA LYS B 127 3.75 -42.44 21.97
C LYS B 127 2.33 -42.33 22.54
N PHE B 128 1.86 -41.11 22.78
CA PHE B 128 0.53 -40.89 23.34
C PHE B 128 -0.45 -40.17 22.39
N TYR B 129 -1.67 -40.70 22.31
CA TYR B 129 -2.72 -40.16 21.44
C TYR B 129 -3.95 -39.72 22.25
N ILE B 130 -4.38 -38.47 22.04
CA ILE B 130 -5.53 -37.91 22.74
C ILE B 130 -6.51 -37.23 21.79
N ASN B 131 -7.79 -37.50 22.01
CA ASN B 131 -8.88 -36.91 21.23
C ASN B 131 -9.89 -36.45 22.28
N PRO B 132 -9.97 -35.14 22.53
CA PRO B 132 -10.90 -34.62 23.53
C PRO B 132 -12.36 -34.96 23.27
N GLY B 133 -12.75 -34.95 22.01
CA GLY B 133 -14.14 -35.23 21.65
C GLY B 133 -14.80 -33.91 21.29
N SER B 134 -16.08 -33.76 21.62
CA SER B 134 -16.78 -32.50 21.33
C SER B 134 -17.24 -31.88 22.64
N ALA B 135 -16.67 -30.73 22.98
CA ALA B 135 -17.03 -30.07 24.23
C ALA B 135 -18.52 -29.76 24.32
N THR B 136 -19.19 -29.78 23.18
CA THR B 136 -20.62 -29.49 23.16
C THR B 136 -21.44 -30.70 22.70
N GLY B 137 -20.82 -31.86 22.60
CA GLY B 137 -21.54 -33.03 22.15
C GLY B 137 -22.14 -32.77 20.78
N ALA B 138 -21.47 -31.94 19.99
CA ALA B 138 -21.92 -31.58 18.64
C ALA B 138 -22.26 -32.80 17.77
N TYR B 139 -23.36 -32.67 17.05
CA TYR B 139 -23.85 -33.72 16.17
C TYR B 139 -22.78 -34.21 15.18
N ASN B 140 -22.87 -35.48 14.80
CA ASN B 140 -21.93 -36.09 13.88
C ASN B 140 -22.60 -37.28 13.21
N ALA B 141 -22.85 -37.16 11.91
CA ALA B 141 -23.52 -38.22 11.14
C ALA B 141 -23.04 -39.66 11.38
N LEU B 142 -21.77 -39.84 11.70
CA LEU B 142 -21.29 -41.21 11.90
C LEU B 142 -21.64 -41.85 13.22
N GLU B 143 -21.87 -41.04 14.25
CA GLU B 143 -22.21 -41.56 15.56
C GLU B 143 -23.45 -40.90 16.18
N THR B 144 -24.55 -41.65 16.19
CA THR B 144 -25.83 -41.16 16.71
C THR B 144 -25.86 -40.85 18.20
N ASN B 145 -24.84 -41.23 18.94
CA ASN B 145 -24.85 -40.95 20.36
C ASN B 145 -23.55 -40.31 20.81
N ILE B 146 -23.50 -38.98 20.77
CA ILE B 146 -22.30 -38.25 21.15
C ILE B 146 -22.36 -37.80 22.61
N ILE B 147 -21.21 -37.84 23.27
CA ILE B 147 -21.13 -37.44 24.68
C ILE B 147 -20.23 -36.24 24.89
N PRO B 148 -20.80 -35.11 25.34
CA PRO B 148 -19.98 -33.90 25.56
C PRO B 148 -18.72 -34.25 26.35
N SER B 149 -17.68 -33.45 26.18
CA SER B 149 -16.44 -33.71 26.90
C SER B 149 -15.28 -32.84 26.48
N PHE B 150 -14.32 -32.72 27.39
CA PHE B 150 -13.10 -31.98 27.14
C PHE B 150 -12.08 -32.76 27.92
N VAL B 151 -10.85 -32.29 27.95
CA VAL B 151 -9.79 -33.01 28.63
C VAL B 151 -8.67 -32.07 29.00
N LEU B 152 -8.31 -32.03 30.28
CA LEU B 152 -7.19 -31.20 30.67
C LEU B 152 -6.14 -32.12 31.23
N MET B 153 -4.91 -31.94 30.75
CA MET B 153 -3.79 -32.76 31.19
C MET B 153 -2.91 -31.97 32.14
N ASP B 154 -2.22 -32.69 33.03
CA ASP B 154 -1.31 -32.05 33.97
C ASP B 154 0.09 -32.64 33.77
N ILE B 155 1.02 -31.79 33.38
CA ILE B 155 2.39 -32.19 33.16
C ILE B 155 3.26 -31.74 34.32
N GLN B 156 3.94 -32.67 34.99
CA GLN B 156 4.84 -32.27 36.06
C GLN B 156 6.17 -32.19 35.33
N ALA B 157 6.64 -33.34 34.88
CA ALA B 157 7.90 -33.41 34.14
C ALA B 157 8.10 -34.80 33.57
N SER B 158 8.04 -34.90 32.24
CA SER B 158 8.22 -36.20 31.58
C SER B 158 7.26 -37.18 32.21
N THR B 159 6.04 -36.72 32.46
CA THR B 159 4.98 -37.51 33.06
C THR B 159 3.70 -36.70 32.88
N VAL B 160 2.70 -37.30 32.26
CA VAL B 160 1.45 -36.59 32.06
C VAL B 160 0.29 -37.38 32.63
N VAL B 161 -0.70 -36.65 33.13
CA VAL B 161 -1.91 -37.25 33.68
C VAL B 161 -3.03 -36.52 32.99
N THR B 162 -3.77 -37.21 32.12
CA THR B 162 -4.86 -36.57 31.41
C THR B 162 -6.21 -36.90 32.02
N TYR B 163 -6.95 -35.84 32.36
CA TYR B 163 -8.26 -36.01 32.96
C TYR B 163 -9.33 -35.82 31.88
N VAL B 164 -10.11 -36.86 31.66
CA VAL B 164 -11.17 -36.81 30.67
C VAL B 164 -12.48 -36.45 31.34
N TYR B 165 -13.11 -35.39 30.86
CA TYR B 165 -14.38 -34.93 31.41
C TYR B 165 -15.56 -35.26 30.50
N GLN B 166 -16.35 -36.26 30.88
CA GLN B 166 -17.51 -36.66 30.09
C GLN B 166 -18.80 -36.20 30.76
N LEU B 167 -19.84 -35.94 29.96
CA LEU B 167 -21.12 -35.51 30.50
C LEU B 167 -22.15 -36.60 30.26
N ILE B 168 -22.14 -37.60 31.14
CA ILE B 168 -23.07 -38.70 31.04
C ILE B 168 -24.22 -38.46 32.01
N GLY B 169 -25.44 -38.47 31.49
CA GLY B 169 -26.60 -38.23 32.32
C GLY B 169 -26.60 -36.78 32.75
N ASP B 170 -26.72 -36.53 34.05
CA ASP B 170 -26.70 -35.17 34.57
C ASP B 170 -25.31 -34.91 35.09
N ASP B 171 -24.88 -35.75 36.03
CA ASP B 171 -23.57 -35.60 36.61
C ASP B 171 -22.47 -35.70 35.58
N VAL B 172 -21.29 -35.20 35.95
CA VAL B 172 -20.13 -35.23 35.10
C VAL B 172 -19.16 -36.28 35.61
N LYS B 173 -19.12 -37.42 34.93
CA LYS B 173 -18.20 -38.48 35.31
C LYS B 173 -16.80 -38.08 34.88
N VAL B 174 -15.80 -38.71 35.49
CA VAL B 174 -14.41 -38.39 35.17
C VAL B 174 -13.59 -39.68 35.12
N GLU B 175 -12.43 -39.59 34.48
CA GLU B 175 -11.55 -40.73 34.36
C GLU B 175 -10.11 -40.24 34.29
N ARG B 176 -9.22 -40.98 34.94
CA ARG B 176 -7.81 -40.60 34.98
C ARG B 176 -6.98 -41.56 34.13
N ILE B 177 -5.98 -41.01 33.46
CA ILE B 177 -5.09 -41.80 32.61
C ILE B 177 -3.70 -41.17 32.67
N GLU B 178 -2.70 -41.99 32.97
CA GLU B 178 -1.34 -41.46 33.05
C GLU B 178 -0.42 -42.01 31.98
N TYR B 179 0.48 -41.14 31.53
CA TYR B 179 1.46 -41.48 30.51
C TYR B 179 2.77 -40.81 30.89
N LYS B 180 3.88 -41.50 30.64
CA LYS B 180 5.20 -40.96 30.93
C LYS B 180 6.13 -41.31 29.78
N LYS B 181 6.91 -40.32 29.33
CA LYS B 181 7.85 -40.52 28.23
C LYS B 181 8.51 -41.88 28.33
N PRO B 182 8.84 -42.49 27.18
CA PRO B 182 9.49 -43.81 27.22
C PRO B 182 10.88 -43.71 27.84
N GLN C 12 49.62 63.16 -20.40
CA GLN C 12 49.22 64.49 -20.83
C GLN C 12 48.71 64.38 -22.26
N GLU C 13 49.52 63.74 -23.10
CA GLU C 13 49.34 63.63 -24.55
C GLU C 13 49.56 64.95 -25.26
N LYS C 14 49.64 66.06 -24.52
CA LYS C 14 49.81 67.30 -25.26
C LYS C 14 51.25 67.41 -25.71
N LEU C 15 52.17 67.19 -24.77
CA LEU C 15 53.60 67.18 -25.05
C LEU C 15 53.80 66.52 -26.39
N LEU C 16 53.12 65.39 -26.53
CA LEU C 16 53.15 64.59 -27.75
C LEU C 16 52.68 65.39 -28.94
N ASP C 17 51.55 66.07 -28.82
CA ASP C 17 51.05 66.79 -29.98
C ASP C 17 51.95 67.95 -30.37
N GLU C 18 52.44 68.73 -29.40
CA GLU C 18 53.37 69.81 -29.74
C GLU C 18 54.58 69.26 -30.46
N ALA C 19 55.09 68.13 -29.99
CA ALA C 19 56.23 67.50 -30.64
C ALA C 19 55.89 67.07 -32.05
N ILE C 20 54.75 66.40 -32.26
CA ILE C 20 54.45 65.97 -33.62
C ILE C 20 54.22 67.14 -34.58
N GLN C 21 53.68 68.26 -34.09
CA GLN C 21 53.61 69.42 -34.96
C GLN C 21 54.98 69.94 -35.32
N ALA C 22 55.81 70.23 -34.31
CA ALA C 22 57.14 70.74 -34.59
C ALA C 22 57.91 69.79 -35.49
N VAL C 23 57.73 68.49 -35.29
CA VAL C 23 58.29 67.48 -36.17
C VAL C 23 57.82 67.67 -37.59
N LYS C 24 56.52 67.84 -37.79
CA LYS C 24 56.04 68.01 -39.16
C LYS C 24 56.58 69.26 -39.78
N VAL C 25 56.78 70.30 -38.97
CA VAL C 25 57.40 71.53 -39.43
C VAL C 25 58.82 71.25 -39.86
N GLN C 26 59.54 70.55 -39.03
CA GLN C 26 60.93 70.31 -39.29
C GLN C 26 61.10 69.36 -40.48
N SER C 27 60.21 68.39 -40.62
CA SER C 27 60.28 67.46 -41.76
C SER C 27 59.89 68.16 -43.04
N PHE C 28 59.18 69.27 -42.89
CA PHE C 28 58.95 70.17 -43.99
C PHE C 28 60.28 70.82 -44.36
N GLN C 29 61.00 71.31 -43.34
CA GLN C 29 62.29 71.89 -43.61
C GLN C 29 63.29 70.86 -44.16
N MET C 30 63.07 69.58 -43.89
CA MET C 30 63.88 68.55 -44.54
C MET C 30 63.58 68.53 -46.02
N LYS C 31 62.31 68.33 -46.38
CA LYS C 31 62.00 68.25 -47.80
C LYS C 31 62.33 69.53 -48.58
N ARG C 32 62.08 70.71 -48.00
CA ARG C 32 62.57 71.96 -48.61
C ARG C 32 64.07 71.92 -48.90
N CYS C 33 64.89 71.54 -47.91
CA CYS C 33 66.33 71.49 -48.12
C CYS C 33 66.75 70.39 -49.08
N LEU C 34 66.04 69.27 -49.05
CA LEU C 34 66.30 68.19 -49.98
C LEU C 34 65.97 68.58 -51.42
N ASP C 35 64.96 69.44 -51.59
CA ASP C 35 64.68 69.98 -52.92
C ASP C 35 65.78 70.90 -53.40
N LYS C 36 66.21 71.84 -52.56
CA LYS C 36 67.25 72.79 -52.95
C LYS C 36 68.66 72.28 -52.70
N ASN C 37 68.81 71.00 -52.34
CA ASN C 37 70.11 70.38 -52.15
C ASN C 37 70.87 71.01 -50.98
N LYS C 38 70.17 71.46 -49.95
CA LYS C 38 70.83 72.03 -48.78
C LYS C 38 70.84 70.96 -47.69
N LEU C 39 71.79 70.04 -47.81
CA LEU C 39 71.84 68.89 -46.92
C LEU C 39 72.11 69.34 -45.49
N MET C 40 73.17 70.12 -45.29
CA MET C 40 73.55 70.53 -43.94
C MET C 40 72.46 71.34 -43.25
N ASP C 41 71.67 72.09 -44.03
CA ASP C 41 70.52 72.77 -43.44
C ASP C 41 69.44 71.77 -43.02
N ALA C 42 69.24 70.70 -43.78
CA ALA C 42 68.32 69.66 -43.34
C ALA C 42 68.81 68.97 -42.07
N LEU C 43 70.12 68.66 -42.02
CA LEU C 43 70.74 68.02 -40.85
C LEU C 43 70.78 68.91 -39.62
N LYS C 44 70.74 70.23 -39.79
CA LYS C 44 70.66 71.13 -38.64
C LYS C 44 69.29 70.99 -37.99
N HIS C 45 68.29 70.81 -38.84
CA HIS C 45 66.93 70.58 -38.38
C HIS C 45 66.81 69.17 -37.81
N ALA C 46 67.48 68.18 -38.43
CA ALA C 46 67.57 66.84 -37.85
C ALA C 46 68.07 66.94 -36.41
N SER C 47 69.05 67.80 -36.18
CA SER C 47 69.53 68.05 -34.82
C SER C 47 68.40 68.65 -33.99
N ASN C 48 67.64 69.56 -34.59
CA ASN C 48 66.51 70.18 -33.91
C ASN C 48 65.43 69.16 -33.54
N MET C 49 65.13 68.20 -34.43
CA MET C 49 64.24 67.12 -34.02
C MET C 49 64.79 66.38 -32.82
N LEU C 50 66.06 65.98 -32.88
CA LEU C 50 66.56 65.22 -31.75
C LEU C 50 66.60 66.03 -30.46
N GLY C 51 66.70 67.35 -30.53
CA GLY C 51 66.51 68.12 -29.31
C GLY C 51 65.18 67.82 -28.66
N GLU C 52 64.17 67.50 -29.47
CA GLU C 52 62.83 67.16 -28.97
C GLU C 52 62.85 65.86 -28.21
N LEU C 53 63.79 64.99 -28.54
CA LEU C 53 64.01 63.73 -27.86
C LEU C 53 64.64 63.88 -26.50
N ARG C 54 64.98 65.11 -26.11
CA ARG C 54 65.59 65.26 -24.80
C ARG C 54 64.54 65.22 -23.71
N THR C 55 63.27 65.27 -24.09
CA THR C 55 62.16 65.18 -23.15
C THR C 55 62.20 63.85 -22.41
N SER C 56 61.71 63.87 -21.17
CA SER C 56 61.56 62.67 -20.36
C SER C 56 60.12 62.34 -20.02
N MET C 57 59.16 63.20 -20.36
CA MET C 57 57.78 63.01 -19.93
C MET C 57 57.01 62.01 -20.78
N LEU C 58 57.48 61.69 -21.98
CA LEU C 58 56.70 60.89 -22.92
C LEU C 58 56.73 59.42 -22.52
N SER C 59 55.75 58.67 -23.01
CA SER C 59 55.75 57.23 -22.80
C SER C 59 56.66 56.53 -23.79
N PRO C 60 57.11 55.32 -23.45
CA PRO C 60 57.87 54.52 -24.43
C PRO C 60 57.13 54.36 -25.73
N LYS C 61 55.82 54.19 -25.66
CA LYS C 61 55.02 54.09 -26.88
C LYS C 61 55.03 55.42 -27.60
N SER C 62 54.78 56.50 -26.87
CA SER C 62 54.82 57.82 -27.47
C SER C 62 56.17 58.05 -28.12
N TYR C 63 57.24 57.79 -27.39
CA TYR C 63 58.55 57.91 -28.00
C TYR C 63 58.62 57.05 -29.25
N TYR C 64 58.11 55.82 -29.17
CA TYR C 64 58.07 54.94 -30.32
C TYR C 64 57.35 55.50 -31.53
N GLU C 65 56.20 56.11 -31.33
CA GLU C 65 55.48 56.68 -32.46
C GLU C 65 56.26 57.84 -33.08
N LEU C 66 56.73 58.76 -32.23
CA LEU C 66 57.54 59.86 -32.75
C LEU C 66 58.79 59.36 -33.45
N TYR C 67 59.44 58.34 -32.88
CA TYR C 67 60.61 57.74 -33.50
C TYR C 67 60.26 57.18 -34.86
N MET C 68 59.17 56.42 -34.97
CA MET C 68 58.82 55.82 -36.25
C MET C 68 58.56 56.89 -37.29
N ALA C 69 57.93 57.98 -36.87
CA ALA C 69 57.76 59.13 -37.75
C ALA C 69 59.10 59.67 -38.22
N ILE C 70 60.01 59.91 -37.29
CA ILE C 70 61.26 60.49 -37.70
C ILE C 70 62.09 59.50 -38.50
N SER C 71 62.06 58.23 -38.13
CA SER C 71 62.78 57.21 -38.89
C SER C 71 62.27 57.03 -40.31
N ASP C 72 60.96 56.95 -40.50
CA ASP C 72 60.47 56.75 -41.86
C ASP C 72 60.76 57.96 -42.73
N GLU C 73 60.68 59.17 -42.16
CA GLU C 73 61.07 60.31 -43.00
C GLU C 73 62.57 60.35 -43.26
N LEU C 74 63.38 60.05 -42.24
CA LEU C 74 64.82 59.98 -42.44
C LEU C 74 65.24 58.97 -43.49
N HIS C 75 64.47 57.91 -43.73
CA HIS C 75 64.86 57.02 -44.81
C HIS C 75 64.80 57.71 -46.15
N TYR C 76 63.83 58.61 -46.34
CA TYR C 76 63.75 59.35 -47.59
C TYR C 76 64.97 60.22 -47.77
N LEU C 77 65.49 60.74 -46.67
CA LEU C 77 66.75 61.46 -46.69
C LEU C 77 67.90 60.50 -46.98
N GLU C 78 67.88 59.34 -46.35
CA GLU C 78 68.95 58.36 -46.54
C GLU C 78 69.07 57.91 -47.98
N VAL C 79 67.93 57.61 -48.61
CA VAL C 79 67.94 57.23 -50.01
C VAL C 79 68.29 58.43 -50.88
N TYR C 80 67.87 59.63 -50.49
CA TYR C 80 68.29 60.83 -51.19
C TYR C 80 69.80 60.96 -51.25
N LEU C 81 70.44 60.87 -50.07
CA LEU C 81 71.90 60.95 -49.96
C LEU C 81 72.54 59.83 -50.75
N THR C 82 71.99 58.63 -50.61
CA THR C 82 72.56 57.48 -51.26
C THR C 82 72.58 57.72 -52.75
N ASP C 83 71.51 58.31 -53.27
CA ASP C 83 71.45 58.64 -54.68
C ASP C 83 72.52 59.68 -55.06
N GLU C 84 72.55 60.84 -54.39
CA GLU C 84 73.66 61.77 -54.67
C GLU C 84 75.00 61.07 -54.72
N PHE C 85 75.27 60.22 -53.75
CA PHE C 85 76.53 59.50 -53.76
C PHE C 85 76.57 58.53 -54.92
N ALA C 86 75.44 57.94 -55.25
CA ALA C 86 75.36 57.06 -56.41
C ALA C 86 75.51 57.86 -57.69
N LYS C 87 75.39 59.19 -57.59
CA LYS C 87 75.60 60.09 -58.72
C LYS C 87 77.06 60.52 -58.90
N GLY C 88 78.00 60.01 -58.10
CA GLY C 88 79.39 60.38 -58.25
C GLY C 88 79.84 61.56 -57.41
N ARG C 89 78.90 62.28 -56.79
CA ARG C 89 79.23 63.44 -55.97
C ARG C 89 79.64 62.97 -54.57
N LYS C 90 80.86 62.42 -54.51
CA LYS C 90 81.40 61.88 -53.28
C LYS C 90 82.23 62.92 -52.55
N VAL C 91 81.90 63.15 -51.29
CA VAL C 91 82.64 64.09 -50.45
C VAL C 91 83.38 63.31 -49.38
N ALA C 92 84.68 63.54 -49.28
CA ALA C 92 85.46 62.91 -48.23
C ALA C 92 85.29 63.69 -46.93
N ASP C 93 86.15 63.37 -45.96
CA ASP C 93 86.32 64.17 -44.74
C ASP C 93 85.04 64.28 -43.92
N LEU C 94 84.15 63.33 -44.11
CA LEU C 94 82.83 63.34 -43.49
C LEU C 94 82.89 63.08 -41.99
N TYR C 95 83.84 62.23 -41.57
CA TYR C 95 84.03 61.93 -40.15
C TYR C 95 84.25 63.15 -39.26
N GLU C 96 85.10 64.09 -39.65
CA GLU C 96 85.20 65.26 -38.79
C GLU C 96 83.91 66.08 -38.84
N LEU C 97 83.36 66.31 -40.03
CA LEU C 97 82.24 67.25 -40.17
C LEU C 97 81.04 66.79 -39.36
N VAL C 98 80.73 65.50 -39.39
CA VAL C 98 79.61 65.01 -38.61
C VAL C 98 79.83 65.18 -37.12
N GLN C 99 81.09 65.26 -36.68
CA GLN C 99 81.37 65.52 -35.27
C GLN C 99 81.07 66.96 -34.87
N TYR C 100 80.75 67.83 -35.82
CA TYR C 100 80.44 69.22 -35.46
C TYR C 100 79.14 69.34 -34.68
N ALA C 101 78.18 68.45 -34.92
CA ALA C 101 76.92 68.49 -34.20
C ALA C 101 77.16 68.46 -32.70
N GLY C 102 76.49 69.36 -31.99
CA GLY C 102 76.73 69.45 -30.55
C GLY C 102 76.22 68.23 -29.80
N ASN C 103 75.09 67.68 -30.23
CA ASN C 103 74.52 66.50 -29.61
C ASN C 103 75.15 65.25 -30.19
N ILE C 104 75.41 64.29 -29.31
CA ILE C 104 76.11 63.05 -29.69
C ILE C 104 75.26 62.25 -30.65
N ILE C 105 73.94 62.30 -30.46
CA ILE C 105 72.98 61.55 -31.23
C ILE C 105 73.02 61.96 -32.70
N PRO C 106 72.86 63.24 -33.06
CA PRO C 106 73.04 63.57 -34.48
C PRO C 106 74.38 63.14 -35.04
N ARG C 107 75.50 63.35 -34.32
CA ARG C 107 76.79 62.95 -34.88
C ARG C 107 76.78 61.47 -35.25
N LEU C 108 76.34 60.62 -34.33
CA LEU C 108 76.44 59.18 -34.55
C LEU C 108 75.41 58.67 -35.55
N TYR C 109 74.22 59.27 -35.57
CA TYR C 109 73.25 58.98 -36.62
C TYR C 109 73.84 59.32 -37.98
N LEU C 110 74.56 60.43 -38.04
CA LEU C 110 75.22 60.79 -39.29
C LEU C 110 76.27 59.74 -39.62
N LEU C 111 77.04 59.30 -38.63
CA LEU C 111 78.07 58.31 -38.91
C LEU C 111 77.48 57.03 -39.48
N ILE C 112 76.41 56.50 -38.90
CA ILE C 112 75.79 55.29 -39.46
C ILE C 112 75.25 55.50 -40.87
N THR C 113 74.49 56.58 -41.06
CA THR C 113 73.93 56.84 -42.38
C THR C 113 74.98 56.95 -43.47
N VAL C 114 76.01 57.79 -43.25
CA VAL C 114 77.03 57.90 -44.28
C VAL C 114 77.88 56.63 -44.39
N GLY C 115 78.10 55.94 -43.27
CA GLY C 115 78.88 54.71 -43.30
C GLY C 115 78.33 53.71 -44.28
N VAL C 116 77.03 53.43 -44.19
CA VAL C 116 76.46 52.46 -45.11
C VAL C 116 76.58 52.94 -46.55
N VAL C 117 76.49 54.26 -46.75
CA VAL C 117 76.72 54.84 -48.06
C VAL C 117 78.13 54.54 -48.55
N TYR C 118 79.12 54.69 -47.67
CA TYR C 118 80.49 54.32 -48.04
C TYR C 118 80.57 52.85 -48.37
N VAL C 119 79.81 52.02 -47.66
CA VAL C 119 79.86 50.58 -47.90
C VAL C 119 79.36 50.25 -49.30
N LYS C 120 78.23 50.83 -49.70
CA LYS C 120 77.78 50.62 -51.07
C LYS C 120 78.77 51.20 -52.07
N SER C 121 79.18 52.44 -51.87
CA SER C 121 80.05 53.07 -52.85
C SER C 121 81.46 52.52 -52.79
N PHE C 122 81.88 52.03 -51.62
CA PHE C 122 83.23 51.50 -51.44
C PHE C 122 83.14 50.13 -50.78
N PRO C 123 82.87 49.10 -51.57
CA PRO C 123 82.80 47.74 -51.01
C PRO C 123 84.09 47.30 -50.35
N GLN C 124 85.23 47.84 -50.77
CA GLN C 124 86.50 47.55 -50.10
C GLN C 124 86.43 47.93 -48.63
N SER C 125 85.64 48.93 -48.30
CA SER C 125 85.53 49.38 -46.93
C SER C 125 84.48 48.64 -46.12
N ARG C 126 83.80 47.63 -46.67
CA ARG C 126 82.60 47.12 -46.01
C ARG C 126 82.97 46.51 -44.67
N LYS C 127 83.96 45.62 -44.67
CA LYS C 127 84.41 44.97 -43.45
C LYS C 127 84.80 46.00 -42.40
N ASP C 128 85.60 46.96 -42.82
CA ASP C 128 86.13 47.96 -41.89
C ASP C 128 85.00 48.83 -41.34
N ILE C 129 84.08 49.25 -42.19
CA ILE C 129 83.01 50.12 -41.76
C ILE C 129 82.09 49.39 -40.79
N LEU C 130 81.74 48.14 -41.08
CA LEU C 130 80.90 47.40 -40.15
C LEU C 130 81.57 47.23 -38.79
N LYS C 131 82.83 46.79 -38.77
CA LYS C 131 83.52 46.68 -37.49
C LYS C 131 83.57 48.04 -36.81
N ASP C 132 83.69 49.12 -37.59
CA ASP C 132 83.70 50.46 -37.03
C ASP C 132 82.39 50.79 -36.37
N LEU C 133 81.30 50.59 -37.08
CA LEU C 133 80.01 51.00 -36.55
C LEU C 133 79.66 50.21 -35.30
N VAL C 134 79.91 48.90 -35.33
CA VAL C 134 79.64 48.09 -34.14
C VAL C 134 80.47 48.57 -32.97
N GLU C 135 81.72 48.98 -33.22
CA GLU C 135 82.58 49.45 -32.14
C GLU C 135 82.18 50.88 -31.71
N MET C 136 81.80 51.74 -32.66
CA MET C 136 81.41 53.12 -32.38
C MET C 136 80.12 53.20 -31.61
N CYS C 137 79.34 52.13 -31.56
CA CYS C 137 78.14 52.15 -30.73
C CYS C 137 78.42 52.25 -29.23
N ARG C 138 79.66 52.03 -28.78
CA ARG C 138 80.00 52.26 -27.39
C ARG C 138 79.70 53.68 -26.90
N GLY C 139 79.54 54.64 -27.80
CA GLY C 139 79.12 55.97 -27.40
C GLY C 139 77.79 56.02 -26.66
N VAL C 140 76.85 55.17 -27.03
CA VAL C 140 75.47 55.28 -26.54
C VAL C 140 75.36 54.41 -25.31
N GLN C 141 74.60 54.91 -24.31
CA GLN C 141 74.39 54.18 -23.07
C GLN C 141 72.93 54.23 -22.61
N HIS C 142 72.10 55.12 -23.15
CA HIS C 142 70.69 55.21 -22.78
C HIS C 142 69.82 54.13 -23.42
N PRO C 143 69.02 53.42 -22.64
CA PRO C 143 68.27 52.29 -23.20
C PRO C 143 67.33 52.61 -24.37
N LEU C 144 66.46 53.61 -24.26
CA LEU C 144 65.47 53.83 -25.31
C LEU C 144 66.11 54.32 -26.60
N ARG C 145 66.86 55.41 -26.52
CA ARG C 145 67.47 55.96 -27.73
C ARG C 145 68.49 54.99 -28.30
N GLY C 146 69.22 54.29 -27.44
CA GLY C 146 70.15 53.28 -27.92
C GLY C 146 69.44 52.19 -28.70
N LEU C 147 68.32 51.71 -28.15
CA LEU C 147 67.48 50.73 -28.82
C LEU C 147 67.04 51.23 -30.18
N PHE C 148 66.53 52.45 -30.23
CA PHE C 148 66.03 52.98 -31.49
C PHE C 148 67.15 53.15 -32.50
N LEU C 149 68.34 53.48 -32.00
CA LEU C 149 69.53 53.51 -32.83
C LEU C 149 69.82 52.14 -33.41
N ARG C 150 69.88 51.15 -32.55
CA ARG C 150 70.20 49.81 -32.95
C ARG C 150 69.12 49.21 -33.82
N ASN C 151 67.90 49.75 -33.75
CA ASN C 151 66.88 49.41 -34.72
C ASN C 151 67.26 49.97 -36.08
N TYR C 152 67.65 51.23 -36.13
CA TYR C 152 68.14 51.77 -37.39
C TYR C 152 69.30 50.95 -37.91
N LEU C 153 70.17 50.51 -37.00
CA LEU C 153 71.26 49.62 -37.34
C LEU C 153 70.74 48.34 -37.97
N LEU C 154 69.74 47.73 -37.35
CA LEU C 154 69.23 46.44 -37.79
C LEU C 154 68.59 46.53 -39.15
N GLN C 155 67.93 47.64 -39.42
CA GLN C 155 67.31 47.77 -40.73
C GLN C 155 68.37 48.10 -41.78
N CYS C 156 69.30 49.00 -41.47
CA CYS C 156 70.43 49.25 -42.36
C CYS C 156 71.22 47.99 -42.65
N THR C 157 71.55 47.23 -41.61
CA THR C 157 72.35 46.03 -41.79
C THR C 157 71.50 44.84 -42.17
N ARG C 158 70.20 45.06 -42.32
CA ARG C 158 69.30 43.95 -42.64
C ARG C 158 69.73 43.28 -43.93
N ASN C 159 70.35 44.03 -44.82
CA ASN C 159 70.57 43.54 -46.17
C ASN C 159 72.04 43.54 -46.56
N ILE C 160 72.85 44.40 -45.94
CA ILE C 160 74.24 44.53 -46.36
C ILE C 160 75.15 43.61 -45.57
N LEU C 161 74.64 42.94 -44.56
CA LEU C 161 75.45 42.00 -43.81
C LEU C 161 75.84 40.83 -44.70
N PRO C 162 77.03 40.28 -44.51
CA PRO C 162 77.44 39.10 -45.26
C PRO C 162 76.48 37.94 -45.03
N ASP C 163 76.39 37.08 -46.04
CA ASP C 163 75.48 35.94 -46.03
C ASP C 163 75.92 35.00 -47.14
N GLU C 164 75.18 33.90 -47.29
CA GLU C 164 75.48 32.91 -48.31
C GLU C 164 75.04 33.39 -49.69
N GLY C 165 73.96 34.15 -49.76
CA GLY C 165 73.52 34.70 -51.04
C GLY C 165 74.01 36.10 -51.32
N GLU C 166 75.27 36.39 -51.00
CA GLU C 166 75.85 37.66 -51.44
C GLU C 166 76.86 37.40 -52.55
N PRO C 167 77.03 38.35 -53.46
CA PRO C 167 78.13 38.25 -54.43
C PRO C 167 79.48 38.29 -53.71
N THR C 168 80.36 37.37 -54.10
CA THR C 168 81.71 37.32 -53.53
C THR C 168 82.62 38.21 -54.37
N ASP C 169 82.38 39.51 -54.26
CA ASP C 169 83.09 40.54 -55.03
C ASP C 169 84.38 40.92 -54.30
N GLU C 170 85.50 40.80 -55.01
CA GLU C 170 86.83 40.98 -54.41
C GLU C 170 87.06 42.40 -53.94
N GLU C 171 86.11 43.29 -54.20
CA GLU C 171 86.07 44.58 -53.56
C GLU C 171 85.29 44.54 -52.27
N THR C 172 84.16 43.85 -52.25
CA THR C 172 83.37 43.73 -51.04
C THR C 172 84.19 43.06 -49.94
N THR C 173 83.99 43.54 -48.71
CA THR C 173 84.70 43.02 -47.54
C THR C 173 83.72 42.67 -46.43
N GLY C 174 84.11 41.73 -45.58
CA GLY C 174 83.25 41.26 -44.49
C GLY C 174 82.65 39.89 -44.76
N ASP C 175 82.61 39.04 -43.74
CA ASP C 175 82.14 37.67 -43.89
C ASP C 175 81.03 37.34 -42.88
N ILE C 176 80.57 36.10 -42.93
CA ILE C 176 79.60 35.59 -41.97
C ILE C 176 80.13 35.69 -40.55
N SER C 177 81.42 35.42 -40.37
CA SER C 177 82.02 35.52 -39.04
C SER C 177 81.89 36.93 -38.50
N ASP C 178 81.97 37.92 -39.38
CA ASP C 178 81.78 39.28 -38.93
C ASP C 178 80.35 39.53 -38.51
N SER C 179 79.39 39.01 -39.27
CA SER C 179 77.99 39.12 -38.88
C SER C 179 77.70 38.46 -37.54
N MET C 180 78.25 37.26 -37.31
CA MET C 180 78.04 36.56 -36.04
C MET C 180 78.64 37.34 -34.87
N ASP C 181 79.87 37.81 -35.02
CA ASP C 181 80.46 38.63 -33.97
C ASP C 181 79.66 39.90 -33.73
N PHE C 182 79.16 40.49 -34.82
CA PHE C 182 78.34 41.70 -34.75
C PHE C 182 77.11 41.49 -33.88
N VAL C 183 76.36 40.42 -34.19
CA VAL C 183 75.09 40.19 -33.50
C VAL C 183 75.30 39.71 -32.07
N LEU C 184 76.30 38.86 -31.82
CA LEU C 184 76.55 38.46 -30.44
C LEU C 184 76.89 39.67 -29.58
N LEU C 185 77.62 40.62 -30.17
CA LEU C 185 77.96 41.84 -29.45
C LEU C 185 76.74 42.70 -29.21
N ASN C 186 75.97 42.96 -30.26
CA ASN C 186 74.74 43.73 -30.11
C ASN C 186 73.82 43.08 -29.08
N PHE C 187 73.79 41.75 -29.02
CA PHE C 187 73.03 41.07 -27.98
C PHE C 187 73.52 41.42 -26.59
N ALA C 188 74.80 41.26 -26.35
CA ALA C 188 75.32 41.53 -25.02
C ALA C 188 75.08 42.98 -24.62
N GLU C 189 75.16 43.88 -25.59
CA GLU C 189 74.99 45.30 -25.32
C GLU C 189 73.55 45.65 -25.03
N MET C 190 72.64 45.13 -25.82
CA MET C 190 71.24 45.39 -25.60
C MET C 190 70.75 44.79 -24.28
N ASN C 191 71.15 43.56 -23.98
CA ASN C 191 70.74 43.03 -22.68
C ASN C 191 71.31 43.79 -21.52
N LYS C 192 72.57 44.22 -21.58
CA LYS C 192 73.07 45.06 -20.51
C LYS C 192 72.24 46.31 -20.31
N LEU C 193 72.02 47.09 -21.37
CA LEU C 193 71.21 48.29 -21.21
C LEU C 193 69.81 47.96 -20.73
N TRP C 194 69.23 46.92 -21.29
CA TRP C 194 67.87 46.52 -20.99
C TRP C 194 67.71 46.06 -19.56
N VAL C 195 68.63 45.26 -19.08
CA VAL C 195 68.58 44.87 -17.69
C VAL C 195 68.83 46.05 -16.79
N ARG C 196 69.71 46.99 -17.17
CA ARG C 196 69.86 48.15 -16.29
C ARG C 196 68.55 48.88 -16.17
N MET C 197 67.75 48.85 -17.23
CA MET C 197 66.43 49.44 -17.15
C MET C 197 65.59 48.80 -16.06
N GLN C 198 65.84 47.54 -15.73
CA GLN C 198 65.09 46.93 -14.64
C GLN C 198 65.23 47.64 -13.31
N HIS C 199 66.43 48.06 -12.96
CA HIS C 199 66.65 48.59 -11.63
C HIS C 199 66.65 50.11 -11.62
N GLN C 200 66.53 50.72 -12.79
CA GLN C 200 66.52 52.16 -12.86
C GLN C 200 65.13 52.68 -12.51
N GLY C 201 65.09 53.87 -11.93
CA GLY C 201 63.86 54.41 -11.42
C GLY C 201 63.51 53.75 -10.10
N HIS C 202 62.32 54.06 -9.60
CA HIS C 202 61.91 53.52 -8.32
C HIS C 202 61.33 52.12 -8.45
N SER C 203 61.47 51.36 -7.37
CA SER C 203 60.97 50.00 -7.27
C SER C 203 59.46 49.93 -7.32
N ARG C 204 58.77 51.05 -7.16
CA ARG C 204 57.32 51.05 -7.18
C ARG C 204 56.76 50.95 -8.59
N ASP C 205 57.62 50.98 -9.60
CA ASP C 205 57.20 50.85 -10.99
C ASP C 205 57.47 49.45 -11.53
N ARG C 206 57.29 48.43 -10.70
CA ARG C 206 57.57 47.07 -11.16
C ARG C 206 56.64 46.67 -12.29
N GLU C 207 55.36 47.02 -12.18
CA GLU C 207 54.41 46.70 -13.23
C GLU C 207 54.62 47.58 -14.46
N LYS C 208 55.02 48.83 -14.24
CA LYS C 208 55.31 49.68 -15.39
C LYS C 208 56.54 49.20 -16.11
N ARG C 209 57.60 48.88 -15.36
CA ARG C 209 58.80 48.38 -15.99
C ARG C 209 58.54 47.10 -16.78
N GLU C 210 57.96 46.08 -16.13
CA GLU C 210 57.67 44.83 -16.84
C GLU C 210 56.73 44.99 -18.05
N ARG C 211 55.80 45.93 -18.00
CA ARG C 211 54.99 46.26 -19.17
C ARG C 211 55.85 46.87 -20.26
N GLU C 212 56.70 47.81 -19.86
CA GLU C 212 57.63 48.49 -20.75
C GLU C 212 58.58 47.48 -21.39
N ARG C 213 59.10 46.56 -20.57
CA ARG C 213 59.94 45.49 -21.07
C ARG C 213 59.21 44.67 -22.11
N GLN C 214 57.95 44.33 -21.81
CA GLN C 214 57.16 43.60 -22.78
C GLN C 214 57.07 44.36 -24.08
N GLU C 215 56.90 45.68 -23.98
CA GLU C 215 56.85 46.51 -25.16
C GLU C 215 58.14 46.44 -25.96
N LEU C 216 59.28 46.47 -25.29
CA LEU C 216 60.49 46.49 -26.10
C LEU C 216 60.95 45.11 -26.49
N ARG C 217 60.23 44.10 -26.02
CA ARG C 217 60.65 42.74 -26.27
C ARG C 217 60.78 42.45 -27.75
N ILE C 218 59.92 43.06 -28.56
CA ILE C 218 59.99 42.87 -30.00
C ILE C 218 61.29 43.40 -30.56
N LEU C 219 61.81 44.47 -29.97
CA LEU C 219 63.08 45.04 -30.39
C LEU C 219 64.16 43.99 -30.25
N VAL C 220 64.09 43.25 -29.17
CA VAL C 220 65.05 42.20 -28.91
C VAL C 220 64.88 41.07 -29.91
N GLY C 221 63.64 40.66 -30.15
CA GLY C 221 63.44 39.52 -31.03
C GLY C 221 63.77 39.77 -32.49
N THR C 222 63.63 41.02 -32.93
CA THR C 222 64.02 41.35 -34.30
C THR C 222 65.48 41.01 -34.62
N ASN C 223 66.38 41.09 -33.65
CA ASN C 223 67.74 40.65 -33.90
C ASN C 223 67.80 39.17 -34.30
N LEU C 224 67.04 38.33 -33.61
CA LEU C 224 67.04 36.92 -33.97
C LEU C 224 66.35 36.72 -35.30
N VAL C 225 65.30 37.47 -35.55
CA VAL C 225 64.68 37.43 -36.86
C VAL C 225 65.75 37.70 -37.92
N ARG C 226 66.61 38.68 -37.65
CA ARG C 226 67.69 39.01 -38.58
C ARG C 226 68.66 37.87 -38.73
N LEU C 227 68.93 37.19 -37.63
CA LEU C 227 69.80 36.03 -37.70
C LEU C 227 69.19 34.93 -38.52
N SER C 228 67.88 34.77 -38.44
CA SER C 228 67.23 33.73 -39.23
C SER C 228 67.17 34.01 -40.72
N GLN C 229 67.07 35.27 -41.16
CA GLN C 229 67.08 35.33 -42.63
C GLN C 229 68.46 35.07 -43.18
N LEU C 230 69.47 35.03 -42.32
CA LEU C 230 70.83 34.82 -42.80
C LEU C 230 70.97 33.41 -43.33
N GLU C 231 71.14 33.32 -44.65
CA GLU C 231 71.45 32.05 -45.29
C GLU C 231 72.69 31.45 -44.67
N GLY C 232 73.69 32.29 -44.39
CA GLY C 232 74.92 31.84 -43.79
C GLY C 232 74.74 31.20 -42.44
N VAL C 233 73.55 31.31 -41.88
CA VAL C 233 73.25 30.58 -40.67
C VAL C 233 73.01 29.15 -41.12
N ASN C 234 74.09 28.39 -41.20
CA ASN C 234 73.99 26.97 -41.50
C ASN C 234 74.05 26.17 -40.20
N VAL C 235 73.76 24.89 -40.33
CA VAL C 235 73.70 24.01 -39.17
C VAL C 235 75.07 23.85 -38.52
N GLU C 236 76.14 23.87 -39.32
CA GLU C 236 77.46 23.63 -38.76
C GLU C 236 77.97 24.80 -37.93
N ARG C 237 77.69 26.02 -38.35
CA ARG C 237 78.06 27.15 -37.52
C ARG C 237 77.20 27.20 -36.26
N TYR C 238 75.91 26.92 -36.43
CA TYR C 238 75.01 26.84 -35.30
C TYR C 238 75.45 25.81 -34.28
N LYS C 239 75.79 24.61 -34.74
CA LYS C 239 76.27 23.58 -33.83
C LYS C 239 77.54 24.03 -33.10
N GLN C 240 78.57 24.46 -33.82
CA GLN C 240 79.79 24.60 -33.02
C GLN C 240 79.88 25.92 -32.32
N ILE C 241 79.63 27.00 -33.04
CA ILE C 241 80.01 28.32 -32.60
C ILE C 241 78.79 29.14 -32.23
N VAL C 242 77.79 29.17 -33.10
CA VAL C 242 76.70 30.11 -32.94
C VAL C 242 75.91 29.77 -31.69
N LEU C 243 75.38 28.55 -31.63
CA LEU C 243 74.60 28.16 -30.48
C LEU C 243 75.43 28.11 -29.20
N THR C 244 76.67 27.63 -29.29
CA THR C 244 77.51 27.67 -28.10
C THR C 244 77.68 29.07 -27.54
N GLY C 245 77.90 30.06 -28.42
CA GLY C 245 78.01 31.44 -28.00
C GLY C 245 76.74 32.00 -27.40
N ILE C 246 75.64 31.73 -28.08
CA ILE C 246 74.37 32.29 -27.65
C ILE C 246 74.03 31.71 -26.31
N LEU C 247 74.19 30.41 -26.15
CA LEU C 247 73.86 29.81 -24.88
C LEU C 247 74.74 30.31 -23.74
N GLU C 248 76.01 30.70 -23.97
CA GLU C 248 76.67 31.24 -22.78
C GLU C 248 76.07 32.56 -22.33
N GLN C 249 75.77 33.47 -23.27
CA GLN C 249 75.18 34.71 -22.71
C GLN C 249 73.81 34.45 -22.15
N VAL C 250 73.02 33.62 -22.82
CA VAL C 250 71.64 33.40 -22.42
C VAL C 250 71.58 32.79 -21.03
N VAL C 251 72.30 31.70 -20.83
CA VAL C 251 72.29 31.05 -19.54
C VAL C 251 72.90 31.96 -18.48
N ASN C 252 73.87 32.78 -18.86
CA ASN C 252 74.52 33.57 -17.83
C ASN C 252 73.73 34.82 -17.47
N CYS C 253 72.69 35.17 -18.23
CA CYS C 253 71.92 36.32 -17.78
C CYS C 253 71.08 36.01 -16.55
N ARG C 254 70.86 34.73 -16.24
CA ARG C 254 70.24 34.27 -14.99
C ARG C 254 68.98 35.05 -14.63
N ASP C 255 68.17 35.36 -15.63
CA ASP C 255 66.91 36.07 -15.46
C ASP C 255 65.81 35.08 -15.83
N ALA C 256 64.55 35.50 -15.78
CA ALA C 256 63.50 34.61 -16.25
C ALA C 256 62.72 35.22 -17.41
N LEU C 257 62.38 36.50 -17.31
CA LEU C 257 61.62 37.16 -18.36
C LEU C 257 62.36 37.15 -19.70
N ALA C 258 63.63 37.53 -19.67
CA ALA C 258 64.42 37.55 -20.89
C ALA C 258 64.69 36.16 -21.42
N GLN C 259 65.19 35.29 -20.55
CA GLN C 259 65.48 33.92 -20.96
C GLN C 259 64.26 33.31 -21.63
N GLU C 260 63.10 33.46 -21.00
CA GLU C 260 61.87 32.88 -21.53
C GLU C 260 61.51 33.48 -22.88
N TYR C 261 61.53 34.81 -22.99
CA TYR C 261 61.20 35.40 -24.28
C TYR C 261 62.16 34.93 -25.36
N LEU C 262 63.45 34.99 -25.08
CA LEU C 262 64.44 34.69 -26.10
C LEU C 262 64.31 33.24 -26.49
N MET C 263 64.03 32.38 -25.52
CA MET C 263 63.88 30.96 -25.78
C MET C 263 62.65 30.66 -26.59
N GLU C 264 61.56 31.38 -26.37
CA GLU C 264 60.43 31.23 -27.26
C GLU C 264 60.79 31.64 -28.66
N CYS C 265 61.50 32.75 -28.79
CA CYS C 265 61.92 33.21 -30.09
C CYS C 265 62.82 32.16 -30.74
N ILE C 266 63.66 31.53 -29.93
CA ILE C 266 64.51 30.42 -30.36
C ILE C 266 63.67 29.31 -30.95
N ILE C 267 62.73 28.82 -30.14
CA ILE C 267 61.87 27.73 -30.58
C ILE C 267 61.32 28.05 -31.95
N GLN C 268 60.74 29.23 -32.07
CA GLN C 268 60.13 29.63 -33.32
C GLN C 268 61.16 29.70 -34.44
N VAL C 269 62.34 30.24 -34.15
CA VAL C 269 63.25 30.64 -35.21
C VAL C 269 64.07 29.49 -35.74
N PHE C 270 64.56 28.61 -34.88
CA PHE C 270 65.54 27.82 -35.64
C PHE C 270 64.85 26.68 -36.37
N PRO C 271 65.46 26.15 -37.42
CA PRO C 271 64.89 25.00 -38.08
C PRO C 271 65.14 23.76 -37.25
N ASP C 272 64.35 22.73 -37.55
CA ASP C 272 64.64 21.43 -36.98
C ASP C 272 65.96 20.90 -37.49
N GLU C 273 66.41 21.39 -38.65
CA GLU C 273 67.76 21.01 -39.06
C GLU C 273 68.76 21.39 -37.99
N PHE C 274 68.60 22.57 -37.40
CA PHE C 274 69.52 22.99 -36.37
C PHE C 274 69.26 22.28 -35.05
N HIS C 275 67.98 22.13 -34.72
CA HIS C 275 67.60 21.52 -33.46
C HIS C 275 67.99 20.06 -33.34
N LEU C 276 67.88 19.29 -34.40
CA LEU C 276 68.23 17.88 -34.24
C LEU C 276 69.72 17.71 -34.00
N GLN C 277 70.55 18.51 -34.65
CA GLN C 277 71.93 18.34 -34.28
C GLN C 277 72.28 19.01 -32.97
N THR C 278 71.43 19.90 -32.46
CA THR C 278 71.88 20.57 -31.26
C THR C 278 70.89 20.52 -30.11
N LEU C 279 70.09 19.47 -29.98
CA LEU C 279 69.11 19.55 -28.91
C LEU C 279 69.76 19.40 -27.55
N ASN C 280 70.51 18.31 -27.41
CA ASN C 280 71.15 17.95 -26.16
C ASN C 280 72.23 18.91 -25.63
N PRO C 281 73.08 19.51 -26.45
CA PRO C 281 73.92 20.59 -25.90
C PRO C 281 73.04 21.71 -25.41
N PHE C 282 72.08 22.00 -26.25
CA PHE C 282 71.11 23.03 -25.99
C PHE C 282 70.28 22.65 -24.78
N LEU C 283 70.04 21.36 -24.59
CA LEU C 283 69.24 20.92 -23.45
C LEU C 283 70.04 20.91 -22.16
N ARG C 284 71.34 20.59 -22.20
CA ARG C 284 72.10 20.83 -20.98
C ARG C 284 72.05 22.29 -20.63
N ALA C 285 72.10 23.16 -21.64
CA ALA C 285 71.97 24.58 -21.34
C ALA C 285 70.62 24.88 -20.73
N CYS C 286 69.59 24.25 -21.27
CA CYS C 286 68.25 24.43 -20.78
C CYS C 286 68.15 24.06 -19.29
N ALA C 287 68.85 23.02 -18.89
CA ALA C 287 68.81 22.57 -17.50
C ALA C 287 69.38 23.51 -16.44
N GLU C 288 70.35 24.37 -16.73
CA GLU C 288 70.83 25.19 -15.61
C GLU C 288 70.02 26.46 -15.39
N LEU C 289 68.89 26.63 -16.07
CA LEU C 289 68.35 27.95 -16.16
C LEU C 289 67.74 28.41 -14.84
N HIS C 290 67.43 29.71 -14.80
CA HIS C 290 66.95 30.37 -13.61
C HIS C 290 65.65 29.74 -13.12
N GLN C 291 65.46 29.77 -11.79
CA GLN C 291 64.36 29.03 -11.18
C GLN C 291 63.00 29.65 -11.48
N ASN C 292 62.89 30.98 -11.55
CA ASN C 292 61.58 31.64 -11.54
C ASN C 292 60.84 31.53 -12.87
N VAL C 293 61.43 30.90 -13.87
CA VAL C 293 60.90 30.92 -15.23
C VAL C 293 59.87 29.81 -15.41
N ASN C 294 58.87 30.06 -16.25
CA ASN C 294 58.00 29.01 -16.77
C ASN C 294 58.75 28.25 -17.85
N VAL C 295 58.94 26.96 -17.59
CA VAL C 295 59.68 26.09 -18.50
C VAL C 295 58.73 25.19 -19.26
N LYS C 296 57.62 24.80 -18.63
CA LYS C 296 56.57 24.07 -19.32
C LYS C 296 56.25 24.68 -20.66
N ASN C 297 56.03 25.98 -20.70
CA ASN C 297 55.68 26.61 -21.96
C ASN C 297 56.82 26.51 -22.97
N ILE C 298 58.05 26.52 -22.47
CA ILE C 298 59.20 26.34 -23.33
C ILE C 298 59.18 24.94 -23.92
N ILE C 299 59.07 23.97 -23.03
CA ILE C 299 59.11 22.57 -23.40
C ILE C 299 58.00 22.24 -24.35
N ILE C 300 56.80 22.74 -24.09
CA ILE C 300 55.67 22.48 -24.99
C ILE C 300 55.96 23.05 -26.36
N ALA C 301 56.45 24.29 -26.45
CA ALA C 301 56.77 24.82 -27.77
C ALA C 301 57.75 23.92 -28.48
N LEU C 302 58.72 23.38 -27.74
CA LEU C 302 59.69 22.45 -28.32
C LEU C 302 59.01 21.19 -28.77
N ILE C 303 58.15 20.68 -27.90
CA ILE C 303 57.39 19.49 -28.18
C ILE C 303 56.54 19.68 -29.42
N ASP C 304 55.86 20.80 -29.52
CA ASP C 304 55.08 21.10 -30.71
C ASP C 304 55.92 21.09 -31.98
N ARG C 305 57.15 21.62 -31.91
CA ARG C 305 57.94 21.64 -33.13
C ARG C 305 58.49 20.26 -33.47
N LEU C 306 58.92 19.52 -32.48
CA LEU C 306 59.39 18.17 -32.77
C LEU C 306 58.24 17.26 -33.13
N ALA C 307 57.03 17.59 -32.66
CA ALA C 307 55.82 16.87 -33.03
C ALA C 307 55.47 17.10 -34.49
N LEU C 308 55.50 18.35 -34.93
CA LEU C 308 55.27 18.57 -36.34
C LEU C 308 56.38 17.95 -37.14
N PHE C 309 57.53 17.67 -36.52
CA PHE C 309 58.56 16.90 -37.20
C PHE C 309 58.29 15.41 -37.21
N ALA C 310 57.70 14.87 -36.16
CA ALA C 310 57.43 13.44 -36.12
C ALA C 310 56.43 13.05 -37.19
N HIS C 311 55.33 13.78 -37.27
CA HIS C 311 54.36 13.48 -38.32
C HIS C 311 54.67 14.22 -39.61
N ARG C 312 55.86 14.79 -39.73
CA ARG C 312 56.25 15.46 -40.96
C ARG C 312 56.79 14.42 -41.94
N GLU C 313 56.17 14.34 -43.11
CA GLU C 313 56.57 13.43 -44.16
C GLU C 313 57.61 14.13 -45.06
N ASP C 314 58.18 13.35 -46.00
CA ASP C 314 59.28 13.81 -46.85
C ASP C 314 60.43 14.37 -46.01
N GLY C 315 60.74 13.69 -44.92
CA GLY C 315 61.85 14.07 -44.07
C GLY C 315 62.44 12.86 -43.39
N PRO C 316 63.71 12.97 -42.97
CA PRO C 316 64.41 11.79 -42.46
C PRO C 316 63.78 11.22 -41.21
N GLY C 317 63.01 12.01 -40.48
CA GLY C 317 62.49 11.54 -39.23
C GLY C 317 63.60 11.47 -38.21
N ILE C 318 63.35 10.71 -37.16
CA ILE C 318 64.27 10.58 -36.03
C ILE C 318 65.14 9.35 -36.29
N PRO C 319 66.46 9.51 -36.38
CA PRO C 319 67.33 8.34 -36.44
C PRO C 319 67.13 7.46 -35.21
N ALA C 320 67.18 6.15 -35.43
CA ALA C 320 66.86 5.20 -34.36
C ALA C 320 67.89 5.23 -33.25
N ASP C 321 69.14 5.55 -33.57
CA ASP C 321 70.19 5.51 -32.55
C ASP C 321 69.97 6.58 -31.48
N ILE C 322 69.45 7.73 -31.86
CA ILE C 322 69.16 8.80 -30.92
C ILE C 322 67.76 8.62 -30.36
N LYS C 323 67.66 7.98 -29.20
CA LYS C 323 66.33 7.74 -28.64
C LYS C 323 65.90 9.02 -27.94
N LEU C 324 65.28 9.89 -28.74
CA LEU C 324 64.92 11.22 -28.31
C LEU C 324 64.05 11.18 -27.06
N PHE C 325 62.99 10.37 -27.07
CA PHE C 325 62.04 10.36 -25.97
C PHE C 325 62.72 10.01 -24.67
N ASP C 326 63.59 9.02 -24.68
CA ASP C 326 64.29 8.66 -23.47
C ASP C 326 65.18 9.80 -23.00
N ILE C 327 65.73 10.54 -23.95
CA ILE C 327 66.59 11.67 -23.62
C ILE C 327 65.78 12.75 -22.92
N PHE C 328 64.77 13.25 -23.60
CA PHE C 328 63.98 14.31 -23.00
C PHE C 328 63.34 13.82 -21.71
N SER C 329 62.88 12.58 -21.67
CA SER C 329 62.30 12.04 -20.45
C SER C 329 63.29 12.17 -19.31
N GLN C 330 64.51 11.75 -19.53
CA GLN C 330 65.51 11.77 -18.47
C GLN C 330 65.89 13.20 -18.13
N GLN C 331 65.87 14.09 -19.12
CA GLN C 331 66.30 15.44 -18.81
C GLN C 331 65.20 16.16 -18.07
N VAL C 332 63.97 16.03 -18.55
CA VAL C 332 62.81 16.57 -17.87
C VAL C 332 62.73 16.07 -16.44
N ALA C 333 62.97 14.78 -16.25
CA ALA C 333 63.04 14.22 -14.90
C ALA C 333 64.05 14.95 -14.06
N THR C 334 65.23 15.18 -14.60
CA THR C 334 66.27 15.91 -13.86
C THR C 334 65.86 17.35 -13.61
N VAL C 335 65.19 17.95 -14.57
CA VAL C 335 64.73 19.31 -14.42
C VAL C 335 63.70 19.40 -13.32
N ILE C 336 62.79 18.43 -13.28
CA ILE C 336 61.79 18.42 -12.23
C ILE C 336 62.47 18.24 -10.89
N GLN C 337 63.49 17.40 -10.86
CA GLN C 337 64.24 17.27 -9.62
C GLN C 337 64.80 18.63 -9.25
N SER C 338 65.25 19.38 -10.25
CA SER C 338 65.80 20.70 -10.03
C SER C 338 64.72 21.67 -9.59
N ARG C 339 63.48 21.39 -9.92
CA ARG C 339 62.42 22.31 -9.56
C ARG C 339 62.06 22.18 -8.09
N GLN C 340 61.70 23.31 -7.49
CA GLN C 340 61.53 23.39 -6.05
C GLN C 340 60.18 22.84 -5.61
N ASP C 341 59.10 23.52 -5.97
CA ASP C 341 57.76 23.01 -5.73
C ASP C 341 56.93 23.37 -6.96
N MET C 342 56.94 22.51 -7.95
CA MET C 342 56.20 22.79 -9.16
C MET C 342 54.90 22.01 -9.17
N PRO C 343 53.77 22.65 -9.47
CA PRO C 343 52.47 22.00 -9.27
C PRO C 343 52.34 20.69 -10.02
N SER C 344 51.75 19.70 -9.33
CA SER C 344 51.65 18.36 -9.89
C SER C 344 50.79 18.33 -11.14
N GLU C 345 49.76 19.16 -11.17
CA GLU C 345 48.95 19.31 -12.37
C GLU C 345 49.82 19.68 -13.56
N ASP C 346 50.84 20.51 -13.32
CA ASP C 346 51.71 20.92 -14.41
C ASP C 346 52.56 19.75 -14.89
N VAL C 347 53.05 18.94 -13.95
CA VAL C 347 53.78 17.73 -14.32
C VAL C 347 52.93 16.85 -15.20
N VAL C 348 51.64 16.76 -14.90
CA VAL C 348 50.76 15.92 -15.71
C VAL C 348 50.43 16.54 -17.05
N SER C 349 50.25 17.85 -17.09
CA SER C 349 50.09 18.50 -18.39
C SER C 349 51.30 18.22 -19.28
N LEU C 350 52.47 18.07 -18.66
CA LEU C 350 53.67 17.70 -19.39
C LEU C 350 53.66 16.23 -19.80
N GLN C 351 53.16 15.40 -18.89
CA GLN C 351 52.99 13.98 -19.18
C GLN C 351 52.06 13.74 -20.35
N VAL C 352 51.05 14.59 -20.51
CA VAL C 352 50.12 14.47 -21.63
C VAL C 352 50.84 14.64 -22.96
N SER C 353 51.71 15.65 -23.05
CA SER C 353 52.43 15.84 -24.29
C SER C 353 53.47 14.76 -24.50
N LEU C 354 54.03 14.26 -23.42
CA LEU C 354 54.92 13.12 -23.57
C LEU C 354 54.20 11.90 -24.07
N ILE C 355 52.96 11.71 -23.66
CA ILE C 355 52.14 10.67 -24.25
C ILE C 355 51.90 10.91 -25.73
N ASN C 356 51.23 12.01 -26.07
CA ASN C 356 50.95 12.29 -27.47
C ASN C 356 52.14 12.09 -28.39
N LEU C 357 53.26 12.61 -27.93
CA LEU C 357 54.53 12.45 -28.64
C LEU C 357 54.97 11.02 -28.79
N ALA C 358 55.09 10.28 -27.69
CA ALA C 358 55.56 8.91 -27.84
C ALA C 358 54.64 8.12 -28.75
N MET C 359 53.33 8.37 -28.67
CA MET C 359 52.40 7.66 -29.53
C MET C 359 52.59 8.03 -30.99
N LYS C 360 52.66 9.32 -31.30
CA LYS C 360 52.67 9.72 -32.69
C LYS C 360 54.04 9.62 -33.34
N CYS C 361 55.11 9.80 -32.58
CA CYS C 361 56.45 9.73 -33.13
C CYS C 361 57.05 8.35 -33.01
N TYR C 362 56.67 7.58 -32.00
CA TYR C 362 57.17 6.21 -31.84
C TYR C 362 55.98 5.30 -31.59
N PRO C 363 55.11 5.13 -32.60
CA PRO C 363 53.97 4.23 -32.42
C PRO C 363 54.39 2.82 -32.08
N ASP C 364 55.49 2.37 -32.68
CA ASP C 364 56.03 1.04 -32.46
C ASP C 364 56.14 0.66 -30.99
N ARG C 365 56.70 1.55 -30.19
CA ARG C 365 57.12 1.19 -28.83
C ARG C 365 56.08 1.60 -27.81
N VAL C 366 55.12 0.70 -27.58
CA VAL C 366 54.15 0.86 -26.52
C VAL C 366 54.84 0.74 -25.16
N ASP C 367 55.80 -0.18 -25.08
CA ASP C 367 56.58 -0.39 -23.86
C ASP C 367 57.14 0.90 -23.29
N TYR C 368 57.44 1.86 -24.15
CA TYR C 368 57.83 3.17 -23.67
C TYR C 368 56.70 3.80 -22.89
N VAL C 369 55.52 3.80 -23.49
CA VAL C 369 54.35 4.36 -22.84
C VAL C 369 54.14 3.67 -21.49
N ASP C 370 54.40 2.38 -21.43
CA ASP C 370 54.31 1.70 -20.15
C ASP C 370 55.40 2.15 -19.20
N LYS C 371 56.60 2.39 -19.68
CA LYS C 371 57.60 2.88 -18.75
C LYS C 371 57.20 4.24 -18.21
N VAL C 372 56.51 5.01 -19.03
CA VAL C 372 55.98 6.29 -18.62
C VAL C 372 54.87 6.14 -17.59
N LEU C 373 53.91 5.25 -17.84
CA LEU C 373 52.81 5.06 -16.88
C LEU C 373 53.30 4.55 -15.55
N GLU C 374 54.26 3.65 -15.60
CA GLU C 374 54.92 3.18 -14.40
C GLU C 374 55.66 4.29 -13.67
N THR C 375 56.31 5.18 -14.40
CA THR C 375 57.01 6.27 -13.73
C THR C 375 56.08 7.31 -13.16
N THR C 376 55.00 7.58 -13.86
CA THR C 376 53.96 8.43 -13.31
C THR C 376 53.45 7.84 -12.02
N VAL C 377 53.23 6.53 -12.01
CA VAL C 377 52.83 5.83 -10.80
C VAL C 377 53.81 6.09 -9.66
N GLU C 378 55.12 5.90 -9.88
CA GLU C 378 56.05 6.20 -8.78
C GLU C 378 55.90 7.64 -8.30
N ILE C 379 55.60 8.55 -9.22
CA ILE C 379 55.37 9.94 -8.82
C ILE C 379 54.17 10.03 -7.88
N PHE C 380 53.04 9.48 -8.31
CA PHE C 380 51.83 9.48 -7.48
C PHE C 380 52.03 8.77 -6.14
N ASN C 381 52.84 7.71 -6.13
CA ASN C 381 53.11 7.02 -4.88
C ASN C 381 53.95 7.90 -3.99
N LYS C 382 54.94 8.55 -4.56
CA LYS C 382 55.80 9.45 -3.80
C LYS C 382 54.98 10.59 -3.21
N LEU C 383 54.04 11.11 -3.99
CA LEU C 383 53.11 12.12 -3.47
C LEU C 383 52.02 11.45 -2.64
N ASN C 384 52.17 11.45 -1.32
CA ASN C 384 51.16 10.86 -0.44
C ASN C 384 50.00 11.84 -0.26
N LEU C 385 49.19 11.93 -1.30
CA LEU C 385 48.10 12.90 -1.34
C LEU C 385 46.76 12.21 -1.15
N GLU C 386 45.84 12.90 -0.49
CA GLU C 386 44.46 12.43 -0.37
C GLU C 386 43.75 12.50 -1.72
N HIS C 387 42.59 11.82 -1.81
CA HIS C 387 41.79 11.80 -3.04
C HIS C 387 41.59 13.17 -3.63
N ILE C 388 41.44 13.19 -4.95
CA ILE C 388 41.46 14.42 -5.73
C ILE C 388 40.06 15.03 -5.69
N ALA C 389 39.98 16.28 -5.25
CA ALA C 389 38.70 16.94 -5.17
C ALA C 389 38.12 17.16 -6.56
N THR C 390 36.80 17.30 -6.60
CA THR C 390 36.12 17.49 -7.87
C THR C 390 36.59 18.76 -8.56
N SER C 391 36.99 19.77 -7.78
CA SER C 391 37.54 20.97 -8.37
C SER C 391 38.94 20.75 -8.93
N SER C 392 39.68 19.79 -8.37
CA SER C 392 41.11 19.80 -8.57
C SER C 392 41.49 19.61 -10.03
N ALA C 393 42.32 20.53 -10.51
CA ALA C 393 42.84 20.48 -11.87
C ALA C 393 43.63 19.22 -12.10
N VAL C 394 44.17 18.65 -11.03
CA VAL C 394 44.93 17.41 -11.16
C VAL C 394 44.06 16.32 -11.74
N SER C 395 42.84 16.15 -11.24
CA SER C 395 41.97 15.14 -11.80
C SER C 395 41.64 15.42 -13.26
N LYS C 396 41.35 16.68 -13.57
CA LYS C 396 41.12 17.12 -14.94
C LYS C 396 42.23 16.65 -15.85
N GLU C 397 43.47 16.85 -15.42
CA GLU C 397 44.63 16.53 -16.24
C GLU C 397 44.83 15.04 -16.31
N LEU C 398 44.72 14.35 -15.19
CA LEU C 398 44.87 12.90 -15.21
C LEU C 398 43.85 12.28 -16.16
N THR C 399 42.66 12.86 -16.22
CA THR C 399 41.67 12.46 -17.21
C THR C 399 42.16 12.73 -18.61
N ARG C 400 42.63 13.95 -18.85
CA ARG C 400 43.12 14.31 -20.17
C ARG C 400 44.29 13.46 -20.57
N LEU C 401 45.11 13.07 -19.61
CA LEU C 401 46.22 12.16 -19.79
C LEU C 401 45.77 10.79 -20.25
N LEU C 402 44.84 10.20 -19.50
CA LEU C 402 44.41 8.84 -19.77
C LEU C 402 43.68 8.74 -21.09
N LYS C 403 42.96 9.78 -21.49
CA LYS C 403 42.27 9.74 -22.76
C LYS C 403 43.19 9.62 -23.96
N ILE C 404 44.46 10.02 -23.87
CA ILE C 404 45.25 9.97 -25.10
C ILE C 404 45.37 8.51 -25.48
N PRO C 405 45.77 7.62 -24.58
CA PRO C 405 45.66 6.19 -24.95
C PRO C 405 44.25 5.81 -25.34
N VAL C 406 43.26 6.30 -24.59
CA VAL C 406 41.87 5.96 -24.84
C VAL C 406 41.40 6.50 -26.18
N ASP C 407 41.74 7.73 -26.48
CA ASP C 407 41.25 8.29 -27.73
C ASP C 407 42.08 7.78 -28.89
N THR C 408 43.35 7.60 -28.65
CA THR C 408 44.30 7.28 -29.67
C THR C 408 44.30 5.79 -29.95
N TYR C 409 44.72 5.00 -28.98
CA TYR C 409 44.71 3.56 -29.18
C TYR C 409 43.31 3.04 -29.35
N ASN C 410 43.00 2.65 -30.58
CA ASN C 410 41.76 1.97 -30.88
C ASN C 410 41.75 0.59 -30.24
N ASN C 411 42.93 0.05 -29.94
CA ASN C 411 43.10 -1.28 -29.36
C ASN C 411 43.00 -1.21 -27.84
N ILE C 412 42.01 -1.88 -27.27
CA ILE C 412 41.75 -1.68 -25.85
C ILE C 412 42.32 -2.79 -25.00
N LEU C 413 42.60 -3.95 -25.59
CA LEU C 413 43.34 -4.98 -24.86
C LEU C 413 44.64 -4.47 -24.29
N THR C 414 45.37 -3.66 -25.06
CA THR C 414 46.64 -3.19 -24.55
C THR C 414 46.43 -2.32 -23.33
N VAL C 415 45.31 -1.60 -23.29
CA VAL C 415 44.99 -0.82 -22.12
C VAL C 415 44.73 -1.77 -20.98
N LEU C 416 44.05 -2.85 -21.29
CA LEU C 416 43.73 -3.84 -20.30
C LEU C 416 44.99 -4.54 -19.86
N LYS C 417 46.01 -4.53 -20.72
CA LYS C 417 47.33 -4.99 -20.35
C LYS C 417 48.07 -3.98 -19.50
N LEU C 418 47.61 -2.74 -19.44
CA LEU C 418 48.19 -1.79 -18.50
C LEU C 418 47.73 -2.13 -17.10
N LYS C 419 48.64 -2.67 -16.29
CA LYS C 419 48.24 -3.05 -14.94
C LYS C 419 47.95 -1.82 -14.11
N HIS C 420 48.73 -0.77 -14.28
CA HIS C 420 48.62 0.44 -13.48
C HIS C 420 47.49 1.32 -13.93
N PHE C 421 46.82 0.95 -15.01
CA PHE C 421 45.74 1.78 -15.47
C PHE C 421 44.63 1.83 -14.43
N HIS C 422 44.45 0.74 -13.71
CA HIS C 422 43.44 0.76 -12.68
C HIS C 422 43.97 1.42 -11.41
N PRO C 423 45.18 1.09 -10.94
CA PRO C 423 45.64 1.68 -9.68
C PRO C 423 45.67 3.20 -9.64
N LEU C 424 45.86 3.87 -10.76
CA LEU C 424 45.76 5.32 -10.78
C LEU C 424 44.38 5.82 -10.42
N PHE C 425 43.38 4.98 -10.63
CA PHE C 425 41.99 5.30 -10.32
C PHE C 425 41.79 5.61 -8.85
N GLU C 426 42.58 4.98 -7.99
CA GLU C 426 42.59 5.27 -6.56
C GLU C 426 42.46 6.75 -6.26
N TYR C 427 43.19 7.59 -6.98
CA TYR C 427 43.25 8.98 -6.55
C TYR C 427 41.97 9.71 -6.87
N PHE C 428 41.15 9.15 -7.76
CA PHE C 428 39.84 9.70 -7.99
C PHE C 428 39.00 9.61 -6.73
N ASP C 429 38.28 10.69 -6.43
CA ASP C 429 37.31 10.65 -5.36
C ASP C 429 36.04 9.94 -5.83
N TYR C 430 35.19 9.56 -4.87
CA TYR C 430 34.04 8.72 -5.19
C TYR C 430 33.10 9.35 -6.20
N GLU C 431 32.79 10.63 -6.05
CA GLU C 431 31.95 11.25 -7.06
C GLU C 431 32.69 11.28 -8.38
N SER C 432 33.99 11.54 -8.30
CA SER C 432 34.83 11.68 -9.47
C SER C 432 35.19 10.31 -10.00
N ARG C 433 35.33 9.33 -9.10
CA ARG C 433 35.45 7.96 -9.57
C ARG C 433 34.25 7.59 -10.38
N LYS C 434 33.07 7.97 -9.91
CA LYS C 434 31.85 7.68 -10.65
C LYS C 434 31.78 8.40 -11.99
N SER C 435 32.04 9.70 -11.99
CA SER C 435 32.00 10.48 -13.22
C SER C 435 33.05 10.07 -14.23
N MET C 436 34.30 9.91 -13.78
CA MET C 436 35.39 9.63 -14.68
C MET C 436 35.35 8.19 -15.15
N SER C 437 35.11 7.26 -14.25
CA SER C 437 34.97 5.87 -14.66
C SER C 437 33.84 5.71 -15.65
N CYS C 438 32.72 6.40 -15.43
CA CYS C 438 31.65 6.36 -16.41
C CYS C 438 32.10 6.90 -17.76
N TYR C 439 32.76 8.04 -17.76
CA TYR C 439 33.21 8.60 -19.03
C TYR C 439 34.20 7.72 -19.76
N VAL C 440 35.13 7.11 -19.02
CA VAL C 440 36.14 6.28 -19.63
C VAL C 440 35.53 5.00 -20.17
N LEU C 441 34.76 4.32 -19.33
CA LEU C 441 34.17 3.07 -19.77
C LEU C 441 33.24 3.33 -20.92
N SER C 442 32.54 4.47 -20.89
CA SER C 442 31.73 4.85 -22.03
C SER C 442 32.58 4.97 -23.27
N ASN C 443 33.82 5.46 -23.11
CA ASN C 443 34.66 5.59 -24.28
C ASN C 443 35.16 4.24 -24.75
N VAL C 444 35.39 3.33 -23.81
CA VAL C 444 35.82 1.98 -24.09
C VAL C 444 34.71 1.20 -24.76
N LEU C 445 33.49 1.68 -24.62
CA LEU C 445 32.33 1.12 -25.27
C LEU C 445 32.00 1.72 -26.62
N ASP C 446 32.11 3.03 -26.76
CA ASP C 446 31.80 3.65 -28.04
C ASP C 446 32.62 3.08 -29.20
N TYR C 447 33.85 2.65 -28.97
CA TYR C 447 34.46 1.70 -29.89
C TYR C 447 33.88 0.34 -29.57
N ASN C 448 33.25 -0.27 -30.57
CA ASN C 448 32.77 -1.62 -30.34
C ASN C 448 33.95 -2.52 -30.02
N THR C 449 33.75 -3.39 -29.06
CA THR C 449 34.79 -4.30 -28.63
C THR C 449 34.42 -5.71 -29.01
N GLU C 450 35.38 -6.45 -29.55
CA GLU C 450 35.19 -7.81 -29.99
C GLU C 450 35.54 -8.80 -28.88
N ILE C 451 35.74 -10.06 -29.26
CA ILE C 451 35.94 -11.17 -28.32
C ILE C 451 36.91 -10.82 -27.20
N VAL C 452 36.60 -11.30 -26.00
CA VAL C 452 37.37 -11.03 -24.79
C VAL C 452 37.70 -12.34 -24.11
N SER C 453 38.93 -12.46 -23.60
CA SER C 453 39.29 -13.68 -22.91
C SER C 453 38.78 -13.65 -21.48
N GLN C 454 38.81 -14.82 -20.84
CA GLN C 454 38.37 -14.96 -19.47
C GLN C 454 39.04 -13.94 -18.58
N ASP C 455 40.36 -13.84 -18.72
CA ASP C 455 41.11 -12.89 -17.92
C ASP C 455 40.71 -11.48 -18.26
N GLN C 456 40.38 -11.22 -19.49
CA GLN C 456 40.10 -9.84 -19.78
C GLN C 456 38.66 -9.57 -19.41
N VAL C 457 37.83 -10.61 -19.43
CA VAL C 457 36.52 -10.44 -18.87
C VAL C 457 36.65 -10.07 -17.42
N ASP C 458 37.57 -10.72 -16.73
CA ASP C 458 37.87 -10.38 -15.35
C ASP C 458 38.26 -8.91 -15.22
N SER C 459 39.20 -8.44 -16.04
CA SER C 459 39.65 -7.07 -15.83
C SER C 459 38.52 -6.11 -16.16
N ILE C 460 37.65 -6.54 -17.04
CA ILE C 460 36.47 -5.78 -17.41
C ILE C 460 35.51 -5.78 -16.25
N MET C 461 35.35 -6.94 -15.64
CA MET C 461 34.48 -7.05 -14.49
C MET C 461 34.97 -6.20 -13.34
N ASN C 462 36.27 -6.10 -13.16
CA ASN C 462 36.82 -5.17 -12.17
C ASN C 462 36.54 -3.73 -12.54
N LEU C 463 36.55 -3.43 -13.83
CA LEU C 463 36.20 -2.09 -14.24
C LEU C 463 34.73 -1.80 -14.00
N VAL C 464 33.88 -2.79 -14.21
CA VAL C 464 32.47 -2.59 -13.94
C VAL C 464 32.21 -2.46 -12.46
N SER C 465 32.87 -3.30 -11.67
CA SER C 465 32.66 -3.27 -10.24
C SER C 465 33.07 -1.92 -9.66
N THR C 466 34.08 -1.30 -10.26
CA THR C 466 34.40 0.04 -9.80
C THR C 466 33.46 1.07 -10.36
N LEU C 467 32.98 0.86 -11.57
CA LEU C 467 32.04 1.80 -12.17
C LEU C 467 30.70 1.85 -11.44
N ILE C 468 30.07 0.69 -11.31
CA ILE C 468 28.71 0.64 -10.77
C ILE C 468 28.68 0.87 -9.28
N GLN C 469 29.43 0.10 -8.52
CA GLN C 469 29.06 0.06 -7.12
C GLN C 469 30.13 -0.53 -6.21
N ASP C 470 30.70 0.31 -5.35
CA ASP C 470 31.10 -0.14 -4.04
C ASP C 470 30.03 0.42 -3.11
N GLN C 471 30.25 0.36 -1.81
CA GLN C 471 29.36 1.05 -0.90
C GLN C 471 29.49 2.54 -1.15
N PRO C 472 28.41 3.25 -1.45
CA PRO C 472 28.51 4.67 -1.77
C PRO C 472 29.21 5.44 -0.67
N ASP C 473 29.96 6.46 -1.09
CA ASP C 473 30.76 7.21 -0.13
C ASP C 473 29.89 7.76 0.98
N GLN C 474 28.82 8.43 0.62
CA GLN C 474 27.78 8.82 1.55
C GLN C 474 26.52 8.07 1.20
N PRO C 475 25.56 7.96 2.13
CA PRO C 475 24.33 7.25 1.80
C PRO C 475 23.71 7.94 0.60
N VAL C 476 23.84 7.31 -0.55
CA VAL C 476 23.89 8.03 -1.81
C VAL C 476 22.50 8.60 -2.08
N GLU C 477 22.44 9.92 -2.20
CA GLU C 477 21.20 10.63 -2.43
C GLU C 477 21.10 11.03 -3.90
N ASP C 478 20.01 10.63 -4.54
CA ASP C 478 19.92 10.64 -6.00
C ASP C 478 18.66 11.32 -6.51
N PRO C 479 18.72 12.58 -6.95
CA PRO C 479 17.60 13.12 -7.73
C PRO C 479 17.34 12.27 -8.95
N ASP C 480 18.42 11.79 -9.52
CA ASP C 480 18.53 10.89 -10.65
C ASP C 480 19.71 9.99 -10.37
N PRO C 481 19.47 8.74 -9.98
CA PRO C 481 20.59 7.88 -9.57
C PRO C 481 21.67 7.70 -10.63
N GLU C 482 21.31 7.71 -11.89
CA GLU C 482 22.30 7.74 -12.96
C GLU C 482 21.82 8.74 -13.99
N ASP C 483 22.36 8.61 -15.17
CA ASP C 483 21.45 8.71 -16.29
C ASP C 483 20.62 7.45 -16.23
N PHE C 484 19.38 7.58 -15.75
CA PHE C 484 18.71 6.52 -15.01
C PHE C 484 19.05 5.11 -15.49
N ALA C 485 19.33 4.91 -16.77
CA ALA C 485 19.58 3.56 -17.24
C ALA C 485 20.76 3.51 -18.20
N ASP C 486 21.68 4.43 -18.08
CA ASP C 486 22.74 4.65 -19.03
C ASP C 486 23.63 3.44 -19.30
N GLU C 487 23.39 2.30 -18.66
CA GLU C 487 24.30 1.18 -18.71
C GLU C 487 23.98 0.14 -19.79
N GLN C 488 23.06 0.43 -20.70
CA GLN C 488 22.64 -0.54 -21.73
C GLN C 488 23.80 -1.03 -22.54
N SER C 489 24.48 -0.10 -23.20
CA SER C 489 25.62 -0.41 -24.04
C SER C 489 26.59 -1.33 -23.35
N LEU C 490 26.75 -1.17 -22.04
CA LEU C 490 27.68 -2.05 -21.37
C LEU C 490 27.29 -3.50 -21.58
N VAL C 491 26.06 -3.83 -21.21
CA VAL C 491 25.61 -5.19 -21.39
C VAL C 491 25.55 -5.57 -22.86
N GLY C 492 25.22 -4.60 -23.72
CA GLY C 492 25.15 -4.89 -25.14
C GLY C 492 26.46 -5.45 -25.64
N ARG C 493 27.53 -4.71 -25.36
CA ARG C 493 28.89 -5.12 -25.71
C ARG C 493 29.25 -6.45 -25.08
N PHE C 494 29.02 -6.60 -23.77
CA PHE C 494 29.34 -7.88 -23.16
C PHE C 494 28.79 -8.99 -24.05
N ILE C 495 27.48 -8.94 -24.22
CA ILE C 495 26.75 -9.89 -25.03
C ILE C 495 27.36 -10.01 -26.41
N HIS C 496 27.77 -8.88 -26.96
CA HIS C 496 28.35 -8.89 -28.29
C HIS C 496 29.58 -9.76 -28.36
N LEU C 497 30.59 -9.42 -27.59
CA LEU C 497 31.83 -10.17 -27.65
C LEU C 497 31.67 -11.62 -27.21
N LEU C 498 30.68 -11.91 -26.36
CA LEU C 498 30.53 -13.29 -25.93
C LEU C 498 30.32 -14.28 -27.07
N ARG C 499 29.46 -13.95 -28.05
CA ARG C 499 29.19 -14.90 -29.12
C ARG C 499 30.40 -15.28 -29.97
N SER C 500 31.55 -14.68 -29.75
CA SER C 500 32.70 -15.04 -30.55
C SER C 500 33.60 -16.10 -29.93
N GLU C 501 33.57 -16.26 -28.62
CA GLU C 501 34.45 -17.24 -28.00
C GLU C 501 33.84 -18.64 -28.14
N ASP C 502 34.68 -19.67 -27.99
CA ASP C 502 34.18 -21.02 -28.20
C ASP C 502 33.33 -21.51 -27.02
N PRO C 503 32.36 -22.39 -27.30
CA PRO C 503 31.11 -22.44 -26.52
C PRO C 503 31.15 -22.76 -25.03
N ASP C 504 31.75 -23.88 -24.67
CA ASP C 504 31.78 -24.30 -23.27
C ASP C 504 32.50 -23.33 -22.37
N GLN C 505 33.40 -22.52 -22.91
CA GLN C 505 34.08 -21.57 -22.07
C GLN C 505 33.11 -20.46 -21.77
N GLN C 506 32.30 -20.13 -22.77
CA GLN C 506 31.34 -19.06 -22.65
C GLN C 506 30.42 -19.32 -21.49
N TYR C 507 29.92 -20.54 -21.38
CA TYR C 507 29.03 -20.89 -20.28
C TYR C 507 29.68 -20.53 -18.96
N LEU C 508 30.97 -20.82 -18.85
CA LEU C 508 31.71 -20.54 -17.63
C LEU C 508 31.79 -19.04 -17.42
N ILE C 509 32.08 -18.33 -18.49
CA ILE C 509 32.21 -16.89 -18.40
C ILE C 509 30.88 -16.30 -18.01
N LEU C 510 29.81 -16.89 -18.51
CA LEU C 510 28.48 -16.44 -18.20
C LEU C 510 28.19 -16.65 -16.75
N ASN C 511 28.73 -17.72 -16.18
CA ASN C 511 28.49 -17.98 -14.77
C ASN C 511 29.24 -16.95 -13.95
N THR C 512 30.44 -16.61 -14.40
CA THR C 512 31.21 -15.63 -13.66
C THR C 512 30.57 -14.27 -13.81
N ALA C 513 29.95 -14.05 -14.95
CA ALA C 513 29.24 -12.82 -15.16
C ALA C 513 28.09 -12.76 -14.20
N ARG C 514 27.51 -13.92 -13.93
CA ARG C 514 26.39 -13.95 -13.02
C ARG C 514 26.81 -13.54 -11.64
N LYS C 515 27.76 -14.26 -11.07
CA LYS C 515 28.22 -13.86 -9.74
C LYS C 515 28.64 -12.40 -9.70
N HIS C 516 29.37 -11.96 -10.72
CA HIS C 516 29.83 -10.59 -10.74
C HIS C 516 28.69 -9.60 -10.64
N PHE C 517 27.72 -9.69 -11.53
CA PHE C 517 26.64 -8.72 -11.39
C PHE C 517 25.75 -9.04 -10.21
N GLY C 518 25.76 -10.27 -9.71
CA GLY C 518 24.93 -10.57 -8.57
C GLY C 518 25.40 -9.71 -7.42
N ALA C 519 26.71 -9.49 -7.36
CA ALA C 519 27.30 -8.65 -6.33
C ALA C 519 27.25 -7.17 -6.73
N GLY C 520 26.61 -6.85 -7.86
CA GLY C 520 26.55 -5.48 -8.32
C GLY C 520 25.75 -4.54 -7.43
N GLY C 521 24.61 -5.00 -6.92
CA GLY C 521 23.73 -4.11 -6.17
C GLY C 521 22.36 -4.70 -5.92
N ASN C 522 21.33 -3.85 -5.88
CA ASN C 522 20.00 -4.34 -5.55
C ASN C 522 18.97 -4.04 -6.62
N GLN C 523 19.00 -2.84 -7.19
CA GLN C 523 18.05 -2.42 -8.20
C GLN C 523 18.63 -2.41 -9.61
N ARG C 524 19.76 -3.09 -9.79
CA ARG C 524 20.53 -3.06 -11.02
C ARG C 524 20.27 -4.27 -11.91
N ILE C 525 20.41 -5.45 -11.31
CA ILE C 525 20.51 -6.76 -11.94
C ILE C 525 19.24 -7.14 -12.69
N ARG C 526 18.19 -6.36 -12.43
CA ARG C 526 16.86 -6.56 -13.02
C ARG C 526 16.89 -6.38 -14.52
N PHE C 527 17.75 -5.52 -15.00
CA PHE C 527 17.92 -5.22 -16.40
C PHE C 527 19.06 -6.01 -17.01
N THR C 528 20.01 -6.39 -16.18
CA THR C 528 21.23 -7.06 -16.59
C THR C 528 21.02 -8.53 -16.91
N LEU C 529 20.29 -9.24 -16.08
CA LEU C 529 20.21 -10.65 -16.40
C LEU C 529 19.41 -11.09 -17.63
N PRO C 530 18.36 -10.40 -18.04
CA PRO C 530 17.62 -10.87 -19.21
C PRO C 530 18.57 -11.09 -20.37
N PRO C 531 19.43 -10.13 -20.70
CA PRO C 531 20.37 -10.36 -21.81
C PRO C 531 21.19 -11.61 -21.62
N LEU C 532 21.58 -11.88 -20.38
CA LEU C 532 22.36 -13.08 -20.10
C LEU C 532 21.54 -14.31 -20.45
N VAL C 533 20.25 -14.17 -20.28
CA VAL C 533 19.33 -15.24 -20.60
C VAL C 533 19.36 -15.47 -22.10
N PHE C 534 19.36 -14.37 -22.84
CA PHE C 534 19.41 -14.49 -24.28
C PHE C 534 20.73 -15.14 -24.70
N ALA C 535 21.76 -14.88 -23.91
CA ALA C 535 23.05 -15.50 -24.14
C ALA C 535 22.88 -17.00 -24.11
N ALA C 536 22.33 -17.47 -23.01
CA ALA C 536 22.10 -18.89 -22.85
C ALA C 536 21.46 -19.49 -24.09
N TYR C 537 20.39 -18.86 -24.57
CA TYR C 537 19.75 -19.41 -25.77
C TYR C 537 20.73 -19.55 -26.92
N GLN C 538 21.36 -18.45 -27.30
CA GLN C 538 22.28 -18.55 -28.42
C GLN C 538 23.34 -19.64 -28.20
N LEU C 539 23.80 -19.81 -26.96
CA LEU C 539 24.81 -20.85 -26.80
C LEU C 539 24.17 -22.20 -27.01
N ALA C 540 22.88 -22.27 -26.71
CA ALA C 540 22.13 -23.48 -26.90
C ALA C 540 22.07 -23.76 -28.38
N PHE C 541 22.05 -22.68 -29.15
CA PHE C 541 21.98 -22.79 -30.59
C PHE C 541 23.31 -23.27 -31.13
N ARG C 542 24.38 -22.81 -30.50
CA ARG C 542 25.71 -23.25 -30.91
C ARG C 542 25.86 -24.74 -30.69
N TYR C 543 25.28 -25.20 -29.59
CA TYR C 543 25.33 -26.62 -29.23
C TYR C 543 24.65 -27.46 -30.29
N LYS C 544 23.60 -26.91 -30.90
CA LYS C 544 22.91 -27.66 -31.95
C LYS C 544 23.75 -27.62 -33.20
N GLU C 545 24.36 -26.47 -33.46
CA GLU C 545 25.22 -26.39 -34.62
C GLU C 545 26.39 -27.36 -34.51
N ASN C 546 26.65 -27.86 -33.31
CA ASN C 546 27.70 -28.85 -33.09
C ASN C 546 27.09 -30.23 -32.85
N SER C 547 25.97 -30.51 -33.51
CA SER C 547 25.23 -31.73 -33.20
C SER C 547 25.73 -32.95 -33.94
N LYS C 548 26.78 -32.82 -34.76
CA LYS C 548 27.30 -33.97 -35.49
C LYS C 548 28.43 -34.70 -34.78
N VAL C 549 29.42 -33.99 -34.22
CA VAL C 549 30.53 -34.62 -33.53
C VAL C 549 30.23 -34.88 -32.05
N ASP C 550 29.11 -34.37 -31.54
CA ASP C 550 28.85 -34.37 -30.11
C ASP C 550 27.64 -35.24 -29.79
N ASP C 551 27.77 -35.99 -28.70
CA ASP C 551 26.66 -36.72 -28.11
C ASP C 551 26.35 -36.23 -26.71
N LYS C 552 27.35 -35.65 -26.04
CA LYS C 552 27.22 -35.12 -24.69
C LYS C 552 26.65 -33.72 -24.71
N TRP C 553 26.36 -33.24 -25.91
CA TRP C 553 25.57 -32.05 -26.07
C TRP C 553 24.29 -32.09 -25.26
N GLU C 554 23.68 -33.26 -25.09
CA GLU C 554 22.48 -33.26 -24.27
C GLU C 554 22.80 -32.99 -22.81
N LYS C 555 23.99 -33.40 -22.38
CA LYS C 555 24.38 -33.16 -21.00
C LYS C 555 24.74 -31.69 -20.86
N LYS C 556 25.37 -31.15 -21.90
CA LYS C 556 25.71 -29.76 -21.87
C LYS C 556 24.43 -28.96 -21.75
N CYS C 557 23.44 -29.37 -22.52
CA CYS C 557 22.15 -28.72 -22.48
C CYS C 557 21.53 -28.80 -21.10
N GLN C 558 21.61 -29.98 -20.47
CA GLN C 558 21.01 -30.12 -19.16
C GLN C 558 21.63 -29.15 -18.18
N LYS C 559 22.94 -29.00 -18.25
CA LYS C 559 23.55 -28.08 -17.33
C LYS C 559 23.19 -26.64 -17.64
N ILE C 560 23.19 -26.27 -18.91
CA ILE C 560 22.88 -24.87 -19.20
C ILE C 560 21.44 -24.52 -18.85
N PHE C 561 20.51 -25.45 -19.02
CA PHE C 561 19.16 -25.06 -18.64
C PHE C 561 19.02 -25.10 -17.17
N SER C 562 19.87 -25.86 -16.51
CA SER C 562 19.72 -25.88 -15.08
C SER C 562 20.30 -24.61 -14.50
N PHE C 563 21.30 -24.08 -15.18
CA PHE C 563 21.91 -22.86 -14.71
C PHE C 563 20.93 -21.74 -14.89
N ALA C 564 20.25 -21.76 -16.03
CA ALA C 564 19.29 -20.73 -16.29
C ALA C 564 18.16 -20.82 -15.26
N HIS C 565 17.70 -22.04 -14.96
CA HIS C 565 16.62 -22.16 -13.98
C HIS C 565 17.00 -21.51 -12.66
N GLN C 566 18.20 -21.73 -12.16
CA GLN C 566 18.52 -21.07 -10.89
C GLN C 566 18.53 -19.57 -11.07
N THR C 567 19.28 -19.09 -12.07
CA THR C 567 19.37 -17.67 -12.30
C THR C 567 17.99 -17.03 -12.36
N ILE C 568 17.07 -17.67 -13.08
CA ILE C 568 15.75 -17.09 -13.18
C ILE C 568 15.07 -17.10 -11.83
N SER C 569 15.19 -18.19 -11.09
CA SER C 569 14.55 -18.18 -9.77
C SER C 569 15.09 -17.05 -8.93
N ALA C 570 16.34 -16.66 -9.19
CA ALA C 570 16.92 -15.55 -8.46
C ALA C 570 16.14 -14.30 -8.77
N LEU C 571 15.85 -14.12 -10.05
CA LEU C 571 15.09 -12.98 -10.53
C LEU C 571 13.71 -13.02 -9.93
N ILE C 572 13.22 -14.21 -9.70
CA ILE C 572 11.91 -14.37 -9.12
C ILE C 572 11.93 -13.81 -7.73
N LYS C 573 13.01 -14.07 -7.00
CA LYS C 573 13.10 -13.51 -5.66
C LYS C 573 13.04 -12.00 -5.73
N ALA C 574 13.61 -11.42 -6.79
CA ALA C 574 13.59 -9.97 -6.95
C ALA C 574 12.18 -9.46 -7.17
N GLU C 575 11.21 -10.35 -7.12
CA GLU C 575 9.80 -10.01 -7.05
C GLU C 575 9.35 -9.18 -8.26
N LEU C 576 9.48 -9.77 -9.44
CA LEU C 576 8.83 -9.27 -10.64
C LEU C 576 8.11 -10.42 -11.34
N ALA C 577 7.04 -10.11 -12.05
CA ALA C 577 6.22 -11.20 -12.57
C ALA C 577 6.18 -11.31 -14.09
N GLU C 578 5.67 -10.27 -14.74
CA GLU C 578 5.45 -10.27 -16.18
C GLU C 578 6.69 -10.64 -16.98
N LEU C 579 7.74 -9.86 -16.82
CA LEU C 579 8.99 -10.11 -17.55
C LEU C 579 9.43 -11.53 -17.35
N PRO C 580 9.54 -12.03 -16.13
CA PRO C 580 9.96 -13.41 -15.96
C PRO C 580 9.05 -14.33 -16.71
N LEU C 581 7.75 -14.01 -16.81
CA LEU C 581 6.84 -14.88 -17.52
C LEU C 581 7.28 -15.03 -18.96
N ARG C 582 7.62 -13.94 -19.60
CA ARG C 582 8.10 -14.09 -20.97
C ARG C 582 9.41 -14.83 -21.00
N LEU C 583 10.26 -14.62 -20.01
CA LEU C 583 11.52 -15.32 -20.03
C LEU C 583 11.29 -16.81 -19.88
N PHE C 584 10.23 -17.17 -19.19
CA PHE C 584 9.91 -18.58 -19.04
C PHE C 584 9.41 -19.09 -20.35
N LEU C 585 8.67 -18.25 -21.05
CA LEU C 585 8.14 -18.67 -22.32
C LEU C 585 9.27 -19.01 -23.25
N GLN C 586 10.22 -18.10 -23.38
CA GLN C 586 11.36 -18.37 -24.24
C GLN C 586 12.12 -19.60 -23.80
N GLY C 587 12.31 -19.80 -22.49
CA GLY C 587 13.05 -20.97 -22.07
C GLY C 587 12.31 -22.24 -22.41
N ALA C 588 11.00 -22.21 -22.24
CA ALA C 588 10.20 -23.36 -22.57
C ALA C 588 10.36 -23.68 -24.05
N LEU C 589 10.19 -22.64 -24.87
CA LEU C 589 10.33 -22.81 -26.31
C LEU C 589 11.68 -23.41 -26.65
N ALA C 590 12.74 -22.88 -26.02
CA ALA C 590 14.08 -23.36 -26.30
C ALA C 590 14.18 -24.85 -26.03
N ALA C 591 13.76 -25.28 -24.85
CA ALA C 591 13.83 -26.69 -24.53
C ALA C 591 13.01 -27.52 -25.51
N GLY C 592 11.89 -26.96 -25.97
CA GLY C 592 11.05 -27.66 -26.92
C GLY C 592 11.78 -27.89 -28.21
N GLU C 593 12.37 -26.82 -28.73
CA GLU C 593 13.10 -26.88 -29.98
C GLU C 593 14.29 -27.83 -29.87
N ILE C 594 14.92 -27.89 -28.70
CA ILE C 594 16.09 -28.73 -28.57
C ILE C 594 15.68 -30.19 -28.58
N GLY C 595 14.55 -30.51 -27.95
CA GLY C 595 14.05 -31.86 -28.03
C GLY C 595 14.93 -32.90 -27.39
N PHE C 596 15.78 -32.51 -26.46
CA PHE C 596 16.63 -33.42 -25.72
C PHE C 596 15.79 -34.38 -24.89
N GLU C 597 16.43 -35.33 -24.22
CA GLU C 597 15.68 -36.20 -23.33
C GLU C 597 15.33 -35.40 -22.08
N ASN C 598 14.14 -35.63 -21.53
CA ASN C 598 13.68 -34.97 -20.32
C ASN C 598 13.18 -33.57 -20.66
N HIS C 599 13.25 -33.26 -21.95
CA HIS C 599 12.78 -31.98 -22.47
C HIS C 599 11.32 -31.73 -22.14
N GLU C 600 10.51 -32.79 -22.15
CA GLU C 600 9.09 -32.63 -21.86
C GLU C 600 8.92 -32.16 -20.43
N THR C 601 9.69 -32.75 -19.53
CA THR C 601 9.64 -32.39 -18.13
C THR C 601 10.01 -30.95 -17.96
N VAL C 602 11.02 -30.52 -18.70
CA VAL C 602 11.49 -29.15 -18.62
C VAL C 602 10.37 -28.21 -19.03
N ALA C 603 9.69 -28.53 -20.13
CA ALA C 603 8.60 -27.68 -20.56
C ALA C 603 7.54 -27.58 -19.48
N TYR C 604 7.31 -28.69 -18.79
CA TYR C 604 6.27 -28.64 -17.77
C TYR C 604 6.70 -27.77 -16.60
N GLU C 605 7.96 -27.78 -16.20
CA GLU C 605 8.22 -26.86 -15.09
C GLU C 605 8.00 -25.43 -15.57
N PHE C 606 8.52 -25.07 -16.75
CA PHE C 606 8.35 -23.65 -17.10
C PHE C 606 6.92 -23.26 -17.17
N MET C 607 6.08 -24.20 -17.51
CA MET C 607 4.71 -23.80 -17.58
C MET C 607 4.16 -23.65 -16.17
N SER C 608 4.33 -24.66 -15.33
CA SER C 608 3.74 -24.53 -14.00
C SER C 608 4.32 -23.40 -13.16
N GLN C 609 5.60 -23.07 -13.27
CA GLN C 609 6.02 -21.92 -12.47
C GLN C 609 5.35 -20.67 -13.01
N ALA C 610 5.21 -20.59 -14.33
CA ALA C 610 4.56 -19.40 -14.85
C ALA C 610 3.13 -19.34 -14.35
N PHE C 611 2.44 -20.47 -14.33
CA PHE C 611 1.08 -20.44 -13.85
C PHE C 611 1.04 -20.00 -12.42
N SER C 612 2.01 -20.47 -11.65
CA SER C 612 2.10 -20.14 -10.24
C SER C 612 2.19 -18.64 -10.08
N LEU C 613 3.05 -18.04 -10.88
CA LEU C 613 3.18 -16.61 -10.81
C LEU C 613 1.85 -15.97 -11.15
N TYR C 614 1.14 -16.54 -12.13
CA TYR C 614 -0.13 -15.95 -12.49
C TYR C 614 -1.08 -15.92 -11.30
N GLU C 615 -1.25 -17.04 -10.64
CA GLU C 615 -2.15 -17.08 -9.50
C GLU C 615 -1.67 -16.16 -8.41
N ASP C 616 -0.57 -16.51 -7.76
CA ASP C 616 -0.08 -15.68 -6.66
C ASP C 616 -0.06 -14.21 -7.03
N GLU C 617 0.75 -13.86 -8.01
CA GLU C 617 0.86 -12.45 -8.33
C GLU C 617 -0.19 -11.99 -9.33
N ILE C 618 -1.44 -11.96 -8.92
CA ILE C 618 -2.55 -11.47 -9.74
C ILE C 618 -3.15 -10.25 -9.03
N SER C 619 -3.17 -9.10 -9.72
CA SER C 619 -3.77 -7.90 -9.17
C SER C 619 -4.70 -7.14 -10.11
N ASP C 620 -4.38 -7.07 -11.40
CA ASP C 620 -5.11 -6.16 -12.29
C ASP C 620 -5.92 -6.90 -13.34
N SER C 621 -7.14 -6.41 -13.56
CA SER C 621 -7.98 -6.98 -14.61
C SER C 621 -7.27 -6.93 -15.96
N LYS C 622 -6.69 -5.78 -16.30
CA LYS C 622 -5.98 -5.69 -17.57
C LYS C 622 -4.84 -6.68 -17.56
N ALA C 623 -4.09 -6.69 -16.47
CA ALA C 623 -2.99 -7.62 -16.36
C ALA C 623 -3.53 -9.04 -16.44
N GLN C 624 -4.75 -9.26 -15.95
CA GLN C 624 -5.32 -10.59 -16.00
C GLN C 624 -5.50 -11.02 -17.44
N LEU C 625 -6.30 -10.24 -18.17
CA LEU C 625 -6.55 -10.51 -19.58
C LEU C 625 -5.28 -10.65 -20.40
N ALA C 626 -4.31 -9.79 -20.15
CA ALA C 626 -3.07 -9.83 -20.94
C ALA C 626 -2.28 -11.08 -20.63
N ALA C 627 -2.16 -11.41 -19.35
CA ALA C 627 -1.37 -12.56 -19.01
C ALA C 627 -2.03 -13.83 -19.49
N ILE C 628 -3.34 -13.92 -19.39
CA ILE C 628 -3.94 -15.15 -19.82
C ILE C 628 -3.99 -15.25 -21.32
N THR C 629 -4.11 -14.13 -22.01
CA THR C 629 -4.14 -14.23 -23.45
C THR C 629 -2.78 -14.59 -23.96
N LEU C 630 -1.75 -14.13 -23.29
CA LEU C 630 -0.42 -14.48 -23.74
C LEU C 630 -0.13 -15.92 -23.40
N ILE C 631 -0.66 -16.40 -22.28
CA ILE C 631 -0.39 -17.77 -21.92
C ILE C 631 -1.01 -18.71 -22.92
N ILE C 632 -2.24 -18.40 -23.30
CA ILE C 632 -2.91 -19.25 -24.24
C ILE C 632 -2.23 -19.17 -25.59
N GLY C 633 -1.89 -17.95 -26.02
CA GLY C 633 -1.25 -17.81 -27.31
C GLY C 633 0.09 -18.48 -27.37
N THR C 634 0.80 -18.49 -26.27
CA THR C 634 2.12 -19.08 -26.21
C THR C 634 2.08 -20.59 -26.19
N PHE C 635 1.21 -21.18 -25.38
CA PHE C 635 1.23 -22.63 -25.38
C PHE C 635 0.96 -23.27 -26.72
N GLU C 636 0.02 -22.76 -27.52
CA GLU C 636 -0.56 -23.69 -28.47
C GLU C 636 0.48 -24.30 -29.39
N ARG C 637 1.52 -23.55 -29.73
CA ARG C 637 2.57 -24.13 -30.54
C ARG C 637 3.33 -25.21 -29.81
N MET C 638 3.06 -25.41 -28.54
CA MET C 638 3.80 -26.43 -27.83
C MET C 638 3.25 -27.76 -28.29
N LYS C 639 4.07 -28.51 -29.02
CA LYS C 639 3.53 -29.62 -29.82
C LYS C 639 4.28 -30.94 -29.66
N CYS C 640 5.31 -31.00 -28.82
CA CYS C 640 6.01 -32.25 -28.59
C CYS C 640 5.29 -33.14 -27.59
N PHE C 641 4.34 -32.58 -26.86
CA PHE C 641 3.69 -33.27 -25.76
C PHE C 641 2.86 -34.45 -26.25
N SER C 642 2.88 -35.52 -25.47
CA SER C 642 1.99 -36.63 -25.73
C SER C 642 0.57 -36.16 -25.52
N GLU C 643 -0.35 -36.73 -26.28
CA GLU C 643 -1.75 -36.41 -26.06
C GLU C 643 -2.11 -36.68 -24.61
N GLU C 644 -1.50 -37.69 -24.00
CA GLU C 644 -1.78 -38.00 -22.62
C GLU C 644 -1.36 -36.84 -21.73
N ASN C 645 -0.36 -36.10 -22.18
CA ASN C 645 0.13 -34.96 -21.44
C ASN C 645 -0.40 -33.68 -22.04
N HIS C 646 -0.54 -33.64 -23.35
CA HIS C 646 -1.01 -32.43 -23.97
C HIS C 646 -2.43 -32.10 -23.53
N GLU C 647 -3.28 -33.09 -23.43
CA GLU C 647 -4.69 -32.94 -23.07
C GLU C 647 -5.03 -32.42 -21.67
N PRO C 648 -4.30 -32.84 -20.66
CA PRO C 648 -4.60 -32.38 -19.30
C PRO C 648 -4.35 -30.92 -19.13
N LEU C 649 -3.14 -30.56 -19.48
CA LEU C 649 -2.67 -29.20 -19.37
C LEU C 649 -3.62 -28.26 -20.08
N ARG C 650 -4.10 -28.64 -21.26
CA ARG C 650 -5.06 -27.81 -21.95
C ARG C 650 -6.25 -27.58 -21.06
N THR C 651 -6.81 -28.65 -20.51
CA THR C 651 -7.96 -28.43 -19.67
C THR C 651 -7.64 -27.58 -18.46
N GLN C 652 -6.49 -27.78 -17.82
CA GLN C 652 -6.22 -26.93 -16.65
C GLN C 652 -6.19 -25.46 -17.06
N CYS C 653 -5.70 -25.18 -18.26
CA CYS C 653 -5.66 -23.80 -18.68
C CYS C 653 -7.06 -23.29 -18.96
N ALA C 654 -7.87 -24.12 -19.61
CA ALA C 654 -9.24 -23.76 -19.89
C ALA C 654 -9.96 -23.41 -18.61
N LEU C 655 -9.79 -24.25 -17.60
CA LEU C 655 -10.43 -24.02 -16.32
C LEU C 655 -9.94 -22.72 -15.71
N ALA C 656 -8.62 -22.54 -15.66
CA ALA C 656 -8.08 -21.30 -15.11
C ALA C 656 -8.75 -20.12 -15.76
N ALA C 657 -8.96 -20.21 -17.06
CA ALA C 657 -9.58 -19.13 -17.81
C ALA C 657 -11.01 -18.93 -17.36
N SER C 658 -11.77 -20.01 -17.28
CA SER C 658 -13.17 -19.94 -16.90
C SER C 658 -13.40 -19.46 -15.49
N LYS C 659 -12.37 -19.10 -14.73
CA LYS C 659 -12.60 -18.65 -13.36
C LYS C 659 -12.39 -17.16 -13.18
N LEU C 660 -12.17 -16.42 -14.25
CA LEU C 660 -11.97 -14.98 -14.16
C LEU C 660 -13.25 -14.27 -13.70
N LEU C 661 -13.11 -12.97 -13.43
CA LEU C 661 -14.23 -12.18 -12.91
C LEU C 661 -15.17 -11.69 -14.02
N LYS C 662 -14.66 -10.89 -14.94
CA LYS C 662 -15.49 -10.08 -15.83
C LYS C 662 -15.97 -10.86 -17.06
N LYS C 663 -17.28 -10.83 -17.26
CA LYS C 663 -18.07 -11.55 -18.24
C LYS C 663 -17.67 -11.29 -19.70
N PRO C 664 -17.34 -10.05 -20.08
CA PRO C 664 -16.96 -9.78 -21.48
C PRO C 664 -15.75 -10.59 -21.92
N ASP C 665 -14.69 -10.33 -21.17
CA ASP C 665 -13.42 -10.99 -21.41
C ASP C 665 -13.60 -12.49 -21.31
N GLN C 666 -14.40 -12.92 -20.35
CA GLN C 666 -14.66 -14.33 -20.17
C GLN C 666 -15.18 -14.94 -21.46
N GLY C 667 -16.14 -14.28 -22.10
CA GLY C 667 -16.67 -14.82 -23.33
C GLY C 667 -15.66 -14.82 -24.46
N ARG C 668 -14.88 -13.75 -24.58
CA ARG C 668 -13.91 -13.74 -25.66
C ARG C 668 -12.89 -14.84 -25.46
N ALA C 669 -12.35 -14.94 -24.26
CA ALA C 669 -11.35 -15.96 -23.96
C ALA C 669 -11.88 -17.36 -24.22
N VAL C 670 -13.05 -17.67 -23.66
CA VAL C 670 -13.61 -19.00 -23.84
C VAL C 670 -13.74 -19.30 -25.32
N SER C 671 -14.06 -18.29 -26.11
CA SER C 671 -14.18 -18.56 -27.52
C SER C 671 -12.83 -18.73 -28.18
N THR C 672 -11.84 -17.99 -27.69
CA THR C 672 -10.50 -18.11 -28.23
C THR C 672 -9.93 -19.50 -28.00
N CYS C 673 -10.33 -20.12 -26.89
CA CYS C 673 -9.83 -21.45 -26.54
C CYS C 673 -10.20 -22.52 -27.54
N ALA C 674 -11.19 -22.30 -28.40
CA ALA C 674 -11.58 -23.31 -29.38
C ALA C 674 -10.37 -23.87 -30.13
N HIS C 675 -9.58 -22.95 -30.72
CA HIS C 675 -8.40 -23.36 -31.45
C HIS C 675 -7.62 -24.37 -30.67
N LEU C 676 -7.66 -24.26 -29.35
CA LEU C 676 -6.94 -25.19 -28.52
C LEU C 676 -7.54 -26.57 -28.62
N PHE C 677 -8.85 -26.68 -28.82
CA PHE C 677 -9.39 -28.02 -28.91
C PHE C 677 -9.36 -28.59 -30.30
N TRP C 678 -9.04 -27.79 -31.29
CA TRP C 678 -8.98 -28.35 -32.64
C TRP C 678 -7.55 -28.40 -33.13
N SER C 679 -6.87 -27.26 -33.13
CA SER C 679 -5.50 -27.14 -33.58
C SER C 679 -4.57 -28.04 -32.78
N GLY C 680 -5.02 -28.56 -31.65
CA GLY C 680 -4.21 -29.54 -30.95
C GLY C 680 -3.91 -30.74 -31.82
N ARG C 681 -2.74 -31.32 -31.60
CA ARG C 681 -2.30 -32.50 -32.31
C ARG C 681 -1.82 -33.52 -31.28
N ASN C 682 -2.19 -34.77 -31.48
CA ASN C 682 -1.75 -35.85 -30.62
C ASN C 682 -0.49 -36.49 -31.19
N THR C 683 0.35 -36.98 -30.29
CA THR C 683 1.48 -37.81 -30.68
C THR C 683 1.06 -39.22 -31.02
N ASP C 684 -0.25 -39.47 -31.11
CA ASP C 684 -0.79 -40.75 -31.49
C ASP C 684 -1.00 -40.84 -33.00
N LYS C 685 -1.34 -39.71 -33.63
CA LYS C 685 -1.55 -39.62 -35.07
C LYS C 685 -0.26 -39.35 -35.84
N ASN C 686 0.90 -39.59 -35.24
CA ASN C 686 2.21 -39.38 -35.86
C ASN C 686 2.30 -37.97 -36.47
N GLY C 687 1.96 -36.98 -35.65
CA GLY C 687 1.99 -35.60 -36.04
C GLY C 687 0.67 -35.04 -36.54
N GLU C 688 -0.31 -35.89 -36.86
CA GLU C 688 -1.59 -35.39 -37.35
C GLU C 688 -2.43 -34.85 -36.19
N GLU C 689 -3.32 -33.91 -36.50
CA GLU C 689 -4.09 -33.28 -35.46
C GLU C 689 -5.10 -34.25 -34.85
N LEU C 690 -5.32 -34.08 -33.57
CA LEU C 690 -6.26 -34.93 -32.85
C LEU C 690 -7.67 -34.79 -33.39
N HIS C 691 -8.00 -33.62 -33.95
CA HIS C 691 -9.31 -33.37 -34.56
C HIS C 691 -10.46 -33.67 -33.61
N GLY C 692 -10.46 -32.97 -32.48
CA GLY C 692 -11.50 -33.15 -31.49
C GLY C 692 -12.66 -32.19 -31.65
N GLY C 693 -13.29 -32.26 -32.82
CA GLY C 693 -14.39 -31.38 -33.18
C GLY C 693 -15.50 -31.32 -32.16
N LYS C 694 -15.88 -32.48 -31.63
CA LYS C 694 -16.94 -32.57 -30.64
C LYS C 694 -16.70 -31.65 -29.45
N ARG C 695 -15.51 -31.73 -28.84
CA ARG C 695 -15.24 -30.90 -27.68
C ARG C 695 -15.12 -29.46 -28.11
N VAL C 696 -14.70 -29.22 -29.35
CA VAL C 696 -14.60 -27.86 -29.84
C VAL C 696 -15.99 -27.29 -29.90
N MET C 697 -16.94 -28.15 -30.29
CA MET C 697 -18.32 -27.74 -30.40
C MET C 697 -18.86 -27.41 -29.03
N GLU C 698 -18.59 -28.27 -28.06
CA GLU C 698 -19.06 -28.02 -26.70
C GLU C 698 -18.48 -26.74 -26.18
N CYS C 699 -17.24 -26.46 -26.55
CA CYS C 699 -16.60 -25.24 -26.15
C CYS C 699 -17.40 -24.08 -26.68
N LEU C 700 -17.73 -24.16 -27.95
CA LEU C 700 -18.52 -23.10 -28.56
C LEU C 700 -19.90 -23.04 -27.96
N LYS C 701 -20.42 -24.16 -27.52
CA LYS C 701 -21.74 -24.17 -26.91
C LYS C 701 -21.74 -23.36 -25.63
N LYS C 702 -20.85 -23.73 -24.69
CA LYS C 702 -20.77 -22.98 -23.45
C LYS C 702 -20.51 -21.52 -23.76
N ALA C 703 -19.69 -21.27 -24.77
CA ALA C 703 -19.41 -19.91 -25.15
C ALA C 703 -20.70 -19.22 -25.55
N LEU C 704 -21.52 -19.91 -26.33
CA LEU C 704 -22.77 -19.34 -26.80
C LEU C 704 -23.68 -19.00 -25.64
N LYS C 705 -23.82 -19.95 -24.71
CA LYS C 705 -24.66 -19.66 -23.56
C LYS C 705 -24.19 -18.41 -22.86
N ILE C 706 -22.88 -18.30 -22.65
CA ILE C 706 -22.35 -17.10 -22.01
C ILE C 706 -22.62 -15.88 -22.86
N ALA C 707 -22.69 -16.05 -24.17
CA ALA C 707 -22.94 -14.93 -25.07
C ALA C 707 -24.36 -14.42 -24.91
N ASN C 708 -25.31 -15.34 -24.89
CA ASN C 708 -26.72 -15.02 -24.76
C ASN C 708 -27.01 -14.27 -23.47
N GLN C 709 -26.04 -14.19 -22.57
CA GLN C 709 -26.20 -13.51 -21.30
C GLN C 709 -25.52 -12.15 -21.29
N CYS C 710 -24.93 -11.72 -22.40
CA CYS C 710 -24.23 -10.46 -22.45
C CYS C 710 -25.17 -9.29 -22.17
N MET C 711 -26.32 -9.30 -22.81
CA MET C 711 -27.36 -8.28 -22.62
C MET C 711 -26.76 -6.88 -22.65
N ASP C 712 -25.68 -6.74 -23.39
CA ASP C 712 -25.09 -5.43 -23.60
C ASP C 712 -24.89 -5.29 -25.09
N PRO C 713 -25.70 -4.49 -25.70
CA PRO C 713 -25.94 -4.61 -27.14
C PRO C 713 -24.71 -4.62 -28.01
N SER C 714 -23.96 -3.53 -27.97
CA SER C 714 -22.79 -3.39 -28.83
C SER C 714 -21.82 -4.53 -28.67
N LEU C 715 -21.45 -4.85 -27.43
CA LEU C 715 -20.48 -5.91 -27.32
C LEU C 715 -21.12 -7.26 -27.49
N GLN C 716 -22.36 -7.42 -27.06
CA GLN C 716 -23.02 -8.70 -27.21
C GLN C 716 -23.00 -9.12 -28.67
N VAL C 717 -23.52 -8.24 -29.52
CA VAL C 717 -23.59 -8.54 -30.94
C VAL C 717 -22.21 -8.68 -31.55
N GLN C 718 -21.32 -7.71 -31.32
CA GLN C 718 -20.00 -7.85 -31.91
C GLN C 718 -19.39 -9.18 -31.54
N LEU C 719 -19.68 -9.67 -30.35
CA LEU C 719 -19.14 -10.92 -29.88
C LEU C 719 -19.83 -12.06 -30.57
N PHE C 720 -21.02 -11.79 -31.01
CA PHE C 720 -21.76 -12.79 -31.73
C PHE C 720 -21.09 -12.94 -33.07
N ILE C 721 -20.69 -11.80 -33.62
CA ILE C 721 -20.04 -11.79 -34.91
C ILE C 721 -18.77 -12.60 -34.87
N GLU C 722 -18.03 -12.51 -33.80
CA GLU C 722 -16.81 -13.32 -33.78
C GLU C 722 -17.17 -14.78 -33.68
N ILE C 723 -18.13 -15.12 -32.83
CA ILE C 723 -18.50 -16.51 -32.73
C ILE C 723 -19.05 -17.01 -34.03
N LEU C 724 -19.59 -16.12 -34.81
CA LEU C 724 -20.13 -16.49 -36.09
C LEU C 724 -18.99 -16.80 -37.02
N ASN C 725 -17.98 -15.95 -36.95
CA ASN C 725 -16.81 -16.14 -37.76
C ASN C 725 -16.21 -17.48 -37.40
N ARG C 726 -16.29 -17.82 -36.12
CA ARG C 726 -15.75 -19.09 -35.71
C ARG C 726 -16.51 -20.22 -36.36
N TYR C 727 -17.83 -20.09 -36.43
CA TYR C 727 -18.56 -21.15 -37.09
C TYR C 727 -18.18 -21.29 -38.53
N ILE C 728 -18.17 -20.18 -39.26
CA ILE C 728 -17.79 -20.29 -40.66
C ILE C 728 -16.42 -20.90 -40.79
N TYR C 729 -15.49 -20.45 -39.96
CA TYR C 729 -14.15 -21.00 -39.98
C TYR C 729 -14.13 -22.50 -39.88
N PHE C 730 -14.90 -23.03 -38.97
CA PHE C 730 -14.84 -24.47 -38.83
C PHE C 730 -15.69 -25.19 -39.85
N TYR C 731 -16.80 -24.58 -40.27
CA TYR C 731 -17.63 -25.20 -41.29
C TYR C 731 -16.77 -25.42 -42.52
N GLU C 732 -16.20 -24.32 -43.03
CA GLU C 732 -15.35 -24.43 -44.21
C GLU C 732 -14.09 -25.22 -43.95
N LYS C 733 -13.83 -25.57 -42.70
CA LYS C 733 -12.64 -26.34 -42.41
C LYS C 733 -12.97 -27.80 -42.25
N GLU C 734 -14.05 -28.25 -42.88
CA GLU C 734 -14.41 -29.66 -42.95
C GLU C 734 -14.70 -30.20 -41.55
N ASN C 735 -15.41 -29.40 -40.76
CA ASN C 735 -15.82 -29.81 -39.42
C ASN C 735 -17.32 -30.02 -39.45
N ASP C 736 -17.71 -31.24 -39.76
CA ASP C 736 -19.08 -31.71 -39.92
C ASP C 736 -20.06 -31.22 -38.85
N ALA C 737 -19.61 -31.17 -37.60
CA ALA C 737 -20.51 -30.77 -36.51
C ALA C 737 -21.04 -29.36 -36.73
N VAL C 738 -20.28 -28.52 -37.42
CA VAL C 738 -20.70 -27.15 -37.70
C VAL C 738 -21.75 -27.19 -38.80
N THR C 739 -23.02 -27.20 -38.41
CA THR C 739 -24.06 -27.25 -39.41
C THR C 739 -24.35 -25.86 -39.96
N ILE C 740 -24.80 -25.83 -41.22
CA ILE C 740 -25.23 -24.58 -41.81
C ILE C 740 -26.52 -24.10 -41.18
N GLN C 741 -27.32 -25.03 -40.64
CA GLN C 741 -28.57 -24.65 -40.00
C GLN C 741 -28.32 -23.79 -38.77
N VAL C 742 -27.29 -24.10 -37.98
CA VAL C 742 -27.01 -23.28 -36.82
C VAL C 742 -26.66 -21.88 -37.30
N LEU C 743 -25.81 -21.81 -38.32
CA LEU C 743 -25.44 -20.51 -38.84
C LEU C 743 -26.65 -19.73 -39.31
N ASN C 744 -27.63 -20.41 -39.88
CA ASN C 744 -28.80 -19.68 -40.34
C ASN C 744 -29.59 -19.17 -39.14
N GLN C 745 -29.74 -20.03 -38.13
CA GLN C 745 -30.48 -19.64 -36.94
C GLN C 745 -29.84 -18.45 -36.27
N LEU C 746 -28.51 -18.45 -36.22
CA LEU C 746 -27.80 -17.36 -35.56
C LEU C 746 -27.80 -16.09 -36.39
N ILE C 747 -27.64 -16.19 -37.71
CA ILE C 747 -27.63 -14.94 -38.46
C ILE C 747 -28.99 -14.32 -38.33
N GLN C 748 -30.02 -15.15 -38.34
CA GLN C 748 -31.37 -14.65 -38.19
C GLN C 748 -31.56 -14.02 -36.82
N LYS C 749 -31.22 -14.74 -35.75
CA LYS C 749 -31.38 -14.16 -34.43
C LYS C 749 -30.68 -12.82 -34.36
N ILE C 750 -29.48 -12.73 -34.92
CA ILE C 750 -28.80 -11.45 -34.89
C ILE C 750 -29.57 -10.45 -35.71
N ARG C 751 -30.30 -10.94 -36.71
CA ARG C 751 -31.08 -10.05 -37.56
C ARG C 751 -32.31 -9.57 -36.82
N GLU C 752 -32.95 -10.46 -36.09
CA GLU C 752 -34.16 -10.13 -35.34
C GLU C 752 -33.83 -9.32 -34.09
N ASP C 753 -32.58 -9.00 -33.90
CA ASP C 753 -32.11 -8.26 -32.74
C ASP C 753 -31.34 -7.03 -33.13
N LEU C 754 -30.58 -7.08 -34.21
CA LEU C 754 -29.84 -5.91 -34.65
C LEU C 754 -30.70 -4.66 -34.73
N PRO C 755 -31.96 -4.72 -35.19
CA PRO C 755 -32.80 -3.52 -35.14
C PRO C 755 -33.05 -3.03 -33.74
N ASN C 756 -33.08 -3.91 -32.74
CA ASN C 756 -33.48 -3.51 -31.40
C ASN C 756 -32.33 -2.76 -30.75
N LEU C 757 -31.79 -1.82 -31.52
CA LEU C 757 -30.55 -1.16 -31.21
C LEU C 757 -30.60 0.28 -31.70
N GLU C 758 -29.98 1.16 -30.93
CA GLU C 758 -29.80 2.53 -31.39
C GLU C 758 -28.57 2.59 -32.31
N SER C 759 -28.74 3.29 -33.42
CA SER C 759 -27.71 3.39 -34.46
C SER C 759 -26.37 3.88 -33.92
N SER C 760 -25.29 3.20 -34.30
CA SER C 760 -23.96 3.62 -33.88
C SER C 760 -22.95 3.29 -34.96
N GLU C 761 -21.82 4.02 -34.90
CA GLU C 761 -20.67 3.85 -35.78
C GLU C 761 -20.37 2.38 -36.06
N GLU C 762 -20.69 1.52 -35.12
CA GLU C 762 -20.48 0.09 -35.19
C GLU C 762 -21.56 -0.67 -35.95
N THR C 763 -22.82 -0.54 -35.56
CA THR C 763 -23.92 -1.25 -36.20
C THR C 763 -23.87 -1.28 -37.72
N GLU C 764 -23.35 -0.23 -38.35
CA GLU C 764 -23.28 -0.22 -39.80
C GLU C 764 -22.20 -1.17 -40.26
N GLN C 765 -21.09 -1.14 -39.54
CA GLN C 765 -19.99 -1.99 -39.86
C GLN C 765 -20.42 -3.41 -39.67
N ILE C 766 -21.34 -3.64 -38.74
CA ILE C 766 -21.80 -4.99 -38.49
C ILE C 766 -22.63 -5.51 -39.62
N ASN C 767 -23.19 -4.60 -40.39
CA ASN C 767 -23.96 -5.05 -41.50
C ASN C 767 -22.98 -5.38 -42.59
N LYS C 768 -22.03 -4.47 -42.80
CA LYS C 768 -21.02 -4.72 -43.80
C LYS C 768 -20.33 -6.04 -43.52
N HIS C 769 -19.99 -6.28 -42.27
CA HIS C 769 -19.31 -7.53 -41.93
C HIS C 769 -20.17 -8.70 -42.31
N PHE C 770 -21.43 -8.67 -41.90
CA PHE C 770 -22.30 -9.78 -42.20
C PHE C 770 -22.46 -10.00 -43.70
N HIS C 771 -22.57 -8.93 -44.48
CA HIS C 771 -22.73 -9.16 -45.91
C HIS C 771 -21.47 -9.69 -46.54
N ASN C 772 -20.32 -9.12 -46.18
CA ASN C 772 -19.05 -9.60 -46.68
C ASN C 772 -18.85 -11.05 -46.32
N THR C 773 -19.23 -11.40 -45.10
CA THR C 773 -19.06 -12.75 -44.61
C THR C 773 -19.87 -13.72 -45.45
N LEU C 774 -21.11 -13.37 -45.78
CA LEU C 774 -21.88 -14.30 -46.58
C LEU C 774 -21.38 -14.32 -48.03
N GLU C 775 -20.92 -13.18 -48.52
CA GLU C 775 -20.42 -13.11 -49.88
C GLU C 775 -19.15 -13.91 -50.04
N HIS C 776 -18.34 -13.98 -48.99
CA HIS C 776 -17.07 -14.69 -49.05
C HIS C 776 -17.26 -16.19 -49.20
N LEU C 777 -18.48 -16.68 -49.04
CA LEU C 777 -18.71 -18.10 -49.17
C LEU C 777 -18.65 -18.57 -50.62
N ARG C 778 -18.49 -17.66 -51.57
CA ARG C 778 -18.71 -17.86 -53.01
C ARG C 778 -20.18 -18.16 -53.24
N LEU C 779 -20.97 -18.18 -52.16
CA LEU C 779 -22.40 -18.31 -52.25
C LEU C 779 -23.05 -16.96 -52.46
N ARG C 780 -22.26 -15.98 -52.89
CA ARG C 780 -22.70 -14.61 -53.10
C ARG C 780 -21.52 -13.85 -53.68
N GLN D 12 -31.96 43.47 56.94
CA GLN D 12 -31.54 44.23 58.11
C GLN D 12 -31.06 43.32 59.24
N GLU D 13 -31.96 42.51 59.75
CA GLU D 13 -31.67 41.43 60.69
C GLU D 13 -31.32 41.94 62.08
N LYS D 14 -31.10 43.25 62.25
CA LYS D 14 -30.83 43.80 63.58
C LYS D 14 -32.12 43.85 64.38
N LEU D 15 -33.18 44.37 63.77
CA LEU D 15 -34.47 44.42 64.43
C LEU D 15 -34.69 43.18 65.28
N LEU D 16 -34.39 42.03 64.70
CA LEU D 16 -34.55 40.77 65.42
C LEU D 16 -33.73 40.69 66.70
N ASP D 17 -32.42 40.97 66.67
CA ASP D 17 -31.69 40.78 67.92
C ASP D 17 -32.12 41.78 68.97
N GLU D 18 -32.29 43.05 68.58
CA GLU D 18 -32.77 44.04 69.53
C GLU D 18 -34.13 43.66 70.11
N ALA D 19 -35.01 43.15 69.25
CA ALA D 19 -36.32 42.69 69.71
C ALA D 19 -36.20 41.53 70.67
N ILE D 20 -35.38 40.53 70.35
CA ILE D 20 -35.25 39.40 71.25
C ILE D 20 -34.64 39.84 72.57
N GLN D 21 -33.82 40.88 72.55
CA GLN D 21 -33.29 41.41 73.78
C GLN D 21 -34.41 41.99 74.63
N ALA D 22 -35.17 42.92 74.06
CA ALA D 22 -36.26 43.51 74.83
C ALA D 22 -37.27 42.47 75.29
N VAL D 23 -37.54 41.47 74.45
CA VAL D 23 -38.40 40.34 74.80
C VAL D 23 -37.87 39.60 76.01
N LYS D 24 -36.59 39.26 76.00
CA LYS D 24 -36.04 38.54 77.11
C LYS D 24 -36.12 39.38 78.36
N VAL D 25 -36.01 40.69 78.20
CA VAL D 25 -36.18 41.58 79.34
C VAL D 25 -37.60 41.53 79.89
N GLN D 26 -38.61 41.67 79.03
CA GLN D 26 -39.96 41.74 79.60
C GLN D 26 -40.41 40.39 80.10
N SER D 27 -40.05 39.32 79.41
CA SER D 27 -40.43 37.99 79.89
C SER D 27 -39.63 37.56 81.10
N PHE D 28 -38.46 38.16 81.30
CA PHE D 28 -37.75 37.96 82.55
C PHE D 28 -38.48 38.65 83.69
N GLN D 29 -38.80 39.94 83.53
CA GLN D 29 -39.54 40.61 84.59
C GLN D 29 -40.93 40.02 84.74
N MET D 30 -41.44 39.40 83.70
CA MET D 30 -42.71 38.70 83.79
C MET D 30 -42.58 37.47 84.69
N LYS D 31 -41.65 36.57 84.37
CA LYS D 31 -41.51 35.38 85.21
C LYS D 31 -41.11 35.75 86.63
N ARG D 32 -40.27 36.79 86.79
CA ARG D 32 -40.01 37.37 88.10
C ARG D 32 -41.29 37.70 88.86
N CYS D 33 -42.22 38.39 88.21
CA CYS D 33 -43.44 38.69 88.93
C CYS D 33 -44.28 37.43 89.20
N LEU D 34 -44.28 36.47 88.27
CA LEU D 34 -45.03 35.24 88.54
C LEU D 34 -44.46 34.37 89.67
N ASP D 35 -43.15 34.28 89.86
CA ASP D 35 -42.71 33.56 91.06
C ASP D 35 -43.03 34.32 92.34
N LYS D 36 -42.97 35.66 92.30
CA LYS D 36 -43.23 36.43 93.50
C LYS D 36 -44.72 36.56 93.80
N ASN D 37 -45.57 36.00 92.93
CA ASN D 37 -46.99 35.77 93.21
C ASN D 37 -47.79 37.06 93.28
N LYS D 38 -47.39 38.07 92.51
CA LYS D 38 -48.24 39.24 92.27
C LYS D 38 -48.59 39.23 90.77
N LEU D 39 -49.73 38.60 90.50
CA LEU D 39 -50.08 38.11 89.17
C LEU D 39 -50.25 39.24 88.16
N MET D 40 -51.07 40.23 88.48
CA MET D 40 -51.38 41.29 87.52
C MET D 40 -50.14 42.05 87.08
N ASP D 41 -49.13 42.19 87.94
CA ASP D 41 -47.87 42.79 87.50
C ASP D 41 -47.15 41.89 86.51
N ALA D 42 -47.23 40.59 86.72
CA ALA D 42 -46.66 39.68 85.73
C ALA D 42 -47.39 39.80 84.41
N LEU D 43 -48.72 39.88 84.47
CA LEU D 43 -49.48 40.03 83.25
C LEU D 43 -49.25 41.36 82.57
N LYS D 44 -48.85 42.38 83.30
CA LYS D 44 -48.47 43.64 82.66
C LYS D 44 -47.16 43.53 81.92
N HIS D 45 -46.20 42.79 82.47
CA HIS D 45 -44.94 42.62 81.77
C HIS D 45 -45.12 41.69 80.58
N ALA D 46 -45.88 40.62 80.76
CA ALA D 46 -46.27 39.77 79.64
C ALA D 46 -46.96 40.55 78.53
N SER D 47 -47.85 41.48 78.89
CA SER D 47 -48.51 42.31 77.89
C SER D 47 -47.55 43.23 77.16
N ASN D 48 -46.65 43.88 77.87
CA ASN D 48 -45.69 44.74 77.18
C ASN D 48 -44.76 43.92 76.30
N MET D 49 -44.35 42.74 76.78
CA MET D 49 -43.59 41.81 75.97
C MET D 49 -44.33 41.44 74.70
N LEU D 50 -45.61 41.05 74.79
CA LEU D 50 -46.29 40.71 73.55
C LEU D 50 -46.42 41.95 72.68
N GLY D 51 -46.38 43.12 73.29
CA GLY D 51 -46.28 44.34 72.52
C GLY D 51 -45.08 44.30 71.59
N GLU D 52 -44.04 43.55 71.98
CA GLU D 52 -42.86 43.42 71.14
C GLU D 52 -43.22 42.73 69.84
N LEU D 53 -44.25 41.90 69.88
CA LEU D 53 -44.76 41.26 68.67
C LEU D 53 -45.52 42.22 67.80
N ARG D 54 -45.69 43.47 68.22
CA ARG D 54 -46.42 44.38 67.37
C ARG D 54 -45.56 44.90 66.24
N THR D 55 -44.24 44.84 66.39
CA THR D 55 -43.41 44.98 65.21
C THR D 55 -43.60 43.78 64.31
N SER D 56 -43.53 44.01 63.00
CA SER D 56 -43.79 42.96 62.02
C SER D 56 -42.77 42.92 60.88
N MET D 57 -41.82 43.85 60.85
CA MET D 57 -40.89 43.91 59.73
C MET D 57 -39.97 42.71 59.68
N LEU D 58 -40.00 41.89 60.74
CA LEU D 58 -39.15 40.72 60.88
C LEU D 58 -39.25 39.82 59.67
N SER D 59 -38.20 39.07 59.41
CA SER D 59 -38.28 38.07 58.37
C SER D 59 -39.25 37.01 58.84
N PRO D 60 -39.83 36.25 57.92
CA PRO D 60 -40.74 35.18 58.36
C PRO D 60 -40.05 34.25 59.32
N LYS D 61 -38.78 33.97 59.05
CA LYS D 61 -38.03 33.10 59.94
C LYS D 61 -37.81 33.75 61.28
N SER D 62 -37.29 34.99 61.27
CA SER D 62 -37.03 35.74 62.49
C SER D 62 -38.28 35.91 63.33
N TYR D 63 -39.36 36.38 62.71
CA TYR D 63 -40.58 36.54 63.48
C TYR D 63 -40.96 35.20 64.09
N TYR D 64 -40.83 34.13 63.31
CA TYR D 64 -41.10 32.79 63.82
C TYR D 64 -40.28 32.44 65.06
N GLU D 65 -38.99 32.78 65.08
CA GLU D 65 -38.22 32.48 66.29
C GLU D 65 -38.73 33.27 67.48
N LEU D 66 -38.97 34.56 67.28
CA LEU D 66 -39.52 35.32 68.40
C LEU D 66 -40.84 34.71 68.88
N TYR D 67 -41.67 34.27 67.95
CA TYR D 67 -42.91 33.60 68.32
C TYR D 67 -42.66 32.36 69.15
N MET D 68 -41.77 31.49 68.70
CA MET D 68 -41.51 30.24 69.40
C MET D 68 -40.91 30.49 70.77
N ALA D 69 -40.03 31.49 70.87
CA ALA D 69 -39.47 31.90 72.16
C ALA D 69 -40.57 32.30 73.13
N ILE D 70 -41.49 33.14 72.66
CA ILE D 70 -42.52 33.62 73.55
C ILE D 70 -43.48 32.48 73.91
N SER D 71 -43.73 31.57 72.99
CA SER D 71 -44.57 30.43 73.33
C SER D 71 -43.94 29.60 74.44
N ASP D 72 -42.62 29.39 74.35
CA ASP D 72 -41.93 28.61 75.38
C ASP D 72 -41.97 29.29 76.73
N GLU D 73 -41.90 30.63 76.77
CA GLU D 73 -42.04 31.27 78.07
C GLU D 73 -43.47 31.17 78.58
N LEU D 74 -44.45 31.35 77.70
CA LEU D 74 -45.85 31.17 78.09
C LEU D 74 -46.13 29.77 78.62
N HIS D 75 -45.34 28.77 78.24
CA HIS D 75 -45.58 27.43 78.80
C HIS D 75 -45.34 27.40 80.31
N TYR D 76 -44.35 28.14 80.81
CA TYR D 76 -44.14 28.20 82.25
C TYR D 76 -45.33 28.83 82.95
N LEU D 77 -45.97 29.78 82.28
CA LEU D 77 -47.20 30.35 82.77
C LEU D 77 -48.34 29.33 82.73
N GLU D 78 -48.46 28.58 81.64
CA GLU D 78 -49.58 27.64 81.54
C GLU D 78 -49.49 26.59 82.62
N VAL D 79 -48.30 26.06 82.89
CA VAL D 79 -48.21 25.08 83.98
C VAL D 79 -48.43 25.74 85.32
N TYR D 80 -47.98 26.99 85.50
CA TYR D 80 -48.30 27.70 86.73
C TYR D 80 -49.80 27.78 86.94
N LEU D 81 -50.53 28.24 85.93
CA LEU D 81 -51.99 28.34 85.99
C LEU D 81 -52.62 26.98 86.21
N THR D 82 -52.15 25.98 85.47
CA THR D 82 -52.75 24.65 85.55
C THR D 82 -52.64 24.16 86.99
N ASP D 83 -51.48 24.39 87.60
CA ASP D 83 -51.26 24.02 88.99
C ASP D 83 -52.17 24.81 89.91
N GLU D 84 -52.12 26.14 89.82
CA GLU D 84 -53.01 27.03 90.57
C GLU D 84 -54.46 26.57 90.56
N PHE D 85 -54.99 26.26 89.38
CA PHE D 85 -56.36 25.79 89.28
C PHE D 85 -56.47 24.42 89.93
N ALA D 86 -55.45 23.59 89.78
CA ALA D 86 -55.47 22.32 90.45
C ALA D 86 -55.34 22.51 91.95
N LYS D 87 -54.71 23.61 92.37
CA LYS D 87 -54.68 23.97 93.78
C LYS D 87 -55.94 24.65 94.25
N GLY D 88 -56.88 24.89 93.35
CA GLY D 88 -58.12 25.52 93.71
C GLY D 88 -58.08 27.03 93.72
N ARG D 89 -56.89 27.62 93.67
CA ARG D 89 -56.80 29.08 93.69
C ARG D 89 -57.17 29.61 92.32
N LYS D 90 -58.45 29.93 92.18
CA LYS D 90 -59.00 30.38 90.92
C LYS D 90 -59.68 31.73 91.13
N VAL D 91 -59.33 32.70 90.30
CA VAL D 91 -60.01 33.99 90.32
C VAL D 91 -61.05 34.00 89.21
N ALA D 92 -62.28 34.35 89.57
CA ALA D 92 -63.38 34.33 88.61
C ALA D 92 -63.33 35.52 87.67
N ASP D 93 -64.08 35.41 86.57
CA ASP D 93 -64.33 36.52 85.65
C ASP D 93 -63.07 37.05 84.99
N LEU D 94 -62.10 36.17 84.74
CA LEU D 94 -60.79 36.61 84.29
C LEU D 94 -60.87 37.28 82.93
N TYR D 95 -61.74 36.78 82.05
CA TYR D 95 -61.96 37.41 80.75
C TYR D 95 -62.38 38.87 80.83
N GLU D 96 -63.30 39.20 81.72
CA GLU D 96 -63.63 40.62 81.80
C GLU D 96 -62.44 41.42 82.28
N LEU D 97 -61.75 40.98 83.33
CA LEU D 97 -60.71 41.86 83.84
C LEU D 97 -59.66 42.06 82.76
N VAL D 98 -59.29 40.96 82.08
CA VAL D 98 -58.31 40.97 81.00
C VAL D 98 -58.79 41.72 79.76
N GLN D 99 -60.11 41.88 79.57
CA GLN D 99 -60.52 42.66 78.40
C GLN D 99 -60.23 44.13 78.60
N TYR D 100 -59.81 44.54 79.78
CA TYR D 100 -59.48 45.94 79.98
C TYR D 100 -58.26 46.32 79.16
N ALA D 101 -57.38 45.36 78.88
CA ALA D 101 -56.26 45.61 78.00
C ALA D 101 -56.77 46.17 76.68
N GLY D 102 -56.30 47.37 76.33
CA GLY D 102 -56.98 48.17 75.33
C GLY D 102 -57.00 47.52 73.96
N ASN D 103 -55.95 46.79 73.62
CA ASN D 103 -55.88 46.17 72.31
C ASN D 103 -56.53 44.79 72.31
N ILE D 104 -56.93 44.37 71.12
CA ILE D 104 -57.57 43.09 70.89
C ILE D 104 -56.61 41.94 71.14
N ILE D 105 -55.33 42.16 70.85
CA ILE D 105 -54.27 41.18 70.98
C ILE D 105 -54.08 40.71 72.41
N PRO D 106 -53.85 41.58 73.40
CA PRO D 106 -53.82 41.04 74.78
C PRO D 106 -55.07 40.27 75.12
N ARG D 107 -56.25 40.78 74.75
CA ARG D 107 -57.49 40.09 75.07
C ARG D 107 -57.46 38.66 74.56
N LEU D 108 -57.10 38.48 73.30
CA LEU D 108 -57.20 37.15 72.71
C LEU D 108 -56.10 36.20 73.18
N TYR D 109 -54.88 36.69 73.41
CA TYR D 109 -53.87 35.85 74.03
C TYR D 109 -54.30 35.40 75.41
N LEU D 110 -54.90 36.31 76.16
CA LEU D 110 -55.42 35.98 77.47
C LEU D 110 -56.57 35.00 77.38
N LEU D 111 -57.49 35.21 76.44
CA LEU D 111 -58.60 34.30 76.29
C LEU D 111 -58.16 32.87 75.98
N ILE D 112 -57.24 32.68 75.05
CA ILE D 112 -56.77 31.31 74.79
C ILE D 112 -56.09 30.70 76.02
N THR D 113 -55.16 31.46 76.62
CA THR D 113 -54.47 30.96 77.79
C THR D 113 -55.41 30.57 78.92
N VAL D 114 -56.31 31.46 79.31
CA VAL D 114 -57.25 31.12 80.38
C VAL D 114 -58.25 30.07 79.94
N GLY D 115 -58.64 30.08 78.67
CA GLY D 115 -59.57 29.08 78.18
C GLY D 115 -59.08 27.66 78.40
N VAL D 116 -57.85 27.38 77.98
CA VAL D 116 -57.34 26.04 78.14
C VAL D 116 -57.18 25.66 79.62
N VAL D 117 -56.82 26.63 80.46
CA VAL D 117 -56.78 26.38 81.90
C VAL D 117 -58.15 26.02 82.45
N TYR D 118 -59.18 26.78 82.08
CA TYR D 118 -60.53 26.43 82.49
C TYR D 118 -60.97 25.09 81.96
N VAL D 119 -60.59 24.76 80.73
CA VAL D 119 -60.99 23.48 80.15
C VAL D 119 -60.39 22.34 80.94
N LYS D 120 -59.09 22.47 81.25
CA LYS D 120 -58.45 21.47 82.09
C LYS D 120 -59.13 21.43 83.44
N SER D 121 -59.28 22.59 84.06
CA SER D 121 -59.84 22.64 85.40
C SER D 121 -61.34 22.41 85.37
N PHE D 122 -62.02 22.83 84.31
CA PHE D 122 -63.48 22.68 84.17
C PHE D 122 -63.71 21.95 82.86
N PRO D 123 -63.53 20.63 82.83
CA PRO D 123 -63.92 19.89 81.61
C PRO D 123 -65.39 20.06 81.32
N GLN D 124 -66.20 20.31 82.35
CA GLN D 124 -67.61 20.62 82.13
C GLN D 124 -67.79 21.83 81.24
N SER D 125 -66.86 22.77 81.26
CA SER D 125 -66.95 23.98 80.47
C SER D 125 -66.37 23.82 79.07
N ARG D 126 -65.92 22.60 78.70
CA ARG D 126 -65.10 22.45 77.52
C ARG D 126 -65.87 22.82 76.26
N LYS D 127 -67.07 22.26 76.10
CA LYS D 127 -67.90 22.56 74.93
C LYS D 127 -68.16 24.04 74.79
N ASP D 128 -68.57 24.68 75.88
CA ASP D 128 -68.93 26.07 75.81
C ASP D 128 -67.72 26.92 75.49
N ILE D 129 -66.57 26.62 76.11
CA ILE D 129 -65.38 27.41 75.89
C ILE D 129 -64.91 27.27 74.45
N LEU D 130 -64.90 26.03 73.94
CA LEU D 130 -64.52 25.82 72.54
C LEU D 130 -65.48 26.52 71.58
N LYS D 131 -66.79 26.36 71.78
CA LYS D 131 -67.72 27.07 70.91
C LYS D 131 -67.54 28.57 70.95
N ASP D 132 -67.20 29.14 72.11
CA ASP D 132 -66.94 30.56 72.15
C ASP D 132 -65.69 30.90 71.36
N LEU D 133 -64.60 30.18 71.62
CA LEU D 133 -63.33 30.53 70.99
C LEU D 133 -63.41 30.41 69.48
N VAL D 134 -64.03 29.33 69.01
CA VAL D 134 -64.22 29.14 67.57
C VAL D 134 -65.09 30.23 67.00
N GLU D 135 -66.10 30.68 67.75
CA GLU D 135 -66.93 31.71 67.13
C GLU D 135 -66.23 33.06 67.12
N MET D 136 -65.57 33.44 68.22
CA MET D 136 -64.93 34.75 68.29
C MET D 136 -63.67 34.86 67.44
N CYS D 137 -63.06 33.75 67.04
CA CYS D 137 -61.92 33.89 66.14
C CYS D 137 -62.27 34.37 64.74
N ARG D 138 -63.55 34.36 64.34
CA ARG D 138 -63.91 34.99 63.07
C ARG D 138 -63.47 36.44 62.98
N GLY D 139 -63.19 37.09 64.10
CA GLY D 139 -62.62 38.43 64.06
C GLY D 139 -61.31 38.51 63.30
N VAL D 140 -60.55 37.42 63.25
CA VAL D 140 -59.22 37.38 62.67
C VAL D 140 -59.28 37.83 61.22
N GLN D 141 -58.43 38.78 60.84
CA GLN D 141 -58.33 39.25 59.47
C GLN D 141 -56.90 39.45 58.98
N HIS D 142 -55.93 39.57 59.87
CA HIS D 142 -54.55 39.79 59.44
C HIS D 142 -53.76 38.51 59.27
N PRO D 143 -53.08 38.32 58.14
CA PRO D 143 -52.41 37.04 57.88
C PRO D 143 -51.32 36.63 58.86
N LEU D 144 -50.34 37.47 59.16
CA LEU D 144 -49.23 37.00 59.97
C LEU D 144 -49.64 36.69 61.41
N ARG D 145 -50.20 37.68 62.11
CA ARG D 145 -50.56 37.43 63.50
C ARG D 145 -51.66 36.39 63.60
N GLY D 146 -52.61 36.39 62.67
CA GLY D 146 -53.64 35.37 62.69
C GLY D 146 -53.08 33.98 62.54
N LEU D 147 -52.18 33.80 61.58
CA LEU D 147 -51.51 32.53 61.41
C LEU D 147 -50.83 32.06 62.69
N PHE D 148 -50.01 32.92 63.27
CA PHE D 148 -49.29 32.49 64.46
C PHE D 148 -50.21 32.26 65.66
N LEU D 149 -51.29 33.02 65.76
CA LEU D 149 -52.29 32.76 66.80
C LEU D 149 -52.95 31.42 66.61
N ARG D 150 -53.46 31.15 65.42
CA ARG D 150 -54.15 29.89 65.23
C ARG D 150 -53.19 28.72 65.30
N ASN D 151 -51.91 28.97 65.10
CA ASN D 151 -50.92 27.95 65.41
C ASN D 151 -50.86 27.73 66.91
N TYR D 152 -50.79 28.80 67.67
CA TYR D 152 -50.83 28.67 69.13
C TYR D 152 -52.09 27.92 69.55
N LEU D 153 -53.20 28.18 68.85
CA LEU D 153 -54.44 27.45 69.06
C LEU D 153 -54.22 25.96 68.83
N LEU D 154 -53.58 25.63 67.72
CA LEU D 154 -53.42 24.25 67.31
C LEU D 154 -52.54 23.50 68.28
N GLN D 155 -51.56 24.18 68.84
CA GLN D 155 -50.70 23.51 69.80
C GLN D 155 -51.40 23.40 71.14
N CYS D 156 -52.11 24.45 71.56
CA CYS D 156 -52.93 24.38 72.76
C CYS D 156 -53.95 23.25 72.67
N THR D 157 -54.58 23.07 71.50
CA THR D 157 -55.60 22.06 71.34
C THR D 157 -55.03 20.68 71.08
N ARG D 158 -53.76 20.48 71.41
CA ARG D 158 -53.06 19.27 71.04
C ARG D 158 -53.74 18.01 71.58
N ASN D 159 -54.27 18.07 72.81
CA ASN D 159 -54.71 16.82 73.42
C ASN D 159 -56.09 16.89 74.08
N ILE D 160 -56.52 18.07 74.52
CA ILE D 160 -57.61 18.14 75.48
C ILE D 160 -58.97 18.12 74.79
N LEU D 161 -59.00 18.12 73.47
CA LEU D 161 -60.26 18.14 72.75
C LEU D 161 -61.08 16.89 73.05
N PRO D 162 -62.40 16.97 72.95
CA PRO D 162 -63.24 15.79 73.15
C PRO D 162 -62.78 14.61 72.31
N ASP D 163 -63.09 13.42 72.80
CA ASP D 163 -62.66 12.18 72.17
C ASP D 163 -63.67 11.12 72.61
N GLU D 164 -63.58 9.93 72.03
CA GLU D 164 -64.63 8.94 72.28
C GLU D 164 -64.34 8.04 73.47
N GLY D 165 -63.09 7.61 73.67
CA GLY D 165 -62.79 6.74 74.78
C GLY D 165 -62.54 7.54 76.04
N GLU D 166 -63.22 8.64 76.14
CA GLU D 166 -63.03 9.64 77.16
C GLU D 166 -64.16 9.58 78.16
N PRO D 167 -63.90 9.82 79.44
CA PRO D 167 -64.99 9.88 80.42
C PRO D 167 -65.98 10.96 80.05
N THR D 168 -67.26 10.59 80.04
CA THR D 168 -68.33 11.47 79.58
C THR D 168 -69.19 11.90 80.78
N ASP D 169 -68.77 12.99 81.42
CA ASP D 169 -69.50 13.58 82.55
C ASP D 169 -70.51 14.55 81.97
N GLU D 170 -71.79 14.32 82.25
CA GLU D 170 -72.80 15.16 81.59
C GLU D 170 -72.70 16.62 81.97
N GLU D 171 -71.79 16.97 82.89
CA GLU D 171 -71.31 18.34 82.98
C GLU D 171 -70.31 18.63 81.87
N THR D 172 -69.39 17.70 81.61
CA THR D 172 -68.43 17.84 80.56
C THR D 172 -69.10 17.60 79.23
N THR D 173 -69.14 18.64 78.41
CA THR D 173 -69.85 18.58 77.16
C THR D 173 -68.88 18.69 76.00
N GLY D 174 -69.25 18.06 74.88
CA GLY D 174 -68.42 18.01 73.70
C GLY D 174 -68.00 16.61 73.33
N ASP D 175 -68.11 16.26 72.05
CA ASP D 175 -67.75 14.93 71.58
C ASP D 175 -66.75 15.04 70.45
N ILE D 176 -66.44 13.89 69.84
CA ILE D 176 -65.54 13.86 68.70
C ILE D 176 -66.07 14.72 67.57
N SER D 177 -67.39 14.70 67.34
CA SER D 177 -67.98 15.54 66.30
C SER D 177 -67.72 17.01 66.55
N ASP D 178 -67.71 17.40 67.81
CA ASP D 178 -67.43 18.78 68.17
C ASP D 178 -65.97 19.13 67.91
N SER D 179 -65.06 18.24 68.25
CA SER D 179 -63.65 18.45 67.96
C SER D 179 -63.42 18.58 66.46
N MET D 180 -64.09 17.72 65.68
CA MET D 180 -63.97 17.76 64.23
C MET D 180 -64.47 19.08 63.66
N ASP D 181 -65.64 19.51 64.11
CA ASP D 181 -66.15 20.80 63.68
C ASP D 181 -65.21 21.93 64.08
N PHE D 182 -64.60 21.81 65.26
CA PHE D 182 -63.64 22.79 65.73
C PHE D 182 -62.48 22.96 64.77
N VAL D 183 -61.84 21.85 64.43
CA VAL D 183 -60.64 21.93 63.63
C VAL D 183 -60.95 22.29 62.19
N LEU D 184 -62.03 21.73 61.64
CA LEU D 184 -62.39 22.12 60.27
C LEU D 184 -62.70 23.62 60.15
N LEU D 185 -63.35 24.20 61.16
CA LEU D 185 -63.65 25.63 61.07
C LEU D 185 -62.40 26.49 61.18
N ASN D 186 -61.60 26.25 62.21
CA ASN D 186 -60.35 27.00 62.31
C ASN D 186 -59.49 26.82 61.07
N PHE D 187 -59.51 25.62 60.48
CA PHE D 187 -58.83 25.42 59.21
C PHE D 187 -59.35 26.30 58.10
N ALA D 188 -60.65 26.29 57.88
CA ALA D 188 -61.16 27.07 56.76
C ALA D 188 -60.81 28.54 56.91
N GLU D 189 -60.79 29.04 58.14
CA GLU D 189 -60.47 30.46 58.31
C GLU D 189 -58.98 30.72 58.07
N MET D 190 -58.13 29.86 58.61
CA MET D 190 -56.69 30.04 58.41
C MET D 190 -56.29 29.87 56.95
N ASN D 191 -56.83 28.87 56.26
CA ASN D 191 -56.52 28.73 54.85
C ASN D 191 -56.99 29.94 54.06
N LYS D 192 -58.16 30.49 54.40
CA LYS D 192 -58.55 31.73 53.76
C LYS D 192 -57.53 32.84 53.92
N LEU D 193 -57.11 33.11 55.14
CA LEU D 193 -56.11 34.15 55.32
C LEU D 193 -54.83 33.82 54.55
N TRP D 194 -54.42 32.57 54.58
CA TRP D 194 -53.18 32.17 53.94
C TRP D 194 -53.25 32.35 52.43
N VAL D 195 -54.37 31.97 51.80
CA VAL D 195 -54.49 32.24 50.38
C VAL D 195 -54.59 33.74 50.16
N ARG D 196 -55.22 34.47 51.08
CA ARG D 196 -55.27 35.92 50.98
C ARG D 196 -53.88 36.49 50.93
N MET D 197 -52.95 35.79 51.56
CA MET D 197 -51.56 36.18 51.50
C MET D 197 -51.07 36.27 50.05
N GLN D 198 -51.69 35.54 49.12
CA GLN D 198 -51.27 35.66 47.72
C GLN D 198 -51.33 37.07 47.18
N HIS D 199 -52.34 37.85 47.55
CA HIS D 199 -52.56 39.12 46.87
C HIS D 199 -52.26 40.33 47.72
N GLN D 200 -51.90 40.15 48.99
CA GLN D 200 -51.58 41.33 49.77
C GLN D 200 -50.19 41.83 49.39
N GLY D 201 -50.00 43.13 49.53
CA GLY D 201 -48.78 43.75 49.11
C GLY D 201 -48.76 43.90 47.59
N HIS D 202 -47.64 44.40 47.10
CA HIS D 202 -47.52 44.65 45.67
C HIS D 202 -47.37 43.34 44.92
N SER D 203 -47.84 43.35 43.68
CA SER D 203 -47.85 42.15 42.85
C SER D 203 -46.45 41.68 42.49
N ARG D 204 -45.43 42.48 42.76
CA ARG D 204 -44.07 42.07 42.45
C ARG D 204 -43.42 41.25 43.56
N ASP D 205 -44.08 41.08 44.70
CA ASP D 205 -43.57 40.21 45.77
C ASP D 205 -44.15 38.82 45.66
N ARG D 206 -44.66 38.47 44.48
CA ARG D 206 -45.35 37.20 44.35
C ARG D 206 -44.40 36.03 44.56
N GLU D 207 -43.16 36.12 44.06
CA GLU D 207 -42.25 35.01 44.32
C GLU D 207 -41.82 34.99 45.78
N LYS D 208 -41.69 36.17 46.38
CA LYS D 208 -41.39 36.25 47.79
C LYS D 208 -42.56 35.75 48.60
N ARG D 209 -43.75 36.20 48.22
CA ARG D 209 -44.97 35.78 48.89
C ARG D 209 -45.13 34.25 48.85
N GLU D 210 -45.09 33.68 47.64
CA GLU D 210 -45.21 32.23 47.46
C GLU D 210 -44.12 31.45 48.16
N ARG D 211 -42.93 32.02 48.28
CA ARG D 211 -41.89 31.41 49.07
C ARG D 211 -42.26 31.39 50.54
N GLU D 212 -42.74 32.51 51.05
CA GLU D 212 -43.17 32.59 52.45
C GLU D 212 -44.32 31.63 52.74
N ARG D 213 -45.35 31.63 51.90
CA ARG D 213 -46.44 30.68 52.07
C ARG D 213 -45.94 29.24 52.04
N GLN D 214 -45.06 28.92 51.08
CA GLN D 214 -44.50 27.57 51.01
C GLN D 214 -43.86 27.24 52.35
N GLU D 215 -43.18 28.22 52.93
CA GLU D 215 -42.60 28.02 54.24
C GLU D 215 -43.69 27.70 55.24
N LEU D 216 -44.82 28.37 55.14
CA LEU D 216 -45.89 28.21 56.11
C LEU D 216 -46.78 27.01 55.83
N ARG D 217 -46.55 26.29 54.73
CA ARG D 217 -47.45 25.21 54.38
C ARG D 217 -47.54 24.16 55.49
N ILE D 218 -46.44 23.96 56.21
CA ILE D 218 -46.41 23.00 57.31
C ILE D 218 -47.37 23.41 58.40
N LEU D 219 -47.55 24.72 58.59
CA LEU D 219 -48.48 25.23 59.57
C LEU D 219 -49.87 24.72 59.26
N VAL D 220 -50.22 24.74 57.97
CA VAL D 220 -51.52 24.28 57.54
C VAL D 220 -51.62 22.78 57.70
N GLY D 221 -50.58 22.06 57.31
CA GLY D 221 -50.66 20.61 57.36
C GLY D 221 -50.74 20.10 58.80
N THR D 222 -50.18 20.85 59.72
CA THR D 222 -50.29 20.48 61.13
C THR D 222 -51.73 20.33 61.58
N ASN D 223 -52.66 21.07 60.99
CA ASN D 223 -54.08 20.85 61.29
C ASN D 223 -54.50 19.43 60.94
N LEU D 224 -54.03 18.93 59.81
CA LEU D 224 -54.39 17.57 59.41
C LEU D 224 -53.72 16.57 60.31
N VAL D 225 -52.48 16.83 60.69
CA VAL D 225 -51.85 15.96 61.67
C VAL D 225 -52.71 15.87 62.93
N ARG D 226 -53.23 17.02 63.36
CA ARG D 226 -54.08 17.08 64.55
C ARG D 226 -55.36 16.32 64.33
N LEU D 227 -55.89 16.41 63.12
CA LEU D 227 -57.08 15.68 62.78
C LEU D 227 -56.83 14.18 62.79
N SER D 228 -55.64 13.78 62.37
CA SER D 228 -55.30 12.37 62.37
C SER D 228 -55.04 11.77 63.74
N GLN D 229 -54.53 12.50 64.72
CA GLN D 229 -54.40 11.75 65.98
C GLN D 229 -55.74 11.54 66.64
N LEU D 230 -56.79 12.14 66.11
CA LEU D 230 -58.08 12.07 66.74
C LEU D 230 -58.58 10.63 66.70
N GLU D 231 -58.62 10.01 67.88
CA GLU D 231 -58.98 8.60 67.97
C GLU D 231 -60.35 8.35 67.33
N GLY D 232 -61.24 9.33 67.40
CA GLY D 232 -62.56 9.14 66.88
C GLY D 232 -62.64 8.89 65.40
N VAL D 233 -61.53 9.04 64.68
CA VAL D 233 -61.64 8.97 63.23
C VAL D 233 -61.90 7.52 62.85
N ASN D 234 -63.18 7.17 62.74
CA ASN D 234 -63.50 5.91 62.12
C ASN D 234 -63.66 6.12 60.63
N VAL D 235 -63.81 5.02 59.90
CA VAL D 235 -63.97 5.11 58.46
C VAL D 235 -65.26 5.85 58.10
N GLU D 236 -66.30 5.67 58.92
CA GLU D 236 -67.59 6.30 58.60
C GLU D 236 -67.56 7.79 58.85
N ARG D 237 -66.86 8.24 59.88
CA ARG D 237 -66.70 9.67 60.08
C ARG D 237 -65.83 10.26 58.98
N TYR D 238 -64.81 9.52 58.58
CA TYR D 238 -63.97 9.90 57.45
C TYR D 238 -64.80 10.05 56.19
N LYS D 239 -65.65 9.07 55.92
CA LYS D 239 -66.56 9.09 54.79
C LYS D 239 -67.52 10.28 54.84
N GLN D 240 -68.22 10.43 55.96
CA GLN D 240 -69.34 11.35 56.02
C GLN D 240 -68.98 12.81 56.32
N ILE D 241 -67.99 13.09 57.15
CA ILE D 241 -67.76 14.44 57.64
C ILE D 241 -66.50 15.02 57.03
N VAL D 242 -65.39 14.32 57.16
CA VAL D 242 -64.08 14.91 56.93
C VAL D 242 -63.91 15.28 55.47
N LEU D 243 -64.06 14.30 54.60
CA LEU D 243 -63.91 14.54 53.18
C LEU D 243 -64.97 15.47 52.63
N THR D 244 -66.21 15.35 53.08
CA THR D 244 -67.19 16.32 52.62
C THR D 244 -66.80 17.76 52.95
N GLY D 245 -66.30 18.01 54.16
CA GLY D 245 -65.86 19.37 54.48
C GLY D 245 -64.67 19.82 53.65
N ILE D 246 -63.66 18.97 53.57
CA ILE D 246 -62.44 19.35 52.89
C ILE D 246 -62.71 19.54 51.40
N LEU D 247 -63.41 18.60 50.78
CA LEU D 247 -63.69 18.74 49.38
C LEU D 247 -64.56 19.95 49.10
N GLU D 248 -65.40 20.35 50.06
CA GLU D 248 -66.19 21.57 49.86
C GLU D 248 -65.30 22.80 49.77
N GLN D 249 -64.33 22.88 50.66
CA GLN D 249 -63.42 24.03 50.57
C GLN D 249 -62.56 23.93 49.33
N VAL D 250 -62.10 22.72 48.99
CA VAL D 250 -61.17 22.53 47.87
C VAL D 250 -61.83 22.95 46.57
N VAL D 251 -63.01 22.39 46.31
CA VAL D 251 -63.72 22.71 45.08
C VAL D 251 -64.09 24.17 45.11
N ASN D 252 -64.31 24.72 46.29
CA ASN D 252 -64.74 26.09 46.39
C ASN D 252 -63.57 27.05 46.30
N CYS D 253 -62.35 26.61 46.62
CA CYS D 253 -61.22 27.53 46.60
C CYS D 253 -60.59 27.69 45.22
N ARG D 254 -60.76 26.73 44.31
CA ARG D 254 -60.25 26.80 42.92
C ARG D 254 -58.86 27.45 42.81
N ASP D 255 -57.98 27.11 43.76
CA ASP D 255 -56.57 27.52 43.73
C ASP D 255 -55.79 26.24 43.46
N ALA D 256 -54.47 26.33 43.27
CA ALA D 256 -53.77 25.10 42.91
C ALA D 256 -52.65 24.74 43.87
N LEU D 257 -51.82 25.71 44.26
CA LEU D 257 -50.70 25.40 45.17
C LEU D 257 -51.15 24.83 46.50
N ALA D 258 -52.14 25.45 47.12
CA ALA D 258 -52.63 24.95 48.41
C ALA D 258 -53.35 23.63 48.25
N GLN D 259 -54.29 23.58 47.31
CA GLN D 259 -55.02 22.34 47.10
C GLN D 259 -54.05 21.18 46.92
N GLU D 260 -53.05 21.36 46.05
CA GLU D 260 -52.11 20.27 45.78
C GLU D 260 -51.33 19.89 47.03
N TYR D 261 -50.78 20.87 47.77
CA TYR D 261 -50.05 20.50 48.99
C TYR D 261 -50.95 19.76 49.95
N LEU D 262 -52.13 20.28 50.19
CA LEU D 262 -52.97 19.68 51.21
C LEU D 262 -53.38 18.28 50.79
N MET D 263 -53.66 18.11 49.50
CA MET D 263 -54.10 16.81 49.02
C MET D 263 -53.01 15.75 49.08
N GLU D 264 -51.76 16.11 48.75
CA GLU D 264 -50.70 15.12 48.98
C GLU D 264 -50.56 14.81 50.45
N CYS D 265 -50.61 15.83 51.32
CA CYS D 265 -50.48 15.53 52.74
C CYS D 265 -51.55 14.56 53.19
N ILE D 266 -52.76 14.72 52.68
CA ILE D 266 -53.83 13.76 52.94
C ILE D 266 -53.43 12.39 52.45
N ILE D 267 -53.07 12.31 51.17
CA ILE D 267 -52.69 11.06 50.54
C ILE D 267 -51.72 10.33 51.43
N GLN D 268 -50.67 11.03 51.83
CA GLN D 268 -49.64 10.43 52.65
C GLN D 268 -50.22 9.98 53.98
N VAL D 269 -51.09 10.79 54.56
CA VAL D 269 -51.44 10.61 55.96
C VAL D 269 -52.50 9.54 56.16
N PHE D 270 -53.51 9.52 55.38
CA PHE D 270 -54.50 8.63 55.96
C PHE D 270 -54.31 7.18 55.54
N PRO D 271 -54.82 6.25 56.35
CA PRO D 271 -54.66 4.84 56.01
C PRO D 271 -55.50 4.50 54.81
N ASP D 272 -54.98 3.57 54.04
CA ASP D 272 -55.62 3.18 52.80
C ASP D 272 -56.97 2.55 53.04
N GLU D 273 -57.21 2.02 54.24
CA GLU D 273 -58.55 1.55 54.56
C GLU D 273 -59.59 2.64 54.41
N PHE D 274 -59.29 3.86 54.84
CA PHE D 274 -60.25 4.93 54.70
C PHE D 274 -60.36 5.38 53.25
N HIS D 275 -59.21 5.44 52.58
CA HIS D 275 -59.15 5.87 51.20
C HIS D 275 -59.93 4.94 50.30
N LEU D 276 -59.86 3.64 50.58
CA LEU D 276 -60.54 2.65 49.76
C LEU D 276 -62.04 2.79 49.86
N GLN D 277 -62.54 3.16 51.04
CA GLN D 277 -63.96 3.37 51.12
C GLN D 277 -64.35 4.70 50.53
N THR D 278 -63.39 5.58 50.29
CA THR D 278 -63.75 6.91 49.81
C THR D 278 -63.03 7.25 48.52
N LEU D 279 -62.75 6.25 47.68
CA LEU D 279 -61.98 6.51 46.47
C LEU D 279 -62.74 7.29 45.41
N ASN D 280 -63.92 6.81 45.04
CA ASN D 280 -64.64 7.50 43.97
C ASN D 280 -65.01 8.91 44.35
N PRO D 281 -65.40 9.22 45.58
CA PRO D 281 -65.52 10.65 45.92
C PRO D 281 -64.20 11.38 45.82
N PHE D 282 -63.13 10.79 46.35
CA PHE D 282 -61.84 11.46 46.29
C PHE D 282 -61.32 11.59 44.87
N LEU D 283 -61.55 10.61 44.02
CA LEU D 283 -61.05 10.75 42.67
C LEU D 283 -61.94 11.61 41.79
N ARG D 284 -63.25 11.55 41.96
CA ARG D 284 -64.08 12.52 41.27
C ARG D 284 -63.71 13.94 41.68
N ALA D 285 -63.37 14.14 42.96
CA ALA D 285 -62.89 15.45 43.39
C ALA D 285 -61.58 15.80 42.71
N CYS D 286 -60.70 14.81 42.61
CA CYS D 286 -59.41 15.00 41.96
C CYS D 286 -59.57 15.45 40.51
N ALA D 287 -60.58 14.91 39.83
CA ALA D 287 -60.84 15.26 38.43
C ALA D 287 -61.27 16.71 38.21
N GLU D 288 -61.89 17.36 39.20
CA GLU D 288 -62.31 18.74 38.96
C GLU D 288 -61.22 19.75 39.22
N LEU D 289 -60.02 19.33 39.55
CA LEU D 289 -59.02 20.27 40.01
C LEU D 289 -58.45 21.11 38.88
N HIS D 290 -57.68 22.12 39.27
CA HIS D 290 -57.24 23.18 38.37
C HIS D 290 -56.33 22.64 37.27
N GLN D 291 -56.39 23.31 36.11
CA GLN D 291 -55.66 22.84 34.95
C GLN D 291 -54.16 23.02 35.09
N ASN D 292 -53.73 24.07 35.77
CA ASN D 292 -52.30 24.31 35.94
C ASN D 292 -51.65 23.34 36.90
N VAL D 293 -52.42 22.37 37.40
CA VAL D 293 -51.91 21.42 38.36
C VAL D 293 -51.16 20.30 37.64
N ASN D 294 -49.96 19.98 38.13
CA ASN D 294 -49.31 18.72 37.76
C ASN D 294 -49.99 17.61 38.54
N VAL D 295 -51.10 17.15 38.00
CA VAL D 295 -51.84 16.05 38.58
C VAL D 295 -51.05 14.76 38.46
N LYS D 296 -50.27 14.63 37.38
CA LYS D 296 -49.37 13.52 37.17
C LYS D 296 -48.52 13.16 38.38
N ASN D 297 -47.84 14.14 38.98
CA ASN D 297 -46.99 13.77 40.12
C ASN D 297 -47.82 13.28 41.30
N ILE D 298 -49.01 13.84 41.45
CA ILE D 298 -49.94 13.42 42.48
C ILE D 298 -50.36 11.97 42.23
N ILE D 299 -50.84 11.71 41.03
CA ILE D 299 -51.34 10.40 40.67
C ILE D 299 -50.24 9.38 40.83
N ILE D 300 -49.03 9.72 40.42
CA ILE D 300 -47.92 8.79 40.56
C ILE D 300 -47.71 8.49 42.04
N ALA D 301 -47.71 9.52 42.88
CA ALA D 301 -47.57 9.30 44.31
C ALA D 301 -48.66 8.36 44.81
N LEU D 302 -49.86 8.52 44.27
CA LEU D 302 -50.99 7.69 44.62
C LEU D 302 -50.77 6.25 44.20
N ILE D 303 -50.33 6.08 42.97
CA ILE D 303 -50.03 4.76 42.44
C ILE D 303 -48.96 4.08 43.29
N ASP D 304 -47.92 4.82 43.61
CA ASP D 304 -46.87 4.33 44.49
C ASP D 304 -47.41 3.89 45.85
N ARG D 305 -48.37 4.65 46.40
CA ARG D 305 -48.88 4.28 47.72
C ARG D 305 -49.76 3.04 47.64
N LEU D 306 -50.58 2.95 46.61
CA LEU D 306 -51.38 1.74 46.47
C LEU D 306 -50.54 0.55 46.05
N ALA D 307 -49.41 0.77 45.38
CA ALA D 307 -48.51 -0.32 45.06
C ALA D 307 -47.85 -0.87 46.31
N LEU D 308 -47.32 0.01 47.15
CA LEU D 308 -46.78 -0.46 48.42
C LEU D 308 -47.86 -1.01 49.31
N PHE D 309 -49.11 -0.64 49.04
CA PHE D 309 -50.25 -1.21 49.72
C PHE D 309 -50.64 -2.57 49.18
N ALA D 310 -50.51 -2.78 47.87
CA ALA D 310 -50.83 -4.08 47.29
C ALA D 310 -49.88 -5.16 47.77
N HIS D 311 -48.58 -4.91 47.69
CA HIS D 311 -47.60 -5.86 48.15
C HIS D 311 -47.27 -5.70 49.62
N ARG D 312 -48.01 -4.85 50.34
CA ARG D 312 -47.90 -4.87 51.79
C ARG D 312 -48.65 -6.10 52.28
N GLU D 313 -47.93 -7.02 52.88
CA GLU D 313 -48.53 -8.20 53.46
C GLU D 313 -48.88 -7.91 54.93
N ASP D 314 -49.24 -8.96 55.65
CA ASP D 314 -49.90 -8.83 56.95
C ASP D 314 -51.20 -8.05 56.79
N GLY D 315 -51.93 -8.37 55.72
CA GLY D 315 -53.20 -7.74 55.44
C GLY D 315 -54.07 -8.62 54.58
N PRO D 316 -55.36 -8.29 54.49
CA PRO D 316 -56.31 -9.18 53.80
C PRO D 316 -56.03 -9.29 52.31
N GLY D 317 -55.10 -8.51 51.78
CA GLY D 317 -54.99 -8.43 50.35
C GLY D 317 -56.09 -7.52 49.82
N ILE D 318 -56.32 -7.61 48.53
CA ILE D 318 -57.29 -6.75 47.85
C ILE D 318 -58.64 -7.44 47.88
N PRO D 319 -59.65 -6.87 48.53
CA PRO D 319 -60.98 -7.47 48.47
C PRO D 319 -61.46 -7.54 47.03
N ALA D 320 -62.12 -8.65 46.70
CA ALA D 320 -62.52 -8.88 45.31
C ALA D 320 -63.58 -7.88 44.87
N ASP D 321 -64.42 -7.41 45.79
CA ASP D 321 -65.39 -6.40 45.43
C ASP D 321 -64.69 -5.12 45.02
N ILE D 322 -63.46 -4.94 45.47
CA ILE D 322 -62.70 -3.75 45.16
C ILE D 322 -62.02 -3.92 43.80
N LYS D 323 -62.70 -3.52 42.74
CA LYS D 323 -62.08 -3.55 41.41
C LYS D 323 -61.29 -2.27 41.20
N LEU D 324 -60.14 -2.24 41.84
CA LEU D 324 -59.24 -1.09 41.78
C LEU D 324 -58.98 -0.70 40.34
N PHE D 325 -58.60 -1.68 39.51
CA PHE D 325 -58.19 -1.34 38.16
C PHE D 325 -59.31 -0.67 37.37
N ASP D 326 -60.53 -1.19 37.45
CA ASP D 326 -61.62 -0.55 36.72
C ASP D 326 -61.94 0.84 37.26
N ILE D 327 -61.85 1.00 38.57
CA ILE D 327 -62.15 2.27 39.21
C ILE D 327 -61.11 3.30 38.83
N PHE D 328 -59.88 3.00 39.15
CA PHE D 328 -58.79 3.90 38.89
C PHE D 328 -58.67 4.17 37.40
N SER D 329 -58.86 3.16 36.58
CA SER D 329 -58.82 3.35 35.13
C SER D 329 -59.85 4.38 34.70
N GLN D 330 -61.08 4.22 35.16
CA GLN D 330 -62.10 5.15 34.70
C GLN D 330 -61.89 6.53 35.27
N GLN D 331 -61.37 6.64 36.49
CA GLN D 331 -61.22 7.98 37.03
C GLN D 331 -60.01 8.68 36.45
N VAL D 332 -58.87 8.01 36.35
CA VAL D 332 -57.73 8.62 35.68
C VAL D 332 -58.14 9.06 34.29
N ALA D 333 -58.89 8.22 33.59
CA ALA D 333 -59.45 8.61 32.30
C ALA D 333 -60.25 9.90 32.41
N THR D 334 -61.11 9.99 33.41
CA THR D 334 -61.91 11.21 33.59
C THR D 334 -61.03 12.39 33.89
N VAL D 335 -59.97 12.15 34.63
CA VAL D 335 -59.02 13.19 34.95
C VAL D 335 -58.34 13.67 33.68
N ILE D 336 -57.98 12.75 32.80
CA ILE D 336 -57.34 13.16 31.56
C ILE D 336 -58.28 13.99 30.73
N GLN D 337 -59.56 13.61 30.67
CA GLN D 337 -60.50 14.48 29.96
C GLN D 337 -60.53 15.85 30.62
N SER D 338 -60.47 15.86 31.94
CA SER D 338 -60.49 17.11 32.66
C SER D 338 -59.21 17.89 32.40
N ARG D 339 -58.14 17.18 32.07
CA ARG D 339 -56.93 17.87 31.67
C ARG D 339 -57.01 18.26 30.21
N GLN D 340 -56.46 19.44 29.91
CA GLN D 340 -56.50 19.98 28.56
C GLN D 340 -55.15 19.93 27.87
N ASP D 341 -54.07 20.29 28.58
CA ASP D 341 -52.73 20.28 27.99
C ASP D 341 -51.90 19.24 28.73
N MET D 342 -52.07 18.00 28.33
CA MET D 342 -51.24 16.93 28.83
C MET D 342 -50.11 16.67 27.85
N PRO D 343 -48.86 16.73 28.28
CA PRO D 343 -47.80 16.14 27.47
C PRO D 343 -48.06 14.66 27.32
N SER D 344 -47.99 14.17 26.08
CA SER D 344 -48.24 12.76 25.86
C SER D 344 -47.23 11.91 26.60
N GLU D 345 -45.99 12.41 26.69
CA GLU D 345 -44.98 11.76 27.51
C GLU D 345 -45.47 11.59 28.94
N ASP D 346 -46.21 12.58 29.46
CA ASP D 346 -46.71 12.44 30.82
C ASP D 346 -47.75 11.35 30.88
N VAL D 347 -48.59 11.28 29.86
CA VAL D 347 -49.56 10.20 29.77
C VAL D 347 -48.86 8.87 29.80
N VAL D 348 -47.71 8.78 29.14
CA VAL D 348 -46.96 7.53 29.12
C VAL D 348 -46.27 7.27 30.44
N SER D 349 -45.73 8.30 31.08
CA SER D 349 -45.18 8.10 32.42
C SER D 349 -46.23 7.53 33.36
N LEU D 350 -47.48 7.91 33.17
CA LEU D 350 -48.56 7.33 33.97
C LEU D 350 -48.90 5.93 33.51
N GLN D 351 -48.85 5.70 32.21
CA GLN D 351 -49.05 4.37 31.68
C GLN D 351 -48.02 3.39 32.23
N VAL D 352 -46.81 3.86 32.48
CA VAL D 352 -45.77 3.02 33.07
C VAL D 352 -46.18 2.54 34.45
N SER D 353 -46.72 3.44 35.25
CA SER D 353 -47.17 3.09 36.59
C SER D 353 -48.42 2.23 36.54
N LEU D 354 -49.23 2.45 35.51
CA LEU D 354 -50.39 1.60 35.25
C LEU D 354 -49.99 0.19 34.89
N ILE D 355 -48.87 0.05 34.18
CA ILE D 355 -48.31 -1.27 34.00
C ILE D 355 -47.91 -1.85 35.33
N ASN D 356 -46.98 -1.20 36.01
CA ASN D 356 -46.51 -1.70 37.29
C ASN D 356 -47.62 -2.17 38.22
N LEU D 357 -48.69 -1.39 38.32
CA LEU D 357 -49.84 -1.80 39.12
C LEU D 357 -50.48 -3.09 38.62
N ALA D 358 -50.88 -3.12 37.35
CA ALA D 358 -51.53 -4.31 36.83
C ALA D 358 -50.62 -5.53 36.93
N MET D 359 -49.33 -5.30 36.75
CA MET D 359 -48.32 -6.34 36.82
C MET D 359 -48.22 -6.92 38.22
N LYS D 360 -48.14 -6.06 39.22
CA LYS D 360 -47.87 -6.52 40.57
C LYS D 360 -49.12 -7.01 41.27
N CYS D 361 -50.29 -6.48 40.93
CA CYS D 361 -51.50 -6.91 41.60
C CYS D 361 -52.19 -8.07 40.89
N TYR D 362 -52.01 -8.23 39.60
CA TYR D 362 -52.67 -9.30 38.86
C TYR D 362 -51.81 -9.74 37.69
N PRO D 363 -50.71 -10.45 37.95
CA PRO D 363 -49.97 -11.07 36.85
C PRO D 363 -50.83 -12.01 36.04
N ASP D 364 -51.73 -12.72 36.72
CA ASP D 364 -52.61 -13.71 36.11
C ASP D 364 -53.43 -13.21 34.92
N ARG D 365 -54.14 -12.11 35.08
CA ARG D 365 -55.23 -11.74 34.17
C ARG D 365 -54.72 -10.87 33.03
N VAL D 366 -54.49 -11.53 31.90
CA VAL D 366 -53.90 -10.90 30.72
C VAL D 366 -54.84 -9.88 30.08
N ASP D 367 -56.14 -10.18 30.06
CA ASP D 367 -57.13 -9.29 29.49
C ASP D 367 -57.01 -7.86 30.02
N TYR D 368 -56.58 -7.71 31.27
CA TYR D 368 -56.29 -6.40 31.80
C TYR D 368 -55.15 -5.75 31.03
N VAL D 369 -54.05 -6.48 30.89
CA VAL D 369 -52.88 -5.99 30.18
C VAL D 369 -53.25 -5.61 28.75
N ASP D 370 -54.12 -6.39 28.14
CA ASP D 370 -54.59 -6.06 26.81
C ASP D 370 -55.45 -4.80 26.81
N LYS D 371 -56.27 -4.61 27.85
CA LYS D 371 -57.03 -3.37 27.93
C LYS D 371 -56.10 -2.19 28.07
N VAL D 372 -54.98 -2.42 28.72
CA VAL D 372 -53.97 -1.40 28.81
C VAL D 372 -53.37 -1.13 27.44
N LEU D 373 -53.06 -2.19 26.71
CA LEU D 373 -52.48 -2.04 25.39
C LEU D 373 -53.43 -1.35 24.42
N GLU D 374 -54.72 -1.67 24.50
CA GLU D 374 -55.70 -0.97 23.69
C GLU D 374 -55.80 0.50 24.02
N THR D 375 -55.72 0.86 25.30
CA THR D 375 -55.80 2.29 25.54
C THR D 375 -54.53 3.03 25.16
N THR D 376 -53.37 2.43 25.40
CA THR D 376 -52.15 3.04 24.92
C THR D 376 -52.15 3.19 23.40
N VAL D 377 -52.53 2.14 22.69
CA VAL D 377 -52.68 2.19 21.24
C VAL D 377 -53.64 3.28 20.79
N GLU D 378 -54.84 3.33 21.35
CA GLU D 378 -55.78 4.38 20.97
C GLU D 378 -55.18 5.77 21.16
N ILE D 379 -54.39 5.93 22.21
CA ILE D 379 -53.70 7.19 22.43
C ILE D 379 -52.73 7.46 21.29
N PHE D 380 -51.87 6.50 21.01
CA PHE D 380 -50.90 6.66 19.94
C PHE D 380 -51.52 6.87 18.58
N ASN D 381 -52.64 6.25 18.30
CA ASN D 381 -53.26 6.48 17.02
C ASN D 381 -53.84 7.87 16.92
N LYS D 382 -54.52 8.35 17.97
CA LYS D 382 -55.05 9.71 17.86
C LYS D 382 -53.89 10.70 17.71
N LEU D 383 -52.74 10.37 18.28
CA LEU D 383 -51.53 11.12 18.00
C LEU D 383 -51.04 10.81 16.59
N ASN D 384 -51.03 11.84 15.74
CA ASN D 384 -50.56 11.69 14.36
C ASN D 384 -49.04 11.73 14.31
N LEU D 385 -48.43 10.77 14.99
CA LEU D 385 -46.98 10.78 15.18
C LEU D 385 -46.30 9.90 14.14
N GLU D 386 -45.25 10.42 13.53
CA GLU D 386 -44.34 9.63 12.71
C GLU D 386 -43.47 8.75 13.62
N HIS D 387 -42.89 7.70 13.03
CA HIS D 387 -42.01 6.80 13.77
C HIS D 387 -40.99 7.62 14.56
N ILE D 388 -41.01 7.44 15.88
CA ILE D 388 -40.43 8.41 16.80
C ILE D 388 -38.92 8.21 16.84
N ALA D 389 -38.20 9.23 16.39
CA ALA D 389 -36.77 9.20 16.29
C ALA D 389 -36.12 9.14 17.66
N THR D 390 -34.79 9.05 17.63
CA THR D 390 -34.02 8.94 18.86
C THR D 390 -34.13 10.19 19.72
N SER D 391 -34.27 11.36 19.09
CA SER D 391 -34.26 12.60 19.86
C SER D 391 -35.48 12.77 20.74
N SER D 392 -36.65 12.26 20.32
CA SER D 392 -37.86 12.53 21.07
C SER D 392 -37.90 11.82 22.41
N ALA D 393 -38.32 12.57 23.43
CA ALA D 393 -38.58 12.00 24.76
C ALA D 393 -39.75 11.04 24.72
N VAL D 394 -40.65 11.23 23.76
CA VAL D 394 -41.78 10.34 23.61
C VAL D 394 -41.31 8.92 23.37
N SER D 395 -40.36 8.74 22.44
CA SER D 395 -39.86 7.40 22.20
C SER D 395 -39.20 6.84 23.44
N LYS D 396 -38.43 7.68 24.12
CA LYS D 396 -37.85 7.30 25.41
C LYS D 396 -38.89 6.70 26.34
N GLU D 397 -40.04 7.35 26.44
CA GLU D 397 -41.06 6.89 27.38
C GLU D 397 -41.72 5.62 26.89
N LEU D 398 -42.05 5.58 25.62
CA LEU D 398 -42.64 4.39 25.03
C LEU D 398 -41.72 3.20 25.17
N THR D 399 -40.43 3.45 25.07
CA THR D 399 -39.44 2.43 25.33
C THR D 399 -39.51 1.97 26.78
N ARG D 400 -39.48 2.91 27.71
CA ARG D 400 -39.54 2.54 29.11
C ARG D 400 -40.84 1.84 29.47
N LEU D 401 -41.93 2.22 28.83
CA LEU D 401 -43.19 1.54 29.04
C LEU D 401 -43.15 0.10 28.55
N LEU D 402 -42.81 -0.09 27.28
CA LEU D 402 -42.84 -1.39 26.65
C LEU D 402 -41.83 -2.38 27.20
N LYS D 403 -40.67 -1.91 27.61
CA LYS D 403 -39.73 -2.86 28.15
C LYS D 403 -40.27 -3.51 29.40
N ILE D 404 -41.19 -2.85 30.09
CA ILE D 404 -41.69 -3.38 31.34
C ILE D 404 -42.44 -4.67 31.06
N PRO D 405 -43.38 -4.71 30.12
CA PRO D 405 -43.92 -6.02 29.72
C PRO D 405 -42.83 -6.96 29.29
N VAL D 406 -41.89 -6.43 28.51
CA VAL D 406 -40.79 -7.21 27.98
C VAL D 406 -39.90 -7.73 29.09
N ASP D 407 -39.60 -6.87 30.05
CA ASP D 407 -38.71 -7.28 31.11
C ASP D 407 -39.42 -8.15 32.13
N THR D 408 -40.68 -7.85 32.38
CA THR D 408 -41.39 -8.51 33.46
C THR D 408 -41.91 -9.85 33.00
N TYR D 409 -42.49 -9.87 31.81
CA TYR D 409 -42.90 -11.16 31.31
C TYR D 409 -41.66 -11.95 30.96
N ASN D 410 -41.27 -12.80 31.89
CA ASN D 410 -40.10 -13.64 31.68
C ASN D 410 -40.30 -14.50 30.44
N ASN D 411 -41.47 -15.12 30.33
CA ASN D 411 -41.75 -16.02 29.22
C ASN D 411 -42.27 -15.22 28.03
N ILE D 412 -41.53 -15.27 26.93
CA ILE D 412 -41.91 -14.51 25.75
C ILE D 412 -43.00 -15.23 24.98
N LEU D 413 -43.16 -16.53 25.22
CA LEU D 413 -44.33 -17.23 24.69
C LEU D 413 -45.60 -16.51 25.11
N THR D 414 -45.63 -16.01 26.34
CA THR D 414 -46.79 -15.33 26.89
C THR D 414 -47.13 -14.09 26.10
N VAL D 415 -46.12 -13.45 25.51
CA VAL D 415 -46.36 -12.28 24.67
C VAL D 415 -47.17 -12.67 23.46
N LEU D 416 -46.89 -13.85 22.91
CA LEU D 416 -47.61 -14.28 21.73
C LEU D 416 -49.07 -14.54 22.06
N LYS D 417 -49.40 -14.70 23.33
CA LYS D 417 -50.79 -14.69 23.72
C LYS D 417 -51.37 -13.28 23.67
N LEU D 418 -50.51 -12.26 23.65
CA LEU D 418 -51.01 -10.90 23.53
C LEU D 418 -50.91 -10.46 22.08
N LYS D 419 -52.06 -10.47 21.43
CA LYS D 419 -52.14 -10.14 20.01
C LYS D 419 -51.90 -8.65 19.81
N HIS D 420 -52.30 -7.85 20.78
CA HIS D 420 -52.26 -6.42 20.69
C HIS D 420 -50.89 -5.85 20.95
N PHE D 421 -49.92 -6.70 21.30
CA PHE D 421 -48.56 -6.21 21.40
C PHE D 421 -48.00 -5.81 20.05
N HIS D 422 -48.12 -6.68 19.08
CA HIS D 422 -47.48 -6.47 17.80
C HIS D 422 -47.83 -5.10 17.25
N PRO D 423 -49.09 -4.63 17.36
CA PRO D 423 -49.43 -3.28 16.89
C PRO D 423 -48.53 -2.16 17.40
N LEU D 424 -47.94 -2.33 18.58
CA LEU D 424 -46.98 -1.37 19.09
C LEU D 424 -45.69 -1.22 18.27
N PHE D 425 -45.29 -2.25 17.52
CA PHE D 425 -44.04 -2.13 16.75
C PHE D 425 -44.11 -1.00 15.75
N GLU D 426 -45.28 -0.85 15.14
CA GLU D 426 -45.67 0.21 14.24
C GLU D 426 -45.28 1.63 14.62
N TYR D 427 -45.49 2.01 15.87
CA TYR D 427 -45.34 3.41 16.20
C TYR D 427 -43.90 3.85 16.27
N PHE D 428 -42.98 2.90 16.30
CA PHE D 428 -41.60 3.22 16.61
C PHE D 428 -40.78 3.50 15.35
N ASP D 429 -39.64 4.14 15.59
CA ASP D 429 -38.65 4.32 14.56
C ASP D 429 -37.95 3.01 14.26
N TYR D 430 -37.41 2.92 13.05
CA TYR D 430 -36.64 1.74 12.69
C TYR D 430 -35.41 1.57 13.55
N GLU D 431 -34.72 2.67 13.85
CA GLU D 431 -33.54 2.54 14.70
C GLU D 431 -33.94 2.05 16.07
N SER D 432 -35.07 2.53 16.56
CA SER D 432 -35.46 2.13 17.90
C SER D 432 -36.07 0.75 17.87
N ARG D 433 -36.78 0.43 16.79
CA ARG D 433 -37.26 -0.93 16.57
C ARG D 433 -36.10 -1.90 16.53
N LYS D 434 -35.02 -1.52 15.86
CA LYS D 434 -33.84 -2.36 15.81
C LYS D 434 -33.22 -2.54 17.19
N SER D 435 -33.08 -1.46 17.94
CA SER D 435 -32.52 -1.55 19.28
C SER D 435 -33.37 -2.43 20.18
N MET D 436 -34.67 -2.22 20.14
CA MET D 436 -35.59 -2.91 21.02
C MET D 436 -35.74 -4.36 20.57
N SER D 437 -35.85 -4.57 19.27
CA SER D 437 -35.93 -5.93 18.76
C SER D 437 -34.71 -6.71 19.19
N CYS D 438 -33.54 -6.08 19.14
CA CYS D 438 -32.36 -6.74 19.67
C CYS D 438 -32.57 -7.04 21.15
N TYR D 439 -33.07 -6.07 21.90
CA TYR D 439 -33.29 -6.26 23.33
C TYR D 439 -34.28 -7.38 23.64
N VAL D 440 -35.34 -7.46 22.87
CA VAL D 440 -36.34 -8.49 23.13
C VAL D 440 -35.81 -9.85 22.74
N LEU D 441 -35.28 -9.98 21.55
CA LEU D 441 -34.80 -11.28 21.12
C LEU D 441 -33.66 -11.74 22.01
N SER D 442 -32.82 -10.80 22.43
CA SER D 442 -31.80 -11.15 23.40
C SER D 442 -32.45 -11.69 24.65
N ASN D 443 -33.61 -11.14 25.02
CA ASN D 443 -34.27 -11.64 26.20
C ASN D 443 -34.88 -13.01 25.91
N VAL D 444 -35.30 -13.20 24.66
CA VAL D 444 -35.86 -14.45 24.21
C VAL D 444 -34.81 -15.54 24.18
N LEU D 445 -33.55 -15.18 24.11
CA LEU D 445 -32.55 -16.22 24.21
C LEU D 445 -32.06 -16.39 25.63
N ASP D 446 -31.85 -15.29 26.33
CA ASP D 446 -31.43 -15.35 27.72
C ASP D 446 -32.42 -16.13 28.54
N TYR D 447 -33.68 -15.72 28.51
CA TYR D 447 -34.77 -16.50 29.05
C TYR D 447 -35.09 -17.57 28.03
N ASN D 448 -34.66 -18.79 28.31
CA ASN D 448 -34.90 -19.82 27.32
C ASN D 448 -36.40 -20.07 27.21
N THR D 449 -37.00 -19.41 26.24
CA THR D 449 -38.40 -19.63 25.89
C THR D 449 -38.40 -20.46 24.61
N GLU D 450 -39.07 -21.59 24.66
CA GLU D 450 -38.79 -22.66 23.72
C GLU D 450 -39.83 -22.75 22.62
N ILE D 451 -39.84 -23.92 21.99
CA ILE D 451 -40.69 -24.21 20.85
C ILE D 451 -42.09 -23.63 21.02
N VAL D 452 -42.61 -23.07 19.94
CA VAL D 452 -43.76 -22.17 19.95
C VAL D 452 -44.90 -22.75 19.12
N SER D 453 -46.11 -22.24 19.34
CA SER D 453 -47.25 -22.61 18.52
C SER D 453 -47.12 -21.98 17.14
N GLN D 454 -47.62 -22.73 16.15
CA GLN D 454 -47.39 -22.41 14.76
C GLN D 454 -47.82 -20.98 14.45
N ASP D 455 -49.00 -20.60 14.90
CA ASP D 455 -49.47 -19.25 14.65
C ASP D 455 -48.57 -18.25 15.31
N GLN D 456 -48.03 -18.61 16.46
CA GLN D 456 -47.22 -17.63 17.14
C GLN D 456 -45.84 -17.72 16.54
N VAL D 457 -45.53 -18.90 16.00
CA VAL D 457 -44.34 -19.06 15.19
C VAL D 457 -44.45 -18.15 13.98
N ASP D 458 -45.63 -18.11 13.39
CA ASP D 458 -45.85 -17.20 12.29
C ASP D 458 -45.58 -15.75 12.69
N SER D 459 -46.18 -15.29 13.80
CA SER D 459 -46.03 -13.87 14.14
C SER D 459 -44.60 -13.50 14.53
N ILE D 460 -43.86 -14.47 15.08
CA ILE D 460 -42.48 -14.22 15.43
C ILE D 460 -41.65 -14.12 14.17
N MET D 461 -41.94 -15.01 13.22
CA MET D 461 -41.27 -15.00 11.94
C MET D 461 -41.59 -13.72 11.22
N ASN D 462 -42.80 -13.19 11.41
CA ASN D 462 -43.13 -11.89 10.89
C ASN D 462 -42.26 -10.81 11.52
N LEU D 463 -41.97 -10.98 12.80
CA LEU D 463 -41.06 -10.06 13.45
C LEU D 463 -39.64 -10.19 12.92
N VAL D 464 -39.24 -11.42 12.60
CA VAL D 464 -37.90 -11.61 12.05
C VAL D 464 -37.83 -10.99 10.68
N SER D 465 -38.88 -11.17 9.89
CA SER D 465 -38.93 -10.63 8.55
C SER D 465 -38.86 -9.12 8.62
N THR D 466 -39.36 -8.54 9.71
CA THR D 466 -39.19 -7.10 9.82
C THR D 466 -37.78 -6.75 10.22
N LEU D 467 -37.13 -7.57 11.02
CA LEU D 467 -35.74 -7.28 11.35
C LEU D 467 -34.87 -7.39 10.11
N ILE D 468 -34.92 -8.55 9.46
CA ILE D 468 -34.06 -8.83 8.33
C ILE D 468 -34.52 -8.07 7.09
N GLN D 469 -35.77 -7.61 7.07
CA GLN D 469 -36.17 -6.71 5.98
C GLN D 469 -36.76 -5.42 6.52
N ASP D 470 -35.89 -4.46 6.81
CA ASP D 470 -36.18 -3.04 6.92
C ASP D 470 -34.87 -2.36 7.31
N GLN D 471 -34.75 -1.07 7.03
CA GLN D 471 -33.56 -0.29 7.31
C GLN D 471 -34.02 1.05 7.85
N PRO D 472 -33.10 1.99 8.13
CA PRO D 472 -33.53 3.33 8.53
C PRO D 472 -34.77 3.73 7.76
N ASP D 473 -35.70 4.38 8.45
CA ASP D 473 -37.01 3.77 8.70
C ASP D 473 -37.73 3.48 7.39
N GLN D 474 -37.10 2.63 6.59
CA GLN D 474 -37.54 2.04 5.34
C GLN D 474 -36.35 1.20 4.90
N PRO D 475 -36.51 0.17 4.13
CA PRO D 475 -35.31 -0.55 3.67
C PRO D 475 -34.44 0.33 2.79
N VAL D 476 -33.29 0.74 3.31
CA VAL D 476 -32.28 1.54 2.61
C VAL D 476 -30.89 0.98 2.91
N GLU D 477 -30.05 0.90 1.89
CA GLU D 477 -28.66 0.51 2.08
C GLU D 477 -27.80 1.76 2.12
N ASP D 478 -27.63 2.31 3.30
CA ASP D 478 -26.58 3.27 3.55
C ASP D 478 -25.48 2.58 4.34
N PRO D 479 -24.46 2.11 3.66
CA PRO D 479 -23.60 1.06 4.21
C PRO D 479 -22.75 1.55 5.38
N ASP D 480 -22.61 0.66 6.34
CA ASP D 480 -21.87 0.95 7.55
C ASP D 480 -20.84 -0.15 7.82
N PRO D 481 -19.56 0.17 7.90
CA PRO D 481 -18.58 -0.84 8.31
C PRO D 481 -18.67 -1.07 9.81
N GLU D 482 -19.25 -2.21 10.16
CA GLU D 482 -19.73 -2.40 11.53
C GLU D 482 -20.08 -3.88 11.63
N ASP D 483 -20.52 -4.38 12.77
CA ASP D 483 -20.74 -5.81 12.78
C ASP D 483 -22.02 -6.15 12.03
N PHE D 484 -22.15 -7.40 11.66
CA PHE D 484 -23.33 -7.82 10.94
C PHE D 484 -23.82 -9.17 11.44
N ALA D 485 -23.00 -9.84 12.24
CA ALA D 485 -23.23 -11.23 12.61
C ALA D 485 -23.97 -11.36 13.92
N ASP D 486 -24.61 -10.30 14.36
CA ASP D 486 -25.41 -10.34 15.56
C ASP D 486 -26.75 -11.03 15.36
N GLU D 487 -27.11 -11.33 14.11
CA GLU D 487 -28.44 -11.79 13.76
C GLU D 487 -28.55 -13.29 13.57
N GLN D 488 -27.44 -14.01 13.69
CA GLN D 488 -27.38 -15.41 13.26
C GLN D 488 -27.58 -16.36 14.43
N SER D 489 -26.72 -16.25 15.44
CA SER D 489 -26.81 -17.08 16.63
C SER D 489 -28.26 -17.12 17.12
N LEU D 490 -28.94 -15.99 16.99
CA LEU D 490 -30.32 -15.91 17.41
C LEU D 490 -31.13 -16.95 16.65
N VAL D 491 -30.99 -16.93 15.32
CA VAL D 491 -31.71 -17.89 14.50
C VAL D 491 -31.29 -19.30 14.81
N GLY D 492 -30.03 -19.47 15.20
CA GLY D 492 -29.56 -20.79 15.54
C GLY D 492 -30.42 -21.38 16.64
N ARG D 493 -30.55 -20.63 17.72
CA ARG D 493 -31.36 -21.05 18.85
C ARG D 493 -32.80 -21.32 18.42
N PHE D 494 -33.39 -20.37 17.71
CA PHE D 494 -34.75 -20.57 17.24
C PHE D 494 -34.87 -21.96 16.64
N ILE D 495 -34.07 -22.19 15.60
CA ILE D 495 -34.06 -23.44 14.88
C ILE D 495 -33.93 -24.63 15.81
N HIS D 496 -33.06 -24.54 16.82
CA HIS D 496 -32.92 -25.67 17.74
C HIS D 496 -34.23 -25.97 18.44
N LEU D 497 -34.78 -25.00 19.16
CA LEU D 497 -36.01 -25.29 19.91
C LEU D 497 -37.15 -25.69 18.99
N LEU D 498 -37.10 -25.25 17.73
CA LEU D 498 -38.15 -25.62 16.79
C LEU D 498 -38.32 -27.13 16.66
N ARG D 499 -37.21 -27.88 16.56
CA ARG D 499 -37.25 -29.33 16.39
C ARG D 499 -37.92 -30.13 17.51
N SER D 500 -38.36 -29.54 18.61
CA SER D 500 -38.94 -30.44 19.61
C SER D 500 -40.45 -30.61 19.46
N GLU D 501 -40.93 -30.66 18.22
CA GLU D 501 -42.30 -31.06 17.94
C GLU D 501 -42.36 -32.52 17.53
N ASP D 502 -43.59 -32.99 17.35
CA ASP D 502 -43.80 -34.32 16.78
C ASP D 502 -43.52 -34.27 15.28
N PRO D 503 -43.21 -35.42 14.68
CA PRO D 503 -42.91 -35.49 13.24
C PRO D 503 -43.75 -34.68 12.25
N ASP D 504 -45.07 -34.85 12.27
CA ASP D 504 -45.95 -34.17 11.32
C ASP D 504 -45.91 -32.64 11.41
N GLN D 505 -45.53 -32.08 12.54
CA GLN D 505 -45.49 -30.63 12.67
C GLN D 505 -44.30 -30.04 11.95
N GLN D 506 -43.17 -30.75 12.01
CA GLN D 506 -41.94 -30.25 11.44
C GLN D 506 -42.05 -29.94 9.96
N TYR D 507 -42.65 -30.83 9.17
CA TYR D 507 -42.71 -30.48 7.75
C TYR D 507 -43.35 -29.12 7.57
N LEU D 508 -44.41 -28.85 8.31
CA LEU D 508 -45.09 -27.57 8.19
C LEU D 508 -44.22 -26.43 8.69
N ILE D 509 -43.60 -26.65 9.83
CA ILE D 509 -42.76 -25.63 10.42
C ILE D 509 -41.60 -25.37 9.49
N LEU D 510 -41.13 -26.42 8.87
CA LEU D 510 -40.04 -26.37 7.94
C LEU D 510 -40.42 -25.58 6.73
N ASN D 511 -41.67 -25.71 6.33
CA ASN D 511 -42.10 -24.98 5.17
C ASN D 511 -42.22 -23.50 5.48
N THR D 512 -42.71 -23.16 6.66
CA THR D 512 -42.81 -21.74 6.95
C THR D 512 -41.43 -21.15 7.17
N ALA D 513 -40.53 -21.93 7.75
CA ALA D 513 -39.18 -21.45 7.93
C ALA D 513 -38.51 -21.26 6.59
N ARG D 514 -38.84 -22.14 5.66
CA ARG D 514 -38.28 -22.07 4.33
C ARG D 514 -38.74 -20.82 3.63
N LYS D 515 -40.04 -20.64 3.50
CA LYS D 515 -40.55 -19.44 2.87
C LYS D 515 -39.93 -18.20 3.50
N HIS D 516 -39.84 -18.20 4.83
CA HIS D 516 -39.28 -17.06 5.54
C HIS D 516 -37.87 -16.78 5.07
N PHE D 517 -37.02 -17.80 5.08
CA PHE D 517 -35.66 -17.55 4.64
C PHE D 517 -35.60 -17.32 3.15
N GLY D 518 -36.59 -17.78 2.40
CA GLY D 518 -36.58 -17.51 0.98
C GLY D 518 -36.67 -16.02 0.84
N ALA D 519 -37.45 -15.42 1.74
CA ALA D 519 -37.64 -13.98 1.83
C ALA D 519 -36.54 -13.32 2.61
N GLY D 520 -35.53 -14.10 3.02
CA GLY D 520 -34.44 -13.53 3.79
C GLY D 520 -33.64 -12.56 2.97
N GLY D 521 -33.12 -13.02 1.84
CA GLY D 521 -32.29 -12.22 0.96
C GLY D 521 -31.25 -13.06 0.26
N ASN D 522 -30.13 -12.45 -0.12
CA ASN D 522 -29.04 -13.15 -0.78
C ASN D 522 -27.78 -12.98 0.03
N GLN D 523 -27.69 -11.85 0.71
CA GLN D 523 -26.58 -11.54 1.55
C GLN D 523 -26.66 -12.22 2.90
N ARG D 524 -27.59 -13.17 3.06
CA ARG D 524 -27.97 -13.66 4.38
C ARG D 524 -27.95 -15.17 4.54
N ILE D 525 -28.52 -15.87 3.56
CA ILE D 525 -29.07 -17.21 3.65
C ILE D 525 -28.04 -18.33 3.79
N ARG D 526 -26.79 -17.97 3.52
CA ARG D 526 -25.66 -18.90 3.55
C ARG D 526 -25.43 -19.45 4.95
N PHE D 527 -25.70 -18.65 5.96
CA PHE D 527 -25.49 -19.02 7.35
C PHE D 527 -26.76 -19.51 8.02
N THR D 528 -27.92 -19.07 7.52
CA THR D 528 -29.20 -19.39 8.09
C THR D 528 -29.66 -20.80 7.72
N LEU D 529 -29.50 -21.18 6.46
CA LEU D 529 -29.98 -22.49 6.05
C LEU D 529 -29.21 -23.72 6.53
N PRO D 530 -27.90 -23.68 6.78
CA PRO D 530 -27.20 -24.90 7.23
C PRO D 530 -27.89 -25.52 8.43
N PRO D 531 -28.21 -24.74 9.47
CA PRO D 531 -28.90 -25.35 10.61
C PRO D 531 -30.17 -26.06 10.17
N LEU D 532 -30.85 -25.48 9.19
CA LEU D 532 -32.07 -26.09 8.68
C LEU D 532 -31.76 -27.43 8.06
N VAL D 533 -30.58 -27.54 7.48
CA VAL D 533 -30.16 -28.78 6.86
C VAL D 533 -30.01 -29.83 7.93
N PHE D 534 -29.37 -29.45 9.02
CA PHE D 534 -29.20 -30.40 10.09
C PHE D 534 -30.55 -30.77 10.69
N ALA D 535 -31.49 -29.82 10.68
CA ALA D 535 -32.83 -30.09 11.16
C ALA D 535 -33.40 -31.24 10.36
N ALA D 536 -33.42 -31.04 9.04
CA ALA D 536 -33.92 -32.05 8.12
C ALA D 536 -33.31 -33.40 8.45
N TYR D 537 -31.99 -33.43 8.59
CA TYR D 537 -31.30 -34.67 8.90
C TYR D 537 -31.83 -35.35 10.15
N GLN D 538 -31.80 -34.66 11.28
CA GLN D 538 -32.31 -35.30 12.48
C GLN D 538 -33.74 -35.79 12.34
N LEU D 539 -34.60 -35.05 11.63
CA LEU D 539 -35.96 -35.58 11.52
C LEU D 539 -35.97 -36.79 10.62
N ALA D 540 -35.02 -36.84 9.70
CA ALA D 540 -34.91 -37.97 8.78
C ALA D 540 -34.53 -39.18 9.59
N PHE D 541 -33.75 -38.92 10.63
CA PHE D 541 -33.30 -39.96 11.51
C PHE D 541 -34.48 -40.41 12.36
N ARG D 542 -35.33 -39.45 12.71
CA ARG D 542 -36.50 -39.73 13.51
C ARG D 542 -37.46 -40.65 12.77
N TYR D 543 -37.65 -40.41 11.47
CA TYR D 543 -38.54 -41.26 10.69
C TYR D 543 -38.06 -42.69 10.57
N LYS D 544 -36.75 -42.89 10.46
CA LYS D 544 -36.26 -44.26 10.32
C LYS D 544 -36.28 -44.96 11.67
N GLU D 545 -35.86 -44.25 12.72
CA GLU D 545 -35.89 -44.86 14.02
C GLU D 545 -37.32 -45.19 14.42
N ASN D 546 -38.29 -44.56 13.78
CA ASN D 546 -39.70 -44.80 14.00
C ASN D 546 -40.33 -45.51 12.80
N SER D 547 -39.58 -46.42 12.19
CA SER D 547 -40.03 -47.11 10.98
C SER D 547 -41.12 -48.13 11.24
N LYS D 548 -41.61 -48.23 12.47
CA LYS D 548 -42.64 -49.19 12.82
C LYS D 548 -44.03 -48.60 12.93
N VAL D 549 -44.23 -47.55 13.71
CA VAL D 549 -45.57 -46.97 13.86
C VAL D 549 -45.92 -46.13 12.63
N ASP D 550 -44.96 -45.90 11.73
CA ASP D 550 -45.19 -45.16 10.51
C ASP D 550 -44.93 -46.07 9.32
N ASP D 551 -45.78 -45.95 8.32
CA ASP D 551 -45.65 -46.71 7.09
C ASP D 551 -45.22 -45.85 5.92
N LYS D 552 -45.45 -44.54 6.01
CA LYS D 552 -45.07 -43.59 4.99
C LYS D 552 -43.78 -42.90 5.36
N TRP D 553 -43.12 -43.40 6.40
CA TRP D 553 -41.82 -42.91 6.79
C TRP D 553 -40.81 -42.98 5.65
N GLU D 554 -40.87 -44.00 4.80
CA GLU D 554 -39.94 -44.03 3.69
C GLU D 554 -40.29 -42.93 2.69
N LYS D 555 -41.58 -42.63 2.63
CA LYS D 555 -42.09 -41.60 1.76
C LYS D 555 -41.74 -40.25 2.35
N LYS D 556 -41.82 -40.17 3.67
CA LYS D 556 -41.46 -38.92 4.31
C LYS D 556 -40.02 -38.62 4.01
N CYS D 557 -39.18 -39.64 4.09
CA CYS D 557 -37.78 -39.45 3.80
C CYS D 557 -37.59 -38.97 2.35
N GLN D 558 -38.29 -39.59 1.41
CA GLN D 558 -38.13 -39.16 0.03
C GLN D 558 -38.56 -37.72 -0.19
N LYS D 559 -39.67 -37.32 0.42
CA LYS D 559 -40.12 -35.95 0.21
C LYS D 559 -39.17 -34.98 0.86
N ILE D 560 -38.72 -35.29 2.06
CA ILE D 560 -37.82 -34.38 2.71
C ILE D 560 -36.50 -34.30 1.97
N PHE D 561 -36.08 -35.37 1.29
CA PHE D 561 -34.81 -35.23 0.59
C PHE D 561 -35.01 -34.45 -0.67
N SER D 562 -36.23 -34.42 -1.17
CA SER D 562 -36.43 -33.63 -2.35
C SER D 562 -36.50 -32.19 -1.94
N PHE D 563 -36.98 -32.00 -0.70
CA PHE D 563 -37.12 -30.67 -0.15
C PHE D 563 -35.73 -30.12 0.07
N ALA D 564 -34.87 -30.98 0.57
CA ALA D 564 -33.52 -30.53 0.80
C ALA D 564 -32.90 -30.18 -0.53
N HIS D 565 -33.11 -30.99 -1.57
CA HIS D 565 -32.51 -30.64 -2.84
C HIS D 565 -32.91 -29.25 -3.32
N GLN D 566 -34.19 -28.89 -3.22
CA GLN D 566 -34.55 -27.54 -3.69
C GLN D 566 -33.85 -26.53 -2.84
N THR D 567 -34.00 -26.65 -1.52
CA THR D 567 -33.36 -25.71 -0.64
C THR D 567 -31.90 -25.53 -1.00
N ILE D 568 -31.21 -26.63 -1.29
CA ILE D 568 -29.81 -26.51 -1.64
C ILE D 568 -29.66 -25.73 -2.92
N SER D 569 -30.50 -26.07 -3.91
CA SER D 569 -30.41 -25.34 -5.16
C SER D 569 -30.65 -23.86 -4.93
N ALA D 570 -31.41 -23.53 -3.88
CA ALA D 570 -31.65 -22.13 -3.56
C ALA D 570 -30.33 -21.50 -3.20
N LEU D 571 -29.57 -22.19 -2.37
CA LEU D 571 -28.27 -21.72 -1.97
C LEU D 571 -27.35 -21.63 -3.17
N ILE D 572 -27.56 -22.53 -4.13
CA ILE D 572 -26.75 -22.58 -5.33
C ILE D 572 -26.95 -21.35 -6.19
N LYS D 573 -28.20 -20.90 -6.35
CA LYS D 573 -28.41 -19.71 -7.18
C LYS D 573 -27.69 -18.49 -6.62
N ALA D 574 -27.42 -18.47 -5.32
CA ALA D 574 -26.64 -17.37 -4.75
C ALA D 574 -25.21 -17.38 -5.24
N GLU D 575 -24.91 -18.30 -6.15
CA GLU D 575 -23.59 -18.48 -6.73
C GLU D 575 -22.55 -18.74 -5.65
N LEU D 576 -22.76 -19.85 -4.93
CA LEU D 576 -21.83 -20.37 -3.96
C LEU D 576 -21.48 -21.81 -4.29
N ALA D 577 -20.34 -22.28 -3.80
CA ALA D 577 -19.86 -23.61 -4.17
C ALA D 577 -19.71 -24.56 -3.00
N GLU D 578 -18.94 -24.12 -2.01
CA GLU D 578 -18.48 -24.96 -0.91
C GLU D 578 -19.62 -25.62 -0.17
N LEU D 579 -20.48 -24.76 0.37
CA LEU D 579 -21.63 -25.19 1.15
C LEU D 579 -22.50 -26.18 0.39
N PRO D 580 -22.94 -25.91 -0.83
CA PRO D 580 -23.77 -26.92 -1.51
C PRO D 580 -23.05 -28.25 -1.64
N LEU D 581 -21.74 -28.23 -1.86
CA LEU D 581 -20.99 -29.48 -2.00
C LEU D 581 -21.09 -30.29 -0.71
N ARG D 582 -20.87 -29.61 0.39
CA ARG D 582 -20.96 -30.27 1.67
C ARG D 582 -22.39 -30.69 1.98
N LEU D 583 -23.37 -29.89 1.59
CA LEU D 583 -24.75 -30.27 1.89
C LEU D 583 -25.15 -31.50 1.11
N PHE D 584 -24.59 -31.70 -0.09
CA PHE D 584 -24.92 -32.93 -0.80
C PHE D 584 -24.24 -34.09 -0.12
N LEU D 585 -23.03 -33.89 0.37
CA LEU D 585 -22.36 -35.00 1.03
C LEU D 585 -23.15 -35.45 2.25
N GLN D 586 -23.49 -34.51 3.13
CA GLN D 586 -24.27 -34.87 4.31
C GLN D 586 -25.59 -35.53 3.95
N GLY D 587 -26.26 -35.01 2.92
CA GLY D 587 -27.52 -35.62 2.52
C GLY D 587 -27.31 -37.02 2.00
N ALA D 588 -26.25 -37.22 1.22
CA ALA D 588 -25.94 -38.53 0.68
C ALA D 588 -25.73 -39.51 1.80
N LEU D 589 -24.89 -39.13 2.75
CA LEU D 589 -24.61 -40.00 3.88
C LEU D 589 -25.92 -40.37 4.59
N ALA D 590 -26.78 -39.38 4.82
CA ALA D 590 -28.05 -39.65 5.50
C ALA D 590 -28.86 -40.68 4.74
N ALA D 591 -29.07 -40.45 3.43
CA ALA D 591 -29.84 -41.41 2.64
C ALA D 591 -29.18 -42.78 2.64
N GLY D 592 -27.85 -42.81 2.69
CA GLY D 592 -27.13 -44.07 2.69
C GLY D 592 -27.47 -44.85 3.93
N GLU D 593 -27.36 -44.19 5.09
CA GLU D 593 -27.67 -44.85 6.33
C GLU D 593 -29.14 -45.26 6.37
N ILE D 594 -30.02 -44.47 5.77
CA ILE D 594 -31.43 -44.84 5.84
C ILE D 594 -31.70 -46.06 4.94
N GLY D 595 -31.09 -46.09 3.76
CA GLY D 595 -31.17 -47.28 2.92
C GLY D 595 -32.56 -47.66 2.45
N PHE D 596 -33.46 -46.69 2.37
CA PHE D 596 -34.85 -46.90 1.99
C PHE D 596 -35.00 -47.37 0.55
N GLU D 597 -36.23 -47.51 0.10
CA GLU D 597 -36.50 -47.89 -1.28
C GLU D 597 -36.20 -46.69 -2.16
N ASN D 598 -35.51 -46.92 -3.27
CA ASN D 598 -35.16 -45.85 -4.19
C ASN D 598 -34.04 -45.00 -3.60
N HIS D 599 -33.51 -45.44 -2.46
CA HIS D 599 -32.46 -44.68 -1.79
C HIS D 599 -31.19 -44.63 -2.63
N GLU D 600 -30.85 -45.72 -3.31
CA GLU D 600 -29.65 -45.71 -4.13
C GLU D 600 -29.80 -44.70 -5.26
N THR D 601 -30.98 -44.69 -5.88
CA THR D 601 -31.24 -43.76 -6.97
C THR D 601 -31.16 -42.32 -6.49
N VAL D 602 -31.74 -42.05 -5.33
CA VAL D 602 -31.71 -40.69 -4.78
C VAL D 602 -30.28 -40.30 -4.50
N ALA D 603 -29.53 -41.20 -3.86
CA ALA D 603 -28.14 -40.94 -3.54
C ALA D 603 -27.34 -40.70 -4.81
N TYR D 604 -27.66 -41.43 -5.86
CA TYR D 604 -26.93 -41.31 -7.10
C TYR D 604 -27.21 -39.96 -7.72
N GLU D 605 -28.44 -39.49 -7.56
CA GLU D 605 -28.80 -38.18 -8.04
C GLU D 605 -28.06 -37.09 -7.28
N PHE D 606 -28.04 -37.22 -5.96
CA PHE D 606 -27.41 -36.23 -5.11
C PHE D 606 -25.92 -36.19 -5.36
N MET D 607 -25.42 -37.31 -5.80
CA MET D 607 -24.01 -37.46 -6.11
C MET D 607 -23.72 -36.76 -7.40
N SER D 608 -24.54 -36.99 -8.42
CA SER D 608 -24.24 -36.30 -9.66
C SER D 608 -24.33 -34.80 -9.47
N GLN D 609 -25.20 -34.32 -8.56
CA GLN D 609 -25.18 -32.88 -8.35
C GLN D 609 -23.86 -32.48 -7.75
N ALA D 610 -23.36 -33.30 -6.85
CA ALA D 610 -22.08 -32.99 -6.23
C ALA D 610 -20.96 -33.00 -7.26
N PHE D 611 -20.97 -33.97 -8.16
CA PHE D 611 -19.92 -34.00 -9.16
C PHE D 611 -19.97 -32.78 -10.03
N SER D 612 -21.19 -32.37 -10.38
CA SER D 612 -21.37 -31.19 -11.21
C SER D 612 -20.75 -29.99 -10.55
N LEU D 613 -21.06 -29.84 -9.27
CA LEU D 613 -20.51 -28.74 -8.51
C LEU D 613 -19.01 -28.84 -8.50
N TYR D 614 -18.49 -30.05 -8.36
CA TYR D 614 -17.05 -30.21 -8.33
C TYR D 614 -16.38 -29.67 -9.58
N GLU D 615 -16.85 -30.11 -10.73
CA GLU D 615 -16.24 -29.66 -11.99
C GLU D 615 -16.45 -28.16 -12.10
N ASP D 616 -17.71 -27.77 -12.32
CA ASP D 616 -18.04 -26.36 -12.49
C ASP D 616 -17.35 -25.51 -11.43
N GLU D 617 -17.70 -25.72 -10.17
CA GLU D 617 -17.15 -24.92 -9.09
C GLU D 617 -15.83 -25.47 -8.57
N ILE D 618 -14.81 -25.50 -9.42
CA ILE D 618 -13.45 -25.90 -9.05
C ILE D 618 -12.56 -24.68 -9.20
N SER D 619 -11.92 -24.23 -8.12
CA SER D 619 -11.14 -22.98 -8.19
C SER D 619 -9.65 -23.10 -7.91
N ASP D 620 -9.25 -23.60 -6.74
CA ASP D 620 -7.87 -23.41 -6.32
C ASP D 620 -7.18 -24.73 -6.07
N SER D 621 -5.84 -24.75 -6.30
CA SER D 621 -5.09 -25.97 -6.05
C SER D 621 -5.41 -26.48 -4.66
N LYS D 622 -5.35 -25.58 -3.69
CA LYS D 622 -5.67 -25.95 -2.33
C LYS D 622 -7.12 -26.39 -2.28
N ALA D 623 -7.99 -25.59 -2.90
CA ALA D 623 -9.41 -25.93 -2.93
C ALA D 623 -9.63 -27.26 -3.63
N GLN D 624 -8.80 -27.59 -4.62
CA GLN D 624 -8.97 -28.89 -5.26
C GLN D 624 -8.67 -29.99 -4.26
N LEU D 625 -7.47 -29.94 -3.68
CA LEU D 625 -7.11 -30.96 -2.71
C LEU D 625 -8.17 -31.13 -1.63
N ALA D 626 -8.74 -30.01 -1.17
CA ALA D 626 -9.76 -30.11 -0.12
C ALA D 626 -11.03 -30.74 -0.67
N ALA D 627 -11.44 -30.35 -1.87
CA ALA D 627 -12.66 -30.90 -2.41
C ALA D 627 -12.52 -32.37 -2.71
N ILE D 628 -11.35 -32.77 -3.19
CA ILE D 628 -11.18 -34.18 -3.51
C ILE D 628 -11.01 -34.97 -2.25
N THR D 629 -10.45 -34.37 -1.21
CA THR D 629 -10.32 -35.13 0.00
C THR D 629 -11.69 -35.35 0.62
N LEU D 630 -12.59 -34.39 0.42
CA LEU D 630 -13.92 -34.56 0.96
C LEU D 630 -14.70 -35.56 0.13
N ILE D 631 -14.48 -35.55 -1.17
CA ILE D 631 -15.17 -36.47 -2.05
C ILE D 631 -14.74 -37.89 -1.79
N ILE D 632 -13.45 -38.09 -1.60
CA ILE D 632 -12.95 -39.42 -1.34
C ILE D 632 -13.40 -39.91 0.02
N GLY D 633 -13.34 -39.04 1.05
CA GLY D 633 -13.76 -39.50 2.36
C GLY D 633 -15.22 -39.87 2.39
N THR D 634 -16.03 -39.16 1.62
CA THR D 634 -17.45 -39.50 1.61
C THR D 634 -17.67 -40.75 0.78
N PHE D 635 -17.06 -40.78 -0.39
CA PHE D 635 -17.16 -41.90 -1.31
C PHE D 635 -16.65 -43.20 -0.70
N GLU D 636 -15.60 -43.14 0.11
CA GLU D 636 -14.95 -44.37 0.53
C GLU D 636 -15.85 -45.26 1.40
N ARG D 637 -16.67 -44.70 2.27
CA ARG D 637 -17.51 -45.56 3.10
C ARG D 637 -18.88 -45.81 2.50
N MET D 638 -19.23 -45.13 1.42
CA MET D 638 -20.53 -45.36 0.80
C MET D 638 -20.55 -46.76 0.20
N LYS D 639 -21.63 -47.49 0.48
CA LYS D 639 -21.67 -48.91 0.20
C LYS D 639 -23.00 -49.38 -0.39
N CYS D 640 -23.92 -48.47 -0.68
CA CYS D 640 -25.21 -48.88 -1.20
C CYS D 640 -25.19 -49.14 -2.69
N PHE D 641 -24.26 -48.54 -3.42
CA PHE D 641 -24.24 -48.72 -4.86
C PHE D 641 -23.65 -50.05 -5.27
N SER D 642 -24.36 -50.71 -6.18
CA SER D 642 -23.90 -51.94 -6.79
C SER D 642 -23.01 -51.60 -7.97
N GLU D 643 -22.30 -52.62 -8.47
CA GLU D 643 -21.25 -52.38 -9.46
C GLU D 643 -21.76 -51.62 -10.67
N GLU D 644 -23.02 -51.85 -11.06
CA GLU D 644 -23.51 -51.14 -12.23
C GLU D 644 -23.57 -49.63 -11.95
N ASN D 645 -23.74 -49.25 -10.70
CA ASN D 645 -23.77 -47.84 -10.32
C ASN D 645 -22.46 -47.41 -9.70
N HIS D 646 -21.85 -48.32 -8.94
CA HIS D 646 -20.59 -48.03 -8.28
C HIS D 646 -19.47 -47.80 -9.29
N GLU D 647 -19.44 -48.61 -10.34
CA GLU D 647 -18.47 -48.63 -11.41
C GLU D 647 -18.38 -47.40 -12.30
N PRO D 648 -19.51 -46.75 -12.64
CA PRO D 648 -19.43 -45.56 -13.48
C PRO D 648 -18.76 -44.46 -12.71
N LEU D 649 -19.34 -44.21 -11.55
CA LEU D 649 -18.83 -43.19 -10.64
C LEU D 649 -17.38 -43.47 -10.31
N ARG D 650 -17.04 -44.74 -10.09
CA ARG D 650 -15.68 -45.14 -9.79
C ARG D 650 -14.71 -44.70 -10.87
N THR D 651 -14.99 -45.08 -12.10
CA THR D 651 -14.09 -44.69 -13.18
C THR D 651 -14.09 -43.19 -13.38
N GLN D 652 -15.27 -42.57 -13.28
CA GLN D 652 -15.38 -41.13 -13.46
C GLN D 652 -14.54 -40.41 -12.44
N CYS D 653 -14.47 -40.96 -11.24
CA CYS D 653 -13.67 -40.37 -10.18
C CYS D 653 -12.20 -40.58 -10.47
N ALA D 654 -11.84 -41.78 -10.91
CA ALA D 654 -10.45 -42.07 -11.22
C ALA D 654 -9.92 -41.11 -12.27
N LEU D 655 -10.67 -40.93 -13.35
CA LEU D 655 -10.21 -40.02 -14.38
C LEU D 655 -10.14 -38.59 -13.86
N ALA D 656 -11.23 -38.08 -13.28
CA ALA D 656 -11.22 -36.71 -12.79
C ALA D 656 -10.02 -36.45 -11.92
N ALA D 657 -9.69 -37.41 -11.06
CA ALA D 657 -8.56 -37.27 -10.15
C ALA D 657 -7.28 -37.20 -10.95
N SER D 658 -7.11 -38.14 -11.87
CA SER D 658 -5.91 -38.21 -12.67
C SER D 658 -5.73 -37.01 -13.59
N LYS D 659 -6.54 -35.96 -13.44
CA LYS D 659 -6.42 -34.81 -14.31
C LYS D 659 -5.76 -33.60 -13.66
N LEU D 660 -5.21 -33.72 -12.45
CA LEU D 660 -5.04 -32.52 -11.64
C LEU D 660 -3.88 -31.65 -12.11
N LEU D 661 -3.67 -30.54 -11.37
CA LEU D 661 -2.70 -29.52 -11.71
C LEU D 661 -1.26 -29.96 -11.45
N LYS D 662 -0.89 -30.08 -10.18
CA LYS D 662 0.48 -29.97 -9.74
C LYS D 662 1.09 -31.33 -9.47
N LYS D 663 2.28 -31.56 -10.05
CA LYS D 663 2.89 -32.87 -9.93
C LYS D 663 3.11 -33.32 -8.49
N PRO D 664 3.52 -32.44 -7.57
CA PRO D 664 3.70 -32.86 -6.18
C PRO D 664 2.37 -33.39 -5.64
N ASP D 665 1.40 -32.50 -5.73
CA ASP D 665 0.05 -32.81 -5.28
C ASP D 665 -0.47 -34.00 -6.06
N GLN D 666 -0.12 -34.06 -7.34
CA GLN D 666 -0.51 -35.13 -8.24
C GLN D 666 -0.07 -36.48 -7.66
N GLY D 667 1.17 -36.56 -7.21
CA GLY D 667 1.67 -37.79 -6.63
C GLY D 667 0.95 -38.12 -5.35
N ARG D 668 0.69 -37.10 -4.54
CA ARG D 668 -0.01 -37.37 -3.29
C ARG D 668 -1.40 -37.92 -3.56
N ALA D 669 -2.14 -37.25 -4.43
CA ALA D 669 -3.50 -37.69 -4.77
C ALA D 669 -3.50 -39.10 -5.34
N VAL D 670 -2.66 -39.34 -6.35
CA VAL D 670 -2.62 -40.66 -6.97
C VAL D 670 -2.34 -41.73 -5.93
N SER D 671 -1.52 -41.39 -4.95
CA SER D 671 -1.24 -42.38 -3.94
C SER D 671 -2.43 -42.55 -3.02
N THR D 672 -3.15 -41.46 -2.79
CA THR D 672 -4.33 -41.52 -1.96
C THR D 672 -5.39 -42.41 -2.58
N CYS D 673 -5.42 -42.44 -3.91
CA CYS D 673 -6.40 -43.24 -4.62
C CYS D 673 -6.31 -44.74 -4.35
N ALA D 674 -5.18 -45.24 -3.86
CA ALA D 674 -5.09 -46.67 -3.58
C ALA D 674 -6.27 -47.12 -2.74
N HIS D 675 -6.48 -46.44 -1.61
CA HIS D 675 -7.59 -46.74 -0.72
C HIS D 675 -8.89 -46.89 -1.47
N LEU D 676 -9.04 -46.15 -2.57
CA LEU D 676 -10.26 -46.26 -3.35
C LEU D 676 -10.35 -47.63 -3.96
N PHE D 677 -9.21 -48.22 -4.28
CA PHE D 677 -9.24 -49.54 -4.85
C PHE D 677 -9.22 -50.61 -3.79
N TRP D 678 -9.04 -50.23 -2.53
CA TRP D 678 -9.04 -51.23 -1.48
C TRP D 678 -10.29 -51.12 -0.61
N SER D 679 -10.63 -49.91 -0.18
CA SER D 679 -11.85 -49.72 0.56
C SER D 679 -13.07 -49.76 -0.36
N GLY D 680 -12.87 -49.70 -1.67
CA GLY D 680 -13.99 -49.71 -2.58
C GLY D 680 -14.79 -51.01 -2.48
N ARG D 681 -15.91 -50.92 -1.77
CA ARG D 681 -16.75 -52.08 -1.49
C ARG D 681 -18.17 -51.77 -1.94
N ASN D 682 -18.69 -52.57 -2.86
CA ASN D 682 -20.03 -52.43 -3.39
C ASN D 682 -20.85 -53.67 -3.06
N THR D 683 -22.14 -53.60 -3.37
CA THR D 683 -23.11 -54.59 -2.92
C THR D 683 -23.02 -55.92 -3.65
N ASP D 684 -21.95 -56.16 -4.42
CA ASP D 684 -21.88 -57.36 -5.22
C ASP D 684 -21.67 -58.61 -4.40
N LYS D 685 -20.48 -58.80 -3.83
CA LYS D 685 -20.28 -59.96 -2.96
C LYS D 685 -20.67 -59.63 -1.51
N ASN D 686 -21.62 -58.70 -1.40
CA ASN D 686 -22.28 -58.32 -0.16
C ASN D 686 -21.38 -57.47 0.73
N GLY D 687 -20.86 -56.40 0.11
CA GLY D 687 -20.22 -55.34 0.82
C GLY D 687 -18.73 -55.46 1.01
N GLU D 688 -18.16 -56.65 0.87
CA GLU D 688 -16.71 -56.73 1.03
C GLU D 688 -16.05 -56.55 -0.32
N GLU D 689 -14.80 -56.10 -0.31
CA GLU D 689 -14.10 -55.89 -1.56
C GLU D 689 -13.65 -57.23 -2.13
N LEU D 690 -13.65 -57.33 -3.46
CA LEU D 690 -13.27 -58.58 -4.10
C LEU D 690 -11.80 -58.92 -3.85
N HIS D 691 -11.00 -57.90 -3.52
CA HIS D 691 -9.61 -58.03 -3.08
C HIS D 691 -8.72 -58.57 -4.21
N GLY D 692 -8.80 -57.86 -5.33
CA GLY D 692 -7.99 -58.01 -6.51
C GLY D 692 -6.71 -57.19 -6.48
N GLY D 693 -5.73 -57.69 -5.75
CA GLY D 693 -4.39 -57.11 -5.63
C GLY D 693 -3.96 -56.34 -6.86
N LYS D 694 -4.28 -56.90 -8.02
CA LYS D 694 -3.93 -56.31 -9.32
C LYS D 694 -4.33 -54.85 -9.49
N ARG D 695 -5.59 -54.47 -9.19
CA ARG D 695 -5.87 -53.05 -9.45
C ARG D 695 -5.11 -52.21 -8.45
N VAL D 696 -4.87 -52.74 -7.27
CA VAL D 696 -4.11 -51.99 -6.29
C VAL D 696 -2.69 -51.81 -6.81
N MET D 697 -2.19 -52.85 -7.48
CA MET D 697 -0.85 -52.84 -8.03
C MET D 697 -0.75 -51.79 -9.13
N GLU D 698 -1.71 -51.79 -10.03
CA GLU D 698 -1.70 -50.81 -11.12
C GLU D 698 -1.78 -49.39 -10.55
N CYS D 699 -2.56 -49.21 -9.48
CA CYS D 699 -2.69 -47.89 -8.87
C CYS D 699 -1.34 -47.41 -8.35
N LEU D 700 -0.67 -48.28 -7.59
CA LEU D 700 0.62 -47.88 -7.07
C LEU D 700 1.59 -47.73 -8.21
N LYS D 701 1.34 -48.45 -9.30
CA LYS D 701 2.21 -48.35 -10.45
C LYS D 701 2.16 -46.94 -11.00
N LYS D 702 0.96 -46.46 -11.33
CA LYS D 702 0.89 -45.09 -11.83
C LYS D 702 1.50 -44.13 -10.83
N ALA D 703 1.30 -44.39 -9.54
CA ALA D 703 1.89 -43.52 -8.55
C ALA D 703 3.40 -43.52 -8.70
N LEU D 704 3.96 -44.71 -8.90
CA LEU D 704 5.39 -44.86 -9.07
C LEU D 704 5.87 -44.12 -10.28
N LYS D 705 5.16 -44.29 -11.38
CA LYS D 705 5.53 -43.61 -12.61
C LYS D 705 5.61 -42.12 -12.36
N ILE D 706 4.61 -41.57 -11.67
CA ILE D 706 4.62 -40.15 -11.38
C ILE D 706 5.82 -39.80 -10.52
N ALA D 707 6.24 -40.75 -9.68
CA ALA D 707 7.38 -40.47 -8.83
C ALA D 707 8.63 -40.36 -9.67
N ASN D 708 8.81 -41.33 -10.55
CA ASN D 708 9.95 -41.38 -11.43
C ASN D 708 10.05 -40.15 -12.30
N GLN D 709 8.99 -39.34 -12.33
CA GLN D 709 9.00 -38.16 -13.18
C GLN D 709 9.18 -36.86 -12.41
N CYS D 710 8.98 -36.87 -11.09
CA CYS D 710 9.01 -35.62 -10.34
C CYS D 710 10.37 -34.92 -10.35
N MET D 711 11.45 -35.69 -10.23
CA MET D 711 12.83 -35.19 -10.28
C MET D 711 13.02 -33.95 -9.42
N ASP D 712 12.84 -34.14 -8.12
CA ASP D 712 13.23 -33.16 -7.11
C ASP D 712 13.78 -33.91 -5.92
N PRO D 713 15.09 -33.81 -5.69
CA PRO D 713 15.73 -34.57 -4.61
C PRO D 713 14.92 -34.55 -3.34
N SER D 714 14.72 -33.35 -2.81
CA SER D 714 13.99 -33.19 -1.56
C SER D 714 12.62 -33.84 -1.64
N LEU D 715 11.88 -33.52 -2.69
CA LEU D 715 10.56 -34.10 -2.75
C LEU D 715 10.59 -35.53 -3.23
N GLN D 716 11.53 -35.88 -4.10
CA GLN D 716 11.59 -37.26 -4.56
C GLN D 716 11.73 -38.19 -3.36
N VAL D 717 12.73 -37.92 -2.53
CA VAL D 717 12.98 -38.76 -1.38
C VAL D 717 11.79 -38.72 -0.44
N GLN D 718 11.32 -37.51 -0.11
CA GLN D 718 10.19 -37.46 0.79
C GLN D 718 9.04 -38.32 0.29
N LEU D 719 8.83 -38.34 -1.02
CA LEU D 719 7.73 -39.14 -1.53
C LEU D 719 8.03 -40.62 -1.54
N PHE D 720 9.29 -40.99 -1.60
CA PHE D 720 9.54 -42.41 -1.58
C PHE D 720 9.27 -42.92 -0.18
N ILE D 721 9.70 -42.16 0.82
CA ILE D 721 9.46 -42.64 2.17
C ILE D 721 7.95 -42.78 2.42
N GLU D 722 7.13 -41.85 1.92
CA GLU D 722 5.70 -42.09 2.19
C GLU D 722 5.17 -43.30 1.44
N ILE D 723 5.51 -43.42 0.15
CA ILE D 723 5.00 -44.56 -0.58
C ILE D 723 5.52 -45.85 -0.01
N LEU D 724 6.67 -45.81 0.64
CA LEU D 724 7.23 -47.00 1.23
C LEU D 724 6.43 -47.40 2.43
N ASN D 725 6.11 -46.43 3.24
CA ASN D 725 5.32 -46.75 4.40
C ASN D 725 3.99 -47.32 3.95
N ARG D 726 3.47 -46.78 2.86
CA ARG D 726 2.19 -47.23 2.34
C ARG D 726 2.30 -48.68 1.92
N TYR D 727 3.44 -49.02 1.33
CA TYR D 727 3.64 -50.40 0.93
C TYR D 727 3.58 -51.28 2.15
N ILE D 728 4.28 -50.86 3.20
CA ILE D 728 4.29 -51.66 4.42
C ILE D 728 2.87 -51.89 4.92
N TYR D 729 2.04 -50.84 4.91
CA TYR D 729 0.67 -51.03 5.35
C TYR D 729 -0.02 -52.12 4.57
N PHE D 730 0.17 -52.14 3.26
CA PHE D 730 -0.57 -53.19 2.57
C PHE D 730 0.08 -54.56 2.69
N TYR D 731 1.40 -54.63 2.75
CA TYR D 731 2.04 -55.93 2.93
C TYR D 731 1.48 -56.51 4.23
N GLU D 732 1.66 -55.76 5.32
CA GLU D 732 1.17 -56.17 6.63
C GLU D 732 -0.35 -56.22 6.63
N LYS D 733 -0.99 -55.77 5.55
CA LYS D 733 -2.42 -55.82 5.41
C LYS D 733 -2.74 -57.05 4.59
N GLU D 734 -1.70 -57.84 4.35
CA GLU D 734 -1.80 -59.12 3.68
C GLU D 734 -2.29 -58.94 2.26
N ASN D 735 -1.69 -57.98 1.57
CA ASN D 735 -1.78 -57.93 0.12
C ASN D 735 -0.64 -58.79 -0.39
N ASP D 736 -0.93 -60.08 -0.56
CA ASP D 736 -0.02 -61.05 -1.14
C ASP D 736 0.72 -60.47 -2.34
N ALA D 737 0.00 -59.68 -3.14
CA ALA D 737 0.60 -59.08 -4.32
C ALA D 737 1.83 -58.25 -3.95
N VAL D 738 1.84 -57.71 -2.73
CA VAL D 738 2.99 -56.94 -2.29
C VAL D 738 4.11 -57.92 -1.97
N THR D 739 5.01 -58.13 -2.93
CA THR D 739 6.12 -59.02 -2.65
C THR D 739 7.18 -58.29 -1.85
N ILE D 740 7.93 -59.07 -1.07
CA ILE D 740 9.05 -58.50 -0.34
C ILE D 740 10.17 -58.15 -1.30
N GLN D 741 10.22 -58.81 -2.47
CA GLN D 741 11.25 -58.54 -3.46
C GLN D 741 11.15 -57.13 -4.01
N VAL D 742 9.93 -56.66 -4.26
CA VAL D 742 9.77 -55.30 -4.77
C VAL D 742 10.26 -54.32 -3.74
N LEU D 743 9.85 -54.52 -2.50
CA LEU D 743 10.27 -53.63 -1.45
C LEU D 743 11.78 -53.63 -1.33
N ASN D 744 12.43 -54.77 -1.54
CA ASN D 744 13.88 -54.81 -1.42
C ASN D 744 14.55 -54.04 -2.57
N GLN D 745 14.07 -54.24 -3.79
CA GLN D 745 14.69 -53.54 -4.92
C GLN D 745 14.56 -52.03 -4.75
N LEU D 746 13.41 -51.60 -4.27
CA LEU D 746 13.19 -50.17 -4.09
C LEU D 746 13.97 -49.62 -2.90
N ILE D 747 14.08 -50.37 -1.80
CA ILE D 747 14.85 -49.86 -0.67
C ILE D 747 16.28 -49.72 -1.12
N GLN D 748 16.73 -50.63 -1.97
CA GLN D 748 18.10 -50.54 -2.48
C GLN D 748 18.25 -49.23 -3.21
N LYS D 749 17.35 -49.00 -4.15
CA LYS D 749 17.41 -47.76 -4.92
C LYS D 749 17.44 -46.55 -3.99
N ILE D 750 16.62 -46.58 -2.93
CA ILE D 750 16.59 -45.48 -1.98
C ILE D 750 17.88 -45.35 -1.20
N ARG D 751 18.59 -46.45 -1.02
CA ARG D 751 19.86 -46.42 -0.29
C ARG D 751 20.95 -45.80 -1.14
N GLU D 752 20.95 -46.14 -2.43
CA GLU D 752 21.92 -45.70 -3.43
C GLU D 752 21.69 -44.26 -3.83
N ASP D 753 20.73 -43.62 -3.23
CA ASP D 753 20.34 -42.23 -3.48
C ASP D 753 20.34 -41.39 -2.23
N LEU D 754 19.97 -41.97 -1.08
CA LEU D 754 19.94 -41.23 0.17
C LEU D 754 21.22 -40.44 0.48
N PRO D 755 22.42 -40.95 0.24
CA PRO D 755 23.62 -40.16 0.59
C PRO D 755 23.71 -38.83 -0.14
N ASN D 756 23.20 -38.76 -1.36
CA ASN D 756 23.48 -37.65 -2.26
C ASN D 756 22.64 -36.44 -1.90
N LEU D 757 22.84 -35.96 -0.67
CA LEU D 757 22.02 -34.90 -0.12
C LEU D 757 22.87 -33.89 0.60
N GLU D 758 22.41 -32.64 0.62
CA GLU D 758 23.03 -31.63 1.46
C GLU D 758 22.56 -31.81 2.89
N SER D 759 23.02 -30.92 3.76
CA SER D 759 22.47 -30.78 5.10
C SER D 759 21.18 -29.97 5.06
N SER D 760 20.10 -30.54 5.57
CA SER D 760 18.86 -29.82 5.68
C SER D 760 18.06 -30.29 6.89
N GLU D 761 17.13 -29.43 7.29
CA GLU D 761 16.24 -29.70 8.40
C GLU D 761 15.38 -30.92 8.18
N GLU D 762 15.03 -31.20 6.94
CA GLU D 762 14.19 -32.34 6.61
C GLU D 762 14.93 -33.66 6.46
N THR D 763 15.94 -33.71 5.59
CA THR D 763 16.70 -34.94 5.33
C THR D 763 17.00 -35.71 6.62
N GLU D 764 17.17 -34.99 7.70
CA GLU D 764 17.45 -35.62 8.97
C GLU D 764 16.19 -36.29 9.50
N GLN D 765 15.07 -35.60 9.38
CA GLN D 765 13.79 -36.12 9.83
C GLN D 765 13.40 -37.32 9.00
N ILE D 766 13.82 -37.30 7.73
CA ILE D 766 13.52 -38.39 6.82
C ILE D 766 14.34 -39.59 7.19
N ASN D 767 15.43 -39.35 7.87
CA ASN D 767 16.27 -40.43 8.31
C ASN D 767 15.66 -41.00 9.55
N LYS D 768 15.25 -40.13 10.46
CA LYS D 768 14.61 -40.60 11.67
C LYS D 768 13.40 -41.44 11.33
N HIS D 769 12.59 -40.96 10.39
CA HIS D 769 11.39 -41.68 9.99
C HIS D 769 11.78 -43.05 9.46
N PHE D 770 12.73 -43.07 8.54
CA PHE D 770 13.19 -44.31 7.94
C PHE D 770 13.77 -45.27 8.95
N HIS D 771 14.52 -44.76 9.91
CA HIS D 771 15.12 -45.66 10.88
C HIS D 771 14.07 -46.27 11.78
N ASN D 772 13.12 -45.45 12.23
CA ASN D 772 12.03 -45.97 13.04
C ASN D 772 11.27 -47.03 12.27
N THR D 773 11.03 -46.75 11.00
CA THR D 773 10.27 -47.65 10.15
C THR D 773 10.98 -48.99 10.00
N LEU D 774 12.29 -48.99 9.80
CA LEU D 774 12.96 -50.27 9.66
C LEU D 774 13.05 -50.99 10.98
N GLU D 775 13.20 -50.24 12.08
CA GLU D 775 13.31 -50.85 13.40
C GLU D 775 12.02 -51.50 13.85
N HIS D 776 10.85 -50.97 13.45
CA HIS D 776 9.61 -51.57 13.92
C HIS D 776 9.36 -52.98 13.38
N LEU D 777 9.50 -53.18 12.08
CA LEU D 777 8.78 -54.29 11.48
C LEU D 777 9.41 -55.65 11.75
N ARG D 778 10.74 -55.75 11.70
CA ARG D 778 11.53 -56.94 12.01
C ARG D 778 11.50 -58.03 10.94
N LEU D 779 10.71 -57.89 9.88
CA LEU D 779 10.60 -58.92 8.85
C LEU D 779 11.45 -58.63 7.62
N ARG D 780 12.32 -57.62 7.70
CA ARG D 780 13.21 -57.28 6.59
C ARG D 780 14.31 -58.31 6.38
#